data_1BXN
#
_entry.id   1BXN
#
_cell.length_a   112.000
_cell.length_b   112.000
_cell.length_c   402.700
_cell.angle_alpha   90.00
_cell.angle_beta   90.00
_cell.angle_gamma   90.00
#
_symmetry.space_group_name_H-M   'P 43 21 2'
#
loop_
_entity.id
_entity.type
_entity.pdbx_description
1 polymer 'PROTEIN (RIBULOSE BISPHOSPHATE CARBOXYLASE LARGE CHAIN)'
2 polymer 'PROTEIN (RIBULOSE BISPHOSPHATE CARBOXYLASE SMALL CHAIN)'
3 non-polymer 'PHOSPHATE ION'
#
loop_
_entity_poly.entity_id
_entity_poly.type
_entity_poly.pdbx_seq_one_letter_code
_entity_poly.pdbx_strand_id
1 'polypeptide(L)'
;MNAPESVQAKPRKRYDAGVMKYKMGYWDGDYVPKDTDLLALFRITPQDGVDPVEAAAAVAGESSTATWTVVWTDRLTACD
MYRAKAYRVDPVPNNPEQFFCYVAYDLSLFEEGSIANLTASIIGNVFSFKPIKAARLEDMRFPVAYVKTFAGPSTGIIVE
RERLDKFGRPLLGATTKPKLGLSGRNYGRVVYEGLKGGLDFMKDDENINSQPFMHWRDRFLFVMDAVNKASAATGEVKGS
YLNVTAGTMEEMYRRAEFAKSLGSVIIMVDLIVGWTCIQSMSNWCRQNDMILHLHRAGHGTYTRQKNHGVSFRVIAKWLR
LAGVDHMHTGTAVGKLEGDPLTVQGYYNVCRDAYTQTDLTRGLFFDQDWASLRKVMPVASGGIHAGQMHQLIHLFGDDVV
LQFGGGTIGHPQGIQAGATANRVALEAMVLARNEGRDILNEGPEILRDAARWCGPLRAALDTWGDISFNYTPTDTSDFAP
TASVA
;
A,C,E,G
2 'polypeptide(L)'
;MRITQGTFSFLPELTDEQITKQLEYCLNQGWAVGLEYTDDPHPRNTYWEMFGLPMFDLRDAAGILMEINNARNTFPNHYI
RVTAFDSTHTVESVVMSFIVNRPADEPGFRLVRQEEPGRTLRYSIESYAVQAGPEGSRY
;
I,J,K,L
#
# COMPACT_ATOMS: atom_id res chain seq x y z
N TYR A 22 62.28 6.69 -13.27
CA TYR A 22 61.13 6.73 -14.21
C TYR A 22 61.65 6.74 -15.64
N LYS A 23 60.74 6.82 -16.60
CA LYS A 23 61.07 6.84 -18.03
C LYS A 23 61.55 5.52 -18.63
N MET A 24 62.49 4.85 -17.96
CA MET A 24 63.07 3.58 -18.42
C MET A 24 62.15 2.65 -19.22
N GLY A 25 60.87 2.61 -18.86
CA GLY A 25 59.93 1.76 -19.58
C GLY A 25 58.52 2.31 -19.55
N TYR A 26 58.40 3.62 -19.36
CA TYR A 26 57.09 4.26 -19.29
C TYR A 26 56.83 5.20 -20.45
N TRP A 27 57.70 5.14 -21.44
CA TRP A 27 57.53 5.96 -22.62
C TRP A 27 57.86 5.15 -23.86
N ASP A 28 56.98 5.25 -24.85
CA ASP A 28 57.13 4.55 -26.11
C ASP A 28 56.66 5.51 -27.19
N GLY A 29 57.60 6.18 -27.83
CA GLY A 29 57.29 7.14 -28.87
C GLY A 29 56.36 6.68 -29.97
N ASP A 30 56.60 5.46 -30.48
CA ASP A 30 55.76 4.92 -31.55
C ASP A 30 54.79 3.83 -31.09
N TYR A 31 54.23 3.98 -29.89
CA TYR A 31 53.27 3.02 -29.36
C TYR A 31 51.91 3.34 -29.95
N VAL A 32 51.28 2.37 -30.58
CA VAL A 32 49.95 2.58 -31.16
C VAL A 32 48.91 2.12 -30.13
N PRO A 33 48.06 3.03 -29.68
CA PRO A 33 47.02 2.69 -28.70
C PRO A 33 46.05 1.65 -29.27
N LYS A 34 45.68 0.67 -28.45
CA LYS A 34 44.76 -0.38 -28.85
C LYS A 34 43.35 0.12 -28.60
N ASP A 35 42.38 -0.44 -29.31
CA ASP A 35 40.98 -0.05 -29.14
C ASP A 35 40.47 -0.42 -27.75
N THR A 36 41.27 -1.21 -27.03
CA THR A 36 40.93 -1.64 -25.68
C THR A 36 41.93 -1.01 -24.71
N ASP A 37 42.10 0.30 -24.83
CA ASP A 37 43.00 1.06 -23.98
C ASP A 37 42.34 2.33 -23.48
N LEU A 38 42.77 2.78 -22.32
CA LEU A 38 42.27 4.01 -21.72
C LEU A 38 43.25 5.08 -22.13
N LEU A 39 42.75 6.21 -22.57
CA LEU A 39 43.64 7.27 -22.99
C LEU A 39 43.40 8.52 -22.16
N ALA A 40 44.46 9.03 -21.55
CA ALA A 40 44.37 10.22 -20.74
C ALA A 40 45.27 11.29 -21.35
N LEU A 41 44.73 12.48 -21.57
CA LEU A 41 45.51 13.58 -22.13
C LEU A 41 45.69 14.68 -21.10
N PHE A 42 46.92 14.79 -20.59
CA PHE A 42 47.28 15.79 -19.61
C PHE A 42 47.91 17.01 -20.25
N ARG A 43 47.95 18.09 -19.49
CA ARG A 43 48.56 19.35 -19.90
C ARG A 43 49.66 19.55 -18.88
N ILE A 44 50.76 18.84 -19.07
CA ILE A 44 51.91 18.89 -18.19
C ILE A 44 52.75 20.17 -18.31
N THR A 45 52.98 20.80 -17.18
CA THR A 45 53.78 22.02 -17.10
C THR A 45 54.91 21.64 -16.16
N PRO A 46 55.99 21.08 -16.71
CA PRO A 46 57.17 20.65 -15.94
C PRO A 46 57.93 21.83 -15.35
N GLN A 47 58.80 21.55 -14.38
CA GLN A 47 59.59 22.58 -13.74
C GLN A 47 60.68 23.06 -14.69
N ASP A 48 61.06 24.32 -14.56
CA ASP A 48 62.10 24.90 -15.40
C ASP A 48 63.40 24.13 -15.25
N GLY A 49 63.65 23.25 -16.20
CA GLY A 49 64.85 22.43 -16.17
C GLY A 49 64.52 20.95 -16.19
N VAL A 50 63.26 20.62 -16.42
CA VAL A 50 62.83 19.23 -16.47
C VAL A 50 62.36 18.87 -17.88
N ASP A 51 62.80 17.71 -18.34
CA ASP A 51 62.44 17.23 -19.67
C ASP A 51 60.98 16.82 -19.72
N PRO A 52 60.22 17.39 -20.66
CA PRO A 52 58.79 17.07 -20.80
C PRO A 52 58.56 15.57 -21.04
N VAL A 53 59.44 14.95 -21.81
CA VAL A 53 59.33 13.53 -22.10
C VAL A 53 59.42 12.74 -20.81
N GLU A 54 60.46 12.97 -20.02
CA GLU A 54 60.64 12.28 -18.74
C GLU A 54 59.42 12.56 -17.86
N ALA A 55 58.89 13.77 -17.97
CA ALA A 55 57.72 14.16 -17.19
C ALA A 55 56.54 13.28 -17.58
N ALA A 56 56.30 13.14 -18.89
CA ALA A 56 55.20 12.31 -19.38
C ALA A 56 55.38 10.89 -18.83
N ALA A 57 56.59 10.37 -18.94
CA ALA A 57 56.89 9.04 -18.45
C ALA A 57 56.66 8.96 -16.95
N ALA A 58 56.97 10.04 -16.24
CA ALA A 58 56.80 10.10 -14.79
C ALA A 58 55.31 10.06 -14.46
N VAL A 59 54.50 10.65 -15.33
CA VAL A 59 53.04 10.66 -15.15
C VAL A 59 52.58 9.21 -15.17
N ALA A 60 53.02 8.48 -16.19
CA ALA A 60 52.69 7.08 -16.37
C ALA A 60 53.13 6.26 -15.17
N GLY A 61 54.23 6.68 -14.55
CA GLY A 61 54.75 5.98 -13.39
C GLY A 61 54.06 6.31 -12.09
N GLU A 62 53.63 7.56 -11.92
CA GLU A 62 52.98 7.98 -10.70
C GLU A 62 51.47 7.74 -10.65
N SER A 63 51.05 6.65 -11.26
CA SER A 63 49.64 6.27 -11.31
C SER A 63 49.49 4.80 -11.72
N SER A 64 50.44 3.97 -11.30
CA SER A 64 50.41 2.54 -11.64
C SER A 64 51.47 1.73 -10.88
N THR A 65 51.93 0.65 -11.49
CA THR A 65 52.93 -0.25 -10.94
C THR A 65 54.34 0.34 -10.86
N ALA A 66 54.45 1.66 -10.65
CA ALA A 66 55.75 2.28 -10.60
C ALA A 66 56.15 2.90 -9.27
N THR A 67 57.40 3.34 -9.22
CA THR A 67 58.01 3.95 -8.05
C THR A 67 59.25 4.73 -8.52
N TRP A 68 59.86 5.50 -7.61
CA TRP A 68 61.04 6.29 -7.91
C TRP A 68 62.29 5.41 -8.11
N THR A 69 62.33 4.29 -7.41
CA THR A 69 63.46 3.36 -7.49
C THR A 69 62.99 1.99 -8.01
N VAL A 70 63.94 1.08 -8.24
CA VAL A 70 63.62 -0.26 -8.74
C VAL A 70 63.30 -1.24 -7.61
N VAL A 71 62.30 -2.09 -7.83
CA VAL A 71 61.87 -3.08 -6.84
C VAL A 71 61.94 -4.49 -7.43
N TRP A 72 62.46 -5.44 -6.64
CA TRP A 72 62.60 -6.83 -7.10
C TRP A 72 61.31 -7.65 -7.12
N THR A 73 60.36 -7.33 -6.24
CA THR A 73 59.11 -8.06 -6.17
C THR A 73 58.31 -8.02 -7.47
N ASP A 74 58.47 -6.94 -8.23
CA ASP A 74 57.76 -6.79 -9.51
C ASP A 74 58.37 -7.67 -10.61
N ARG A 75 59.45 -8.37 -10.30
CA ARG A 75 60.09 -9.28 -11.25
C ARG A 75 59.08 -10.36 -11.59
N LEU A 76 58.41 -10.86 -10.56
CA LEU A 76 57.37 -11.88 -10.70
C LEU A 76 56.24 -11.24 -11.50
N THR A 77 55.84 -10.05 -11.06
CA THR A 77 54.77 -9.27 -11.69
C THR A 77 54.91 -9.15 -13.20
N ALA A 78 56.10 -8.80 -13.67
CA ALA A 78 56.40 -8.60 -15.09
C ALA A 78 55.76 -7.31 -15.62
N CYS A 79 54.59 -6.97 -15.08
CA CYS A 79 53.86 -5.77 -15.44
C CYS A 79 53.66 -5.56 -16.95
N ASP A 80 54.58 -4.85 -17.58
CA ASP A 80 54.51 -4.55 -19.02
C ASP A 80 53.13 -4.01 -19.40
N MET A 81 52.18 -4.91 -19.66
CA MET A 81 50.82 -4.52 -20.02
C MET A 81 50.19 -3.77 -18.86
N TYR A 82 50.55 -4.19 -17.64
CA TYR A 82 50.03 -3.56 -16.42
C TYR A 82 50.84 -2.33 -16.07
N ARG A 83 51.18 -1.56 -17.10
CA ARG A 83 51.94 -0.32 -16.97
C ARG A 83 51.28 0.71 -17.87
N ALA A 84 51.31 1.97 -17.45
CA ALA A 84 50.73 3.04 -18.25
C ALA A 84 51.85 3.45 -19.20
N LYS A 85 51.63 3.29 -20.49
CA LYS A 85 52.63 3.66 -21.47
C LYS A 85 52.34 5.04 -22.02
N ALA A 86 53.27 5.96 -21.78
CA ALA A 86 53.14 7.31 -22.28
C ALA A 86 53.63 7.30 -23.72
N TYR A 87 52.86 7.90 -24.63
CA TYR A 87 53.26 7.96 -26.02
C TYR A 87 53.39 9.41 -26.52
N ARG A 88 52.33 9.99 -27.08
CA ARG A 88 52.40 11.37 -27.58
C ARG A 88 52.85 12.39 -26.53
N VAL A 89 53.58 13.39 -27.00
CA VAL A 89 54.08 14.50 -26.19
C VAL A 89 54.20 15.62 -27.21
N ASP A 90 53.25 16.55 -27.19
CA ASP A 90 53.26 17.65 -28.15
C ASP A 90 53.39 19.02 -27.49
N PRO A 91 53.92 20.01 -28.22
CA PRO A 91 54.07 21.35 -27.67
C PRO A 91 52.71 22.01 -27.63
N VAL A 92 52.51 22.91 -26.66
CA VAL A 92 51.23 23.60 -26.54
C VAL A 92 51.24 24.90 -27.33
N PRO A 93 50.24 25.09 -28.20
CA PRO A 93 50.10 26.29 -29.04
C PRO A 93 50.05 27.58 -28.22
N ASN A 94 50.89 28.54 -28.61
CA ASN A 94 50.96 29.85 -27.96
C ASN A 94 51.40 29.82 -26.50
N ASN A 95 51.98 28.70 -26.05
CA ASN A 95 52.40 28.59 -24.67
C ASN A 95 53.43 27.50 -24.38
N PRO A 96 54.72 27.83 -24.51
CA PRO A 96 55.79 26.85 -24.25
C PRO A 96 55.81 26.55 -22.76
N GLU A 97 56.71 25.69 -22.34
CA GLU A 97 56.82 25.30 -20.92
C GLU A 97 55.59 24.53 -20.44
N GLN A 98 54.64 24.35 -21.36
CA GLN A 98 53.39 23.64 -21.11
C GLN A 98 53.29 22.63 -22.25
N PHE A 99 52.96 21.38 -21.94
CA PHE A 99 52.89 20.33 -22.96
C PHE A 99 51.76 19.32 -22.77
N PHE A 100 51.18 18.90 -23.90
CA PHE A 100 50.10 17.93 -23.93
C PHE A 100 50.69 16.53 -23.91
N CYS A 101 50.46 15.79 -22.83
CA CYS A 101 50.99 14.44 -22.72
C CYS A 101 49.88 13.41 -22.78
N TYR A 102 50.01 12.45 -23.70
CA TYR A 102 49.03 11.40 -23.88
C TYR A 102 49.54 10.10 -23.26
N VAL A 103 48.75 9.52 -22.36
CA VAL A 103 49.14 8.27 -21.71
C VAL A 103 48.10 7.20 -22.02
N ALA A 104 48.56 5.97 -22.13
CA ALA A 104 47.70 4.84 -22.44
C ALA A 104 47.73 3.83 -21.30
N TYR A 105 46.55 3.45 -20.82
CA TYR A 105 46.42 2.50 -19.71
C TYR A 105 45.68 1.26 -20.22
N ASP A 106 46.16 0.07 -19.89
CA ASP A 106 45.50 -1.14 -20.35
C ASP A 106 44.20 -1.38 -19.63
N LEU A 107 43.20 -1.83 -20.40
CA LEU A 107 41.86 -2.11 -19.89
C LEU A 107 41.83 -2.93 -18.61
N SER A 108 42.69 -3.93 -18.51
CA SER A 108 42.72 -4.78 -17.34
C SER A 108 43.20 -4.13 -16.05
N LEU A 109 43.56 -2.85 -16.13
CA LEU A 109 44.04 -2.12 -14.96
C LEU A 109 42.91 -1.50 -14.16
N PHE A 110 41.71 -1.44 -14.75
CA PHE A 110 40.58 -0.82 -14.09
C PHE A 110 39.48 -1.76 -13.66
N GLU A 111 38.90 -1.47 -12.51
CA GLU A 111 37.80 -2.27 -12.00
C GLU A 111 36.57 -1.88 -12.79
N GLU A 112 35.72 -2.86 -13.08
CA GLU A 112 34.51 -2.64 -13.84
C GLU A 112 33.51 -1.75 -13.08
N GLY A 113 32.82 -0.91 -13.84
CA GLY A 113 31.82 0.00 -13.30
C GLY A 113 32.18 0.72 -12.02
N SER A 114 33.41 1.21 -11.93
CA SER A 114 33.86 1.91 -10.73
C SER A 114 34.59 3.20 -11.07
N ILE A 115 33.87 4.31 -11.02
CA ILE A 115 34.48 5.59 -11.31
C ILE A 115 35.53 5.93 -10.28
N ALA A 116 35.28 5.53 -9.04
CA ALA A 116 36.22 5.78 -7.95
C ALA A 116 37.57 5.17 -8.27
N ASN A 117 37.56 3.95 -8.82
CA ASN A 117 38.79 3.27 -9.17
C ASN A 117 39.41 3.90 -10.41
N LEU A 118 38.54 4.32 -11.33
CA LEU A 118 38.97 4.95 -12.57
C LEU A 118 39.82 6.17 -12.19
N THR A 119 39.16 7.11 -11.52
CA THR A 119 39.79 8.36 -11.07
C THR A 119 41.07 8.06 -10.30
N ALA A 120 41.01 7.11 -9.39
CA ALA A 120 42.17 6.72 -8.58
C ALA A 120 43.35 6.35 -9.44
N SER A 121 43.16 5.36 -10.30
CA SER A 121 44.22 4.87 -11.18
C SER A 121 44.81 5.94 -12.09
N ILE A 122 43.95 6.68 -12.77
CA ILE A 122 44.41 7.73 -13.68
C ILE A 122 45.15 8.87 -12.98
N ILE A 123 44.48 9.53 -12.06
CA ILE A 123 45.08 10.64 -11.34
C ILE A 123 46.31 10.21 -10.53
N GLY A 124 46.17 9.13 -9.76
CA GLY A 124 47.27 8.66 -8.95
C GLY A 124 47.76 9.78 -8.06
N ASN A 125 49.05 10.08 -8.16
CA ASN A 125 49.63 11.17 -7.38
C ASN A 125 50.40 12.10 -8.31
N VAL A 126 50.01 12.08 -9.58
CA VAL A 126 50.65 12.90 -10.60
C VAL A 126 50.48 14.40 -10.35
N PHE A 127 49.35 14.81 -9.79
CA PHE A 127 49.12 16.22 -9.52
C PHE A 127 49.92 16.78 -8.34
N SER A 128 50.50 15.90 -7.52
CA SER A 128 51.29 16.32 -6.34
C SER A 128 52.78 16.02 -6.54
N PHE A 129 53.13 15.55 -7.73
CA PHE A 129 54.53 15.22 -8.06
C PHE A 129 55.22 16.56 -8.36
N LYS A 130 56.12 16.98 -7.46
CA LYS A 130 56.83 18.24 -7.61
C LYS A 130 57.51 18.61 -8.93
N PRO A 131 58.22 17.65 -9.58
CA PRO A 131 58.87 17.98 -10.86
C PRO A 131 57.92 18.60 -11.89
N ILE A 132 56.62 18.58 -11.59
CA ILE A 132 55.62 19.16 -12.47
C ILE A 132 55.05 20.34 -11.71
N LYS A 133 55.23 21.54 -12.27
CA LYS A 133 54.72 22.76 -11.64
C LYS A 133 53.19 22.76 -11.64
N ALA A 134 52.61 22.37 -12.76
CA ALA A 134 51.16 22.31 -12.91
C ALA A 134 50.83 21.17 -13.86
N ALA A 135 49.64 20.60 -13.69
CA ALA A 135 49.20 19.49 -14.53
C ALA A 135 47.71 19.54 -14.55
N ARG A 136 47.11 19.31 -15.71
CA ARG A 136 45.67 19.33 -15.85
C ARG A 136 45.20 18.20 -16.77
N LEU A 137 44.10 17.56 -16.41
CA LEU A 137 43.55 16.47 -17.21
C LEU A 137 42.58 17.12 -18.17
N GLU A 138 42.92 17.13 -19.47
CA GLU A 138 42.06 17.75 -20.48
C GLU A 138 40.98 16.85 -21.08
N ASP A 139 41.28 15.58 -21.31
CA ASP A 139 40.30 14.67 -21.89
C ASP A 139 40.72 13.21 -21.71
N MET A 140 39.79 12.30 -21.98
CA MET A 140 40.02 10.87 -21.86
C MET A 140 39.22 10.12 -22.92
N ARG A 141 39.64 8.88 -23.19
CA ARG A 141 38.97 8.03 -24.17
C ARG A 141 38.64 6.74 -23.45
N PHE A 142 37.38 6.31 -23.55
CA PHE A 142 36.92 5.10 -22.92
C PHE A 142 36.54 4.09 -23.99
N PRO A 143 37.21 2.94 -24.00
CA PRO A 143 36.93 1.89 -24.98
C PRO A 143 35.51 1.40 -24.78
N VAL A 144 34.83 1.03 -25.86
CA VAL A 144 33.47 0.53 -25.78
C VAL A 144 33.41 -0.58 -24.75
N ALA A 145 34.42 -1.44 -24.75
CA ALA A 145 34.49 -2.56 -23.81
C ALA A 145 34.38 -2.09 -22.36
N TYR A 146 34.94 -0.91 -22.08
CA TYR A 146 34.92 -0.34 -20.74
C TYR A 146 33.61 0.39 -20.47
N VAL A 147 33.19 1.20 -21.44
CA VAL A 147 31.95 1.96 -21.30
C VAL A 147 30.81 1.00 -20.95
N LYS A 148 30.81 -0.18 -21.56
CA LYS A 148 29.80 -1.20 -21.33
C LYS A 148 29.71 -1.75 -19.91
N THR A 149 30.69 -1.43 -19.06
CA THR A 149 30.66 -1.92 -17.67
C THR A 149 29.84 -1.00 -16.77
N PHE A 150 29.40 0.13 -17.31
CA PHE A 150 28.61 1.12 -16.57
C PHE A 150 27.21 1.07 -17.14
N ALA A 151 26.21 1.30 -16.29
CA ALA A 151 24.83 1.29 -16.74
C ALA A 151 24.44 2.59 -17.45
N GLY A 152 25.20 3.64 -17.18
CA GLY A 152 24.91 4.93 -17.78
C GLY A 152 23.75 5.56 -17.04
N PRO A 153 23.22 6.69 -17.55
CA PRO A 153 22.10 7.41 -16.95
C PRO A 153 20.94 6.52 -16.53
N SER A 154 20.29 6.89 -15.42
CA SER A 154 19.15 6.14 -14.89
C SER A 154 17.83 6.42 -15.60
N THR A 155 17.84 7.36 -16.55
CA THR A 155 16.65 7.72 -17.31
C THR A 155 17.02 8.17 -18.72
N GLY A 156 17.72 9.30 -18.82
CA GLY A 156 18.12 9.79 -20.12
C GLY A 156 17.09 10.70 -20.76
N ILE A 157 17.55 11.57 -21.65
CA ILE A 157 16.70 12.53 -22.34
C ILE A 157 15.42 11.95 -22.97
N ILE A 158 15.59 11.01 -23.88
CA ILE A 158 14.45 10.39 -24.57
C ILE A 158 13.38 9.91 -23.60
N VAL A 159 13.78 9.05 -22.66
CA VAL A 159 12.86 8.50 -21.67
C VAL A 159 12.23 9.60 -20.80
N GLU A 160 13.05 10.55 -20.36
CA GLU A 160 12.56 11.64 -19.54
C GLU A 160 11.44 12.40 -20.24
N ARG A 161 11.69 12.82 -21.48
CA ARG A 161 10.68 13.56 -22.23
C ARG A 161 9.39 12.78 -22.34
N GLU A 162 9.50 11.46 -22.51
CA GLU A 162 8.33 10.62 -22.61
C GLU A 162 7.57 10.53 -21.29
N ARG A 163 8.26 10.72 -20.17
CA ARG A 163 7.59 10.70 -18.87
C ARG A 163 6.94 12.08 -18.68
N LEU A 164 7.54 13.09 -19.30
CA LEU A 164 7.06 14.47 -19.19
C LEU A 164 6.05 14.93 -20.24
N ASP A 165 6.03 14.27 -21.39
CA ASP A 165 5.13 14.65 -22.49
C ASP A 165 5.51 16.06 -22.94
N LYS A 166 6.81 16.31 -22.95
CA LYS A 166 7.36 17.62 -23.34
C LYS A 166 8.40 17.34 -24.41
N PHE A 167 8.07 17.68 -25.65
CA PHE A 167 8.98 17.43 -26.77
C PHE A 167 9.27 18.65 -27.65
N GLY A 168 10.45 18.65 -28.25
CA GLY A 168 10.84 19.72 -29.15
C GLY A 168 10.96 21.11 -28.55
N ARG A 169 11.49 21.19 -27.33
CA ARG A 169 11.67 22.47 -26.67
C ARG A 169 12.49 22.30 -25.41
N PRO A 170 13.39 23.24 -25.13
CA PRO A 170 14.18 23.12 -23.92
C PRO A 170 13.24 23.18 -22.72
N LEU A 171 13.65 22.64 -21.58
CA LEU A 171 12.79 22.65 -20.41
C LEU A 171 13.01 23.90 -19.57
N LEU A 172 11.97 24.29 -18.84
CA LEU A 172 12.00 25.47 -18.00
C LEU A 172 12.17 25.14 -16.53
N GLY A 173 13.06 25.87 -15.87
CA GLY A 173 13.30 25.64 -14.46
C GLY A 173 13.70 26.90 -13.73
N ALA A 174 13.36 26.97 -12.44
CA ALA A 174 13.71 28.13 -11.61
C ALA A 174 14.19 27.61 -10.27
N THR A 175 14.36 28.50 -9.30
CA THR A 175 14.84 28.11 -7.99
C THR A 175 14.03 28.79 -6.90
N THR A 176 13.69 28.04 -5.85
CA THR A 176 12.93 28.56 -4.73
C THR A 176 13.89 29.47 -3.95
N LYS A 177 14.02 30.71 -4.42
CA LYS A 177 14.92 31.72 -3.86
C LYS A 177 14.85 32.12 -2.37
N PRO A 178 13.65 32.14 -1.77
CA PRO A 178 13.56 32.53 -0.35
C PRO A 178 14.64 31.92 0.55
N LYS A 179 14.91 30.64 0.35
CA LYS A 179 15.90 29.90 1.12
C LYS A 179 15.61 29.95 2.63
N LEU A 180 16.67 29.86 3.44
CA LEU A 180 16.54 29.88 4.90
C LEU A 180 15.95 31.20 5.40
N GLY A 181 14.68 31.12 5.77
CA GLY A 181 13.94 32.28 6.27
C GLY A 181 12.46 32.11 5.98
N LEU A 182 12.11 30.94 5.46
CA LEU A 182 10.73 30.61 5.12
C LEU A 182 10.34 29.27 5.75
N SER A 183 9.03 29.06 5.87
CA SER A 183 8.48 27.84 6.43
C SER A 183 7.99 27.00 5.25
N GLY A 184 7.80 25.71 5.49
CA GLY A 184 7.34 24.81 4.43
C GLY A 184 6.13 25.29 3.64
N ARG A 185 5.14 25.84 4.33
CA ARG A 185 3.92 26.33 3.70
C ARG A 185 4.27 27.38 2.66
N ASN A 186 4.99 28.42 3.10
CA ASN A 186 5.37 29.52 2.22
C ASN A 186 6.33 29.09 1.12
N TYR A 187 7.22 28.16 1.45
CA TYR A 187 8.18 27.65 0.49
C TYR A 187 7.44 26.91 -0.61
N GLY A 188 6.54 26.00 -0.23
CA GLY A 188 5.78 25.26 -1.21
C GLY A 188 5.00 26.19 -2.12
N ARG A 189 4.53 27.30 -1.57
CA ARG A 189 3.79 28.26 -2.38
C ARG A 189 4.69 28.76 -3.48
N VAL A 190 5.89 29.18 -3.13
CA VAL A 190 6.85 29.69 -4.10
C VAL A 190 6.97 28.69 -5.24
N VAL A 191 6.92 27.41 -4.91
CA VAL A 191 7.01 26.36 -5.90
C VAL A 191 5.72 26.30 -6.75
N TYR A 192 4.56 26.37 -6.10
CA TYR A 192 3.29 26.32 -6.82
C TYR A 192 3.19 27.43 -7.85
N GLU A 193 3.49 28.66 -7.43
CA GLU A 193 3.43 29.82 -8.31
C GLU A 193 4.32 29.62 -9.54
N GLY A 194 5.57 29.26 -9.31
CA GLY A 194 6.51 29.06 -10.39
C GLY A 194 6.08 28.01 -11.41
N LEU A 195 5.78 26.82 -10.93
CA LEU A 195 5.37 25.75 -11.83
C LEU A 195 4.11 26.10 -12.61
N LYS A 196 3.09 26.62 -11.92
CA LYS A 196 1.83 26.97 -12.58
C LYS A 196 2.06 28.00 -13.68
N GLY A 197 2.95 28.95 -13.43
CA GLY A 197 3.25 29.98 -14.41
C GLY A 197 3.94 29.48 -15.67
N GLY A 198 4.21 28.18 -15.74
CA GLY A 198 4.85 27.65 -16.93
C GLY A 198 6.17 26.94 -16.72
N LEU A 199 6.75 27.06 -15.53
CA LEU A 199 8.02 26.38 -15.27
C LEU A 199 7.77 24.89 -15.27
N ASP A 200 8.71 24.13 -15.82
CA ASP A 200 8.59 22.69 -15.87
C ASP A 200 9.14 22.07 -14.60
N PHE A 201 10.09 22.77 -13.98
CA PHE A 201 10.75 22.32 -12.77
C PHE A 201 11.08 23.46 -11.80
N MET A 202 11.22 23.10 -10.52
CA MET A 202 11.58 24.04 -9.47
C MET A 202 12.70 23.37 -8.67
N LYS A 203 13.71 24.15 -8.31
CA LYS A 203 14.87 23.64 -7.59
C LYS A 203 14.94 24.10 -6.15
N ASP A 204 15.34 23.21 -5.24
CA ASP A 204 15.49 23.56 -3.83
C ASP A 204 16.65 24.54 -3.80
N ASP A 205 16.56 25.57 -2.97
CA ASP A 205 17.62 26.58 -2.93
C ASP A 205 19.02 26.03 -2.73
N GLU A 206 19.94 26.53 -3.56
CA GLU A 206 21.35 26.14 -3.60
C GLU A 206 22.00 25.37 -2.45
N ASN A 207 21.72 25.75 -1.20
CA ASN A 207 22.36 25.07 -0.08
C ASN A 207 21.48 24.55 1.06
N ILE A 208 20.16 24.48 0.84
CA ILE A 208 19.28 23.99 1.89
C ILE A 208 19.03 22.49 1.80
N ASN A 209 19.63 21.73 2.73
CA ASN A 209 19.45 20.29 2.79
C ASN A 209 18.38 19.99 3.83
N SER A 210 18.64 20.42 5.06
CA SER A 210 17.72 20.24 6.18
C SER A 210 18.35 20.89 7.41
N GLN A 211 18.43 22.22 7.37
CA GLN A 211 19.01 23.01 8.45
C GLN A 211 18.05 23.19 9.65
N PRO A 212 18.58 23.62 10.81
CA PRO A 212 17.82 23.85 12.04
C PRO A 212 16.79 24.98 11.95
N PHE A 213 15.71 24.75 11.22
CA PHE A 213 14.66 25.74 11.05
C PHE A 213 13.50 25.12 10.29
N MET A 214 13.82 24.44 9.18
CA MET A 214 12.82 23.76 8.36
C MET A 214 13.33 22.36 8.06
N HIS A 215 12.58 21.36 8.53
CA HIS A 215 12.93 19.96 8.33
C HIS A 215 12.60 19.48 6.93
N TRP A 216 13.55 18.80 6.31
CA TRP A 216 13.37 18.28 4.95
C TRP A 216 12.05 17.57 4.70
N ARG A 217 11.55 16.80 5.67
CA ARG A 217 10.28 16.10 5.50
C ARG A 217 9.15 17.08 5.25
N ASP A 218 9.00 18.03 6.16
CA ASP A 218 7.96 19.06 6.06
C ASP A 218 8.03 19.76 4.71
N ARG A 219 9.24 20.12 4.30
CA ARG A 219 9.45 20.79 3.03
C ARG A 219 8.98 19.89 1.87
N PHE A 220 9.35 18.61 1.91
CA PHE A 220 8.97 17.65 0.89
C PHE A 220 7.46 17.53 0.79
N LEU A 221 6.79 17.44 1.94
CA LEU A 221 5.35 17.34 1.96
C LEU A 221 4.73 18.52 1.23
N PHE A 222 5.07 19.73 1.66
CA PHE A 222 4.54 20.93 1.04
C PHE A 222 4.90 21.10 -0.43
N VAL A 223 6.17 20.90 -0.75
CA VAL A 223 6.62 21.02 -2.14
C VAL A 223 5.82 20.07 -3.02
N MET A 224 5.69 18.81 -2.60
CA MET A 224 4.93 17.84 -3.38
C MET A 224 3.46 18.22 -3.50
N ASP A 225 2.93 18.91 -2.49
CA ASP A 225 1.55 19.35 -2.54
C ASP A 225 1.48 20.40 -3.64
N ALA A 226 2.48 21.27 -3.68
CA ALA A 226 2.55 22.33 -4.67
C ALA A 226 2.65 21.76 -6.08
N VAL A 227 3.59 20.83 -6.28
CA VAL A 227 3.79 20.19 -7.57
C VAL A 227 2.49 19.58 -8.07
N ASN A 228 1.78 18.87 -7.19
CA ASN A 228 0.52 18.25 -7.57
C ASN A 228 -0.52 19.29 -7.91
N LYS A 229 -0.65 20.29 -7.05
CA LYS A 229 -1.60 21.38 -7.24
C LYS A 229 -1.33 22.05 -8.60
N ALA A 230 -0.05 22.21 -8.93
CA ALA A 230 0.37 22.82 -10.20
C ALA A 230 -0.03 21.97 -11.39
N SER A 231 0.22 20.67 -11.30
CA SER A 231 -0.13 19.75 -12.38
C SER A 231 -1.61 19.85 -12.72
N ALA A 232 -2.46 19.87 -11.70
CA ALA A 232 -3.90 19.94 -11.89
C ALA A 232 -4.40 21.30 -12.40
N ALA A 233 -3.53 22.31 -12.41
CA ALA A 233 -3.91 23.64 -12.86
C ALA A 233 -3.40 23.95 -14.26
N THR A 234 -2.41 23.19 -14.70
CA THR A 234 -1.80 23.37 -16.01
C THR A 234 -2.14 22.21 -16.96
N GLY A 235 -2.28 21.01 -16.39
CA GLY A 235 -2.60 19.84 -17.19
C GLY A 235 -1.38 19.18 -17.80
N GLU A 236 -0.24 19.32 -17.13
CA GLU A 236 1.00 18.72 -17.61
C GLU A 236 1.80 18.19 -16.43
N VAL A 237 2.79 17.34 -16.71
CA VAL A 237 3.62 16.76 -15.66
C VAL A 237 4.54 17.82 -15.05
N LYS A 238 4.52 17.94 -13.73
CA LYS A 238 5.35 18.92 -13.04
C LYS A 238 6.30 18.24 -12.05
N GLY A 239 7.33 18.96 -11.62
CA GLY A 239 8.27 18.39 -10.67
C GLY A 239 9.15 19.42 -9.99
N SER A 240 9.85 18.98 -8.95
CA SER A 240 10.73 19.83 -8.18
C SER A 240 11.93 18.97 -7.76
N TYR A 241 13.13 19.43 -8.05
CA TYR A 241 14.34 18.69 -7.71
C TYR A 241 14.49 18.66 -6.20
N LEU A 242 13.82 17.73 -5.54
CA LEU A 242 13.92 17.63 -4.09
C LEU A 242 15.35 17.25 -3.74
N ASN A 243 16.07 18.16 -3.09
CA ASN A 243 17.45 17.86 -2.73
C ASN A 243 17.46 16.75 -1.71
N VAL A 244 18.16 15.69 -2.06
CA VAL A 244 18.27 14.52 -1.23
C VAL A 244 19.68 14.44 -0.60
N THR A 245 20.54 15.38 -0.95
CA THR A 245 21.92 15.42 -0.44
C THR A 245 21.94 15.40 1.09
N ALA A 246 22.80 14.56 1.66
CA ALA A 246 22.92 14.42 3.11
C ALA A 246 24.33 13.96 3.50
N GLY A 247 24.60 13.93 4.80
CA GLY A 247 25.91 13.54 5.31
C GLY A 247 26.33 12.09 5.19
N THR A 248 25.37 11.17 5.17
CA THR A 248 25.68 9.76 5.05
C THR A 248 24.73 9.12 4.04
N MET A 249 25.10 7.97 3.51
CA MET A 249 24.27 7.27 2.53
C MET A 249 22.93 6.88 3.10
N GLU A 250 22.92 6.60 4.40
CA GLU A 250 21.70 6.21 5.10
C GLU A 250 20.66 7.33 5.08
N GLU A 251 21.07 8.57 5.30
CA GLU A 251 20.15 9.71 5.27
C GLU A 251 19.70 9.95 3.83
N MET A 252 20.67 9.96 2.94
CA MET A 252 20.44 10.19 1.52
C MET A 252 19.37 9.24 1.00
N TYR A 253 19.54 7.94 1.25
CA TYR A 253 18.55 6.95 0.81
C TYR A 253 17.22 7.17 1.53
N ARG A 254 17.30 7.60 2.78
CA ARG A 254 16.11 7.87 3.60
C ARG A 254 15.27 8.98 2.98
N ARG A 255 15.94 10.02 2.48
CA ARG A 255 15.26 11.14 1.86
C ARG A 255 14.82 10.75 0.45
N ALA A 256 15.61 9.91 -0.21
CA ALA A 256 15.28 9.47 -1.56
C ALA A 256 13.98 8.68 -1.51
N GLU A 257 13.89 7.80 -0.53
CA GLU A 257 12.72 6.97 -0.35
C GLU A 257 11.49 7.78 -0.01
N PHE A 258 11.66 8.82 0.79
CA PHE A 258 10.52 9.65 1.14
C PHE A 258 10.07 10.40 -0.09
N ALA A 259 11.03 10.94 -0.83
CA ALA A 259 10.73 11.66 -2.05
C ALA A 259 9.93 10.73 -2.95
N LYS A 260 10.44 9.52 -3.14
CA LYS A 260 9.76 8.54 -3.97
C LYS A 260 8.33 8.29 -3.50
N SER A 261 8.16 8.05 -2.19
CA SER A 261 6.85 7.77 -1.63
C SER A 261 5.85 8.86 -1.92
N LEU A 262 6.29 10.11 -1.89
CA LEU A 262 5.40 11.23 -2.19
C LEU A 262 5.04 11.29 -3.68
N GLY A 263 5.75 10.51 -4.50
CA GLY A 263 5.49 10.47 -5.93
C GLY A 263 6.26 11.44 -6.81
N SER A 264 7.42 11.89 -6.37
CA SER A 264 8.21 12.84 -7.14
C SER A 264 8.89 12.18 -8.34
N VAL A 265 8.77 12.85 -9.48
CA VAL A 265 9.35 12.35 -10.71
C VAL A 265 10.85 12.59 -10.78
N ILE A 266 11.35 13.51 -9.94
CA ILE A 266 12.76 13.85 -9.97
C ILE A 266 13.38 14.06 -8.59
N ILE A 267 14.70 13.89 -8.51
CA ILE A 267 15.42 14.04 -7.27
C ILE A 267 16.69 14.85 -7.58
N MET A 268 17.34 15.38 -6.55
CA MET A 268 18.55 16.17 -6.75
C MET A 268 19.64 15.78 -5.78
N VAL A 269 20.87 15.68 -6.28
CA VAL A 269 22.03 15.32 -5.47
C VAL A 269 23.16 16.29 -5.78
N ASP A 270 23.97 16.61 -4.77
CA ASP A 270 25.10 17.50 -4.95
C ASP A 270 26.36 16.72 -5.27
N LEU A 271 27.12 17.21 -6.24
CA LEU A 271 28.36 16.55 -6.67
C LEU A 271 29.29 16.18 -5.51
N ILE A 272 29.43 17.09 -4.56
CA ILE A 272 30.32 16.92 -3.40
C ILE A 272 30.17 15.60 -2.63
N VAL A 273 29.01 14.97 -2.77
CA VAL A 273 28.71 13.72 -2.12
C VAL A 273 29.74 12.63 -2.43
N GLY A 274 30.27 12.64 -3.65
CA GLY A 274 31.26 11.64 -4.02
C GLY A 274 30.83 10.69 -5.12
N TRP A 275 31.79 10.28 -5.93
CA TRP A 275 31.54 9.37 -7.05
C TRP A 275 30.81 8.11 -6.66
N THR A 276 31.24 7.52 -5.55
CA THR A 276 30.61 6.30 -5.08
C THR A 276 29.17 6.50 -4.61
N CYS A 277 28.88 7.62 -3.97
CA CYS A 277 27.51 7.87 -3.53
C CYS A 277 26.60 8.06 -4.73
N ILE A 278 27.08 8.81 -5.71
CA ILE A 278 26.33 9.09 -6.92
C ILE A 278 26.00 7.79 -7.65
N GLN A 279 26.97 6.89 -7.74
CA GLN A 279 26.73 5.62 -8.42
C GLN A 279 25.63 4.84 -7.71
N SER A 280 25.64 4.86 -6.39
CA SER A 280 24.62 4.17 -5.63
C SER A 280 23.26 4.82 -5.86
N MET A 281 23.24 6.15 -5.88
CA MET A 281 22.00 6.88 -6.09
C MET A 281 21.44 6.65 -7.49
N SER A 282 22.35 6.57 -8.47
CA SER A 282 21.96 6.33 -9.85
C SER A 282 21.31 4.96 -9.95
N ASN A 283 21.95 3.95 -9.35
CA ASN A 283 21.43 2.59 -9.35
C ASN A 283 20.06 2.60 -8.72
N TRP A 284 19.93 3.30 -7.60
CA TRP A 284 18.67 3.41 -6.89
C TRP A 284 17.59 4.01 -7.80
N CYS A 285 17.87 5.17 -8.39
CA CYS A 285 16.91 5.82 -9.26
C CYS A 285 16.37 4.93 -10.38
N ARG A 286 17.26 4.17 -11.02
CA ARG A 286 16.87 3.28 -12.11
C ARG A 286 15.82 2.30 -11.60
N GLN A 287 16.13 1.69 -10.46
CA GLN A 287 15.26 0.69 -9.84
C GLN A 287 14.06 1.28 -9.12
N ASN A 288 13.91 2.59 -9.16
CA ASN A 288 12.78 3.24 -8.53
C ASN A 288 12.12 4.25 -9.47
N ASP A 289 12.53 4.24 -10.73
CA ASP A 289 12.00 5.12 -11.77
C ASP A 289 12.08 6.61 -11.42
N MET A 290 13.28 7.07 -11.08
CA MET A 290 13.49 8.46 -10.71
C MET A 290 14.49 9.11 -11.63
N ILE A 291 14.35 10.42 -11.82
CA ILE A 291 15.28 11.17 -12.64
C ILE A 291 16.29 11.73 -11.64
N LEU A 292 17.58 11.56 -11.92
CA LEU A 292 18.62 12.04 -11.00
C LEU A 292 19.26 13.34 -11.47
N HIS A 293 18.91 14.43 -10.82
CA HIS A 293 19.47 15.74 -11.15
C HIS A 293 20.74 15.98 -10.35
N LEU A 294 21.83 16.24 -11.05
CA LEU A 294 23.10 16.49 -10.40
C LEU A 294 23.43 17.96 -10.38
N HIS A 295 23.70 18.48 -9.18
CA HIS A 295 24.06 19.88 -8.98
C HIS A 295 25.58 19.90 -8.79
N ARG A 296 26.30 20.44 -9.77
CA ARG A 296 27.76 20.48 -9.74
C ARG A 296 28.43 21.45 -8.76
N ALA A 297 27.83 21.63 -7.59
CA ALA A 297 28.38 22.55 -6.59
C ALA A 297 29.79 22.16 -6.16
N GLY A 298 30.70 23.14 -6.19
CA GLY A 298 32.08 22.90 -5.77
C GLY A 298 33.09 22.50 -6.82
N HIS A 299 32.63 22.19 -8.04
CA HIS A 299 33.54 21.77 -9.11
C HIS A 299 34.65 22.78 -9.40
N GLY A 300 34.32 24.08 -9.32
CA GLY A 300 35.28 25.13 -9.59
C GLY A 300 36.65 25.00 -8.93
N THR A 301 36.73 24.29 -7.82
CA THR A 301 38.00 24.13 -7.12
C THR A 301 39.09 23.54 -8.01
N TYR A 302 38.69 22.76 -9.02
CA TYR A 302 39.65 22.14 -9.95
C TYR A 302 39.33 22.33 -11.44
N THR A 303 38.10 22.70 -11.75
CA THR A 303 37.69 22.91 -13.15
C THR A 303 37.79 24.36 -13.64
N ARG A 304 38.42 25.22 -12.85
CA ARG A 304 38.54 26.63 -13.21
C ARG A 304 39.85 27.01 -13.91
N GLN A 305 40.97 26.72 -13.28
CA GLN A 305 42.27 27.07 -13.85
C GLN A 305 42.77 26.14 -14.96
N LYS A 306 42.90 26.71 -16.16
CA LYS A 306 43.38 25.97 -17.32
C LYS A 306 44.90 25.80 -17.30
N ASN A 307 45.38 25.01 -16.36
CA ASN A 307 46.80 24.73 -16.19
C ASN A 307 47.00 23.71 -15.06
N HIS A 308 45.96 23.54 -14.23
CA HIS A 308 45.99 22.58 -13.14
C HIS A 308 44.56 22.20 -12.78
N GLY A 309 44.33 20.92 -12.57
CA GLY A 309 43.01 20.44 -12.22
C GLY A 309 42.51 19.39 -13.18
N VAL A 310 41.20 19.35 -13.38
CA VAL A 310 40.56 18.39 -14.27
C VAL A 310 39.49 19.16 -15.04
N SER A 311 39.54 19.12 -16.37
CA SER A 311 38.55 19.83 -17.17
C SER A 311 37.17 19.25 -16.94
N PHE A 312 36.19 20.14 -16.85
CA PHE A 312 34.84 19.69 -16.62
C PHE A 312 34.34 18.67 -17.63
N ARG A 313 34.83 18.71 -18.87
CA ARG A 313 34.38 17.75 -19.88
C ARG A 313 34.65 16.31 -19.43
N VAL A 314 35.76 16.13 -18.72
CA VAL A 314 36.11 14.82 -18.21
C VAL A 314 35.13 14.48 -17.10
N ILE A 315 34.95 15.41 -16.17
CA ILE A 315 34.01 15.24 -15.06
C ILE A 315 32.64 14.88 -15.66
N ALA A 316 32.30 15.51 -16.78
CA ALA A 316 31.03 15.26 -17.46
C ALA A 316 30.96 13.83 -18.00
N LYS A 317 32.06 13.34 -18.55
CA LYS A 317 32.09 11.97 -19.07
C LYS A 317 31.86 11.00 -17.93
N TRP A 318 32.61 11.18 -16.85
CA TRP A 318 32.49 10.34 -15.66
C TRP A 318 31.05 10.35 -15.17
N LEU A 319 30.47 11.53 -15.00
CA LEU A 319 29.10 11.65 -14.53
C LEU A 319 28.11 10.89 -15.41
N ARG A 320 28.38 10.86 -16.71
CA ARG A 320 27.48 10.16 -17.61
C ARG A 320 27.61 8.66 -17.34
N LEU A 321 28.85 8.21 -17.20
CA LEU A 321 29.11 6.81 -16.92
C LEU A 321 28.45 6.45 -15.59
N ALA A 322 28.53 7.36 -14.62
CA ALA A 322 27.94 7.17 -13.29
C ALA A 322 26.43 6.97 -13.38
N GLY A 323 25.77 7.68 -14.28
CA GLY A 323 24.34 7.52 -14.41
C GLY A 323 23.48 8.71 -14.04
N VAL A 324 24.04 9.91 -14.12
CA VAL A 324 23.31 11.12 -13.81
C VAL A 324 22.32 11.45 -14.94
N ASP A 325 21.18 12.04 -14.62
CA ASP A 325 20.20 12.39 -15.66
C ASP A 325 20.21 13.85 -16.11
N HIS A 326 20.48 14.77 -15.18
CA HIS A 326 20.56 16.19 -15.50
C HIS A 326 21.93 16.58 -15.03
N MET A 327 22.61 17.44 -15.77
CA MET A 327 23.94 17.86 -15.37
C MET A 327 24.16 19.32 -15.72
N HIS A 328 24.59 20.11 -14.74
CA HIS A 328 24.84 21.52 -14.99
C HIS A 328 26.07 21.59 -15.89
N THR A 329 25.88 22.11 -17.09
CA THR A 329 26.95 22.20 -18.07
C THR A 329 27.51 23.61 -18.28
N GLY A 330 26.63 24.61 -18.31
CA GLY A 330 27.10 25.96 -18.49
C GLY A 330 26.19 26.87 -19.29
N THR A 331 26.30 28.16 -19.02
CA THR A 331 25.50 29.18 -19.70
C THR A 331 26.10 29.54 -21.06
N ALA A 332 27.43 29.51 -21.14
CA ALA A 332 28.16 29.82 -22.37
C ALA A 332 27.90 31.21 -22.93
N VAL A 333 28.78 32.14 -22.60
CA VAL A 333 28.70 33.54 -23.03
C VAL A 333 27.53 34.34 -22.44
N GLY A 334 26.36 33.72 -22.36
CA GLY A 334 25.19 34.38 -21.79
C GLY A 334 25.49 34.97 -20.42
N LYS A 335 26.42 34.34 -19.70
CA LYS A 335 26.82 34.79 -18.38
C LYS A 335 28.25 34.35 -18.11
N LEU A 336 28.84 34.92 -17.05
CA LEU A 336 30.19 34.61 -16.64
C LEU A 336 30.29 33.14 -16.18
N GLU A 337 30.83 32.30 -17.05
CA GLU A 337 30.99 30.88 -16.77
C GLU A 337 32.15 30.31 -17.59
N GLY A 338 31.98 30.30 -18.91
CA GLY A 338 33.01 29.77 -19.79
C GLY A 338 32.81 30.06 -21.28
N ASP A 339 33.77 29.63 -22.08
CA ASP A 339 33.79 29.81 -23.54
C ASP A 339 32.71 28.97 -24.24
N PRO A 340 31.92 29.59 -25.14
CA PRO A 340 30.84 28.95 -25.90
C PRO A 340 31.17 27.57 -26.48
N LEU A 341 32.21 27.51 -27.30
CA LEU A 341 32.63 26.26 -27.91
C LEU A 341 32.96 25.21 -26.86
N THR A 342 33.78 25.60 -25.88
CA THR A 342 34.18 24.70 -24.81
C THR A 342 32.95 24.17 -24.09
N VAL A 343 31.97 25.04 -23.89
CA VAL A 343 30.73 24.67 -23.23
C VAL A 343 30.00 23.67 -24.12
N GLN A 344 30.06 23.87 -25.43
CA GLN A 344 29.43 22.96 -26.37
C GLN A 344 30.13 21.60 -26.30
N GLY A 345 31.41 21.61 -25.96
CA GLY A 345 32.15 20.37 -25.82
C GLY A 345 31.49 19.59 -24.70
N TYR A 346 31.25 20.29 -23.59
CA TYR A 346 30.61 19.72 -22.42
C TYR A 346 29.23 19.19 -22.82
N TYR A 347 28.44 20.03 -23.49
CA TYR A 347 27.10 19.65 -23.94
C TYR A 347 27.15 18.39 -24.82
N ASN A 348 28.19 18.30 -25.65
CA ASN A 348 28.36 17.15 -26.54
C ASN A 348 28.58 15.89 -25.72
N VAL A 349 29.46 15.97 -24.72
CA VAL A 349 29.75 14.83 -23.85
C VAL A 349 28.45 14.28 -23.27
N CYS A 350 27.49 15.16 -22.97
CA CYS A 350 26.21 14.75 -22.41
C CYS A 350 25.20 14.22 -23.41
N ARG A 351 25.12 14.82 -24.59
CA ARG A 351 24.12 14.41 -25.60
C ARG A 351 24.57 13.62 -26.83
N ASP A 352 25.86 13.38 -26.96
CA ASP A 352 26.35 12.65 -28.12
C ASP A 352 26.17 11.14 -28.02
N ALA A 353 25.85 10.52 -29.16
CA ALA A 353 25.71 9.07 -29.22
C ALA A 353 27.13 8.58 -29.49
N TYR A 354 27.89 9.41 -30.20
CA TYR A 354 29.29 9.15 -30.55
C TYR A 354 29.95 10.51 -30.65
N THR A 355 30.74 10.86 -29.64
CA THR A 355 31.44 12.15 -29.62
C THR A 355 32.65 12.15 -30.55
N GLN A 356 32.63 13.03 -31.54
CA GLN A 356 33.73 13.13 -32.49
C GLN A 356 34.75 14.18 -32.05
N THR A 357 36.02 13.88 -32.27
CA THR A 357 37.13 14.75 -31.91
C THR A 357 36.90 16.14 -32.49
N ASP A 358 37.09 17.15 -31.65
CA ASP A 358 36.90 18.54 -32.06
C ASP A 358 37.79 19.42 -31.20
N LEU A 359 39.00 19.69 -31.68
CA LEU A 359 39.97 20.51 -30.95
C LEU A 359 39.47 21.91 -30.58
N THR A 360 38.56 22.47 -31.36
CA THR A 360 38.05 23.80 -31.05
C THR A 360 37.16 23.77 -29.82
N ARG A 361 36.39 22.70 -29.69
CA ARG A 361 35.51 22.55 -28.53
C ARG A 361 36.22 21.78 -27.42
N GLY A 362 37.55 21.69 -27.52
CA GLY A 362 38.35 20.98 -26.52
C GLY A 362 38.27 19.47 -26.53
N LEU A 363 37.57 18.90 -27.50
CA LEU A 363 37.41 17.45 -27.60
C LEU A 363 38.61 16.84 -28.29
N PHE A 364 39.48 16.21 -27.51
CA PHE A 364 40.70 15.60 -28.02
C PHE A 364 40.57 14.14 -28.50
N PHE A 365 39.54 13.43 -28.03
CA PHE A 365 39.35 12.05 -28.41
C PHE A 365 37.96 11.75 -28.95
N ASP A 366 37.86 10.69 -29.75
CA ASP A 366 36.59 10.25 -30.28
C ASP A 366 36.07 9.32 -29.20
N GLN A 367 34.87 9.59 -28.70
CA GLN A 367 34.29 8.76 -27.66
C GLN A 367 33.01 8.10 -28.10
N ASP A 368 33.02 6.77 -28.18
CA ASP A 368 31.83 6.00 -28.56
C ASP A 368 31.14 5.71 -27.24
N TRP A 369 29.90 6.18 -27.10
CA TRP A 369 29.14 5.97 -25.88
C TRP A 369 28.36 4.67 -25.80
N ALA A 370 28.69 3.74 -26.68
CA ALA A 370 28.07 2.40 -26.74
C ALA A 370 26.61 2.30 -26.33
N SER A 371 25.80 3.22 -26.84
CA SER A 371 24.36 3.25 -26.56
C SER A 371 23.92 3.67 -25.16
N LEU A 372 24.81 4.30 -24.39
CA LEU A 372 24.46 4.77 -23.06
C LEU A 372 23.52 5.93 -23.24
N ARG A 373 22.46 5.97 -22.44
CA ARG A 373 21.47 7.04 -22.53
C ARG A 373 22.11 8.42 -22.37
N LYS A 374 21.52 9.40 -23.05
CA LYS A 374 22.03 10.75 -23.04
C LYS A 374 21.61 11.55 -21.80
N VAL A 375 22.51 12.41 -21.34
CA VAL A 375 22.30 13.26 -20.19
C VAL A 375 21.75 14.63 -20.59
N MET A 376 20.82 15.15 -19.78
CA MET A 376 20.22 16.46 -20.03
C MET A 376 21.07 17.56 -19.44
N PRO A 377 21.60 18.45 -20.29
CA PRO A 377 22.43 19.53 -19.77
C PRO A 377 21.52 20.54 -19.08
N VAL A 378 22.08 21.29 -18.15
CA VAL A 378 21.32 22.31 -17.42
C VAL A 378 22.09 23.61 -17.49
N ALA A 379 21.50 24.60 -18.15
CA ALA A 379 22.12 25.91 -18.31
C ALA A 379 21.70 26.75 -17.12
N SER A 380 22.67 27.13 -16.30
CA SER A 380 22.42 27.92 -15.12
C SER A 380 23.37 29.11 -15.06
N GLY A 381 22.92 30.18 -14.43
CA GLY A 381 23.73 31.37 -14.30
C GLY A 381 22.85 32.60 -14.45
N GLY A 382 23.47 33.76 -14.61
CA GLY A 382 22.73 34.99 -14.78
C GLY A 382 22.08 35.10 -16.14
N ILE A 383 20.96 34.39 -16.32
CA ILE A 383 20.25 34.41 -17.59
C ILE A 383 18.82 34.90 -17.42
N HIS A 384 18.21 35.27 -18.54
CA HIS A 384 16.85 35.79 -18.56
C HIS A 384 16.29 35.71 -19.97
N ALA A 385 14.97 35.88 -20.08
CA ALA A 385 14.27 35.81 -21.35
C ALA A 385 14.98 36.50 -22.51
N GLY A 386 15.61 37.64 -22.24
CA GLY A 386 16.32 38.37 -23.27
C GLY A 386 17.33 37.58 -24.08
N GLN A 387 18.01 36.65 -23.43
CA GLN A 387 19.02 35.83 -24.10
C GLN A 387 18.45 34.60 -24.81
N MET A 388 17.16 34.36 -24.66
CA MET A 388 16.50 33.21 -25.27
C MET A 388 17.05 32.80 -26.62
N HIS A 389 16.93 33.70 -27.60
CA HIS A 389 17.43 33.46 -28.95
C HIS A 389 18.88 32.96 -29.03
N GLN A 390 19.73 33.47 -28.14
CA GLN A 390 21.13 33.06 -28.11
C GLN A 390 21.21 31.61 -27.64
N LEU A 391 20.58 31.34 -26.50
CA LEU A 391 20.55 30.02 -25.91
C LEU A 391 20.02 28.98 -26.89
N ILE A 392 18.80 29.20 -27.40
CA ILE A 392 18.18 28.29 -28.36
C ILE A 392 19.14 27.95 -29.50
N HIS A 393 19.89 28.95 -29.94
CA HIS A 393 20.85 28.78 -31.02
C HIS A 393 22.09 28.01 -30.60
N LEU A 394 22.58 28.26 -29.41
CA LEU A 394 23.78 27.60 -28.90
C LEU A 394 23.55 26.19 -28.40
N PHE A 395 22.38 25.94 -27.81
CA PHE A 395 22.11 24.64 -27.23
C PHE A 395 21.02 23.81 -27.92
N GLY A 396 19.97 24.47 -28.38
CA GLY A 396 18.90 23.75 -29.03
C GLY A 396 17.82 23.33 -28.06
N ASP A 397 17.15 22.23 -28.39
CA ASP A 397 16.05 21.73 -27.58
C ASP A 397 16.40 20.97 -26.32
N ASP A 398 17.42 20.15 -26.38
CA ASP A 398 17.77 19.34 -25.22
C ASP A 398 18.65 20.05 -24.20
N VAL A 399 18.01 20.87 -23.37
CA VAL A 399 18.70 21.61 -22.33
C VAL A 399 17.64 22.15 -21.36
N VAL A 400 17.99 22.22 -20.08
CA VAL A 400 17.07 22.76 -19.09
C VAL A 400 17.53 24.17 -18.79
N LEU A 401 16.70 25.14 -19.17
CA LEU A 401 17.04 26.52 -18.93
C LEU A 401 16.66 26.90 -17.51
N GLN A 402 17.67 26.97 -16.65
CA GLN A 402 17.50 27.30 -15.25
C GLN A 402 17.60 28.80 -14.98
N PHE A 403 16.44 29.47 -14.90
CA PHE A 403 16.40 30.90 -14.64
C PHE A 403 16.23 31.16 -13.14
N GLY A 404 17.13 31.95 -12.57
CA GLY A 404 17.06 32.25 -11.15
C GLY A 404 16.39 33.56 -10.85
N GLY A 405 17.20 34.57 -10.54
CA GLY A 405 16.68 35.89 -10.22
C GLY A 405 15.71 36.44 -11.25
N GLY A 406 15.97 36.17 -12.53
CA GLY A 406 15.10 36.65 -13.58
C GLY A 406 13.64 36.25 -13.44
N THR A 407 13.40 35.08 -12.87
CA THR A 407 12.05 34.57 -12.69
C THR A 407 11.45 35.00 -11.35
N ILE A 408 12.14 34.65 -10.28
CA ILE A 408 11.70 34.97 -8.92
C ILE A 408 11.58 36.47 -8.67
N GLY A 409 12.57 37.22 -9.14
CA GLY A 409 12.57 38.66 -8.94
C GLY A 409 11.71 39.44 -9.91
N HIS A 410 10.83 38.76 -10.64
CA HIS A 410 9.97 39.43 -11.60
C HIS A 410 9.02 40.37 -10.86
N PRO A 411 8.88 41.61 -11.35
CA PRO A 411 8.02 42.67 -10.79
C PRO A 411 6.61 42.23 -10.40
N GLN A 412 5.99 41.40 -11.22
CA GLN A 412 4.63 40.92 -10.95
C GLN A 412 4.61 39.51 -10.32
N GLY A 413 5.62 39.18 -9.53
CA GLY A 413 5.67 37.89 -8.90
C GLY A 413 6.33 36.79 -9.71
N ILE A 414 6.53 35.64 -9.05
CA ILE A 414 7.18 34.49 -9.69
C ILE A 414 6.37 33.93 -10.85
N GLN A 415 5.07 33.74 -10.65
CA GLN A 415 4.22 33.17 -11.68
C GLN A 415 4.39 33.95 -12.98
N ALA A 416 4.45 35.27 -12.85
CA ALA A 416 4.61 36.15 -14.00
C ALA A 416 5.96 35.89 -14.66
N GLY A 417 7.02 35.82 -13.84
CA GLY A 417 8.34 35.57 -14.37
C GLY A 417 8.36 34.28 -15.16
N ALA A 418 7.67 33.28 -14.63
CA ALA A 418 7.57 31.97 -15.25
C ALA A 418 6.95 32.10 -16.63
N THR A 419 5.77 32.70 -16.68
CA THR A 419 5.03 32.90 -17.92
C THR A 419 5.89 33.65 -18.93
N ALA A 420 6.67 34.61 -18.45
CA ALA A 420 7.54 35.40 -19.30
C ALA A 420 8.51 34.46 -20.01
N ASN A 421 9.34 33.78 -19.22
CA ASN A 421 10.32 32.86 -19.76
C ASN A 421 9.68 31.80 -20.64
N ARG A 422 8.54 31.26 -20.20
CA ARG A 422 7.83 30.23 -20.96
C ARG A 422 7.48 30.76 -22.34
N VAL A 423 6.75 31.87 -22.39
CA VAL A 423 6.36 32.47 -23.67
C VAL A 423 7.59 32.77 -24.52
N ALA A 424 8.59 33.40 -23.92
CA ALA A 424 9.82 33.74 -24.62
C ALA A 424 10.39 32.49 -25.30
N LEU A 425 10.28 31.36 -24.61
CA LEU A 425 10.77 30.09 -25.12
C LEU A 425 9.87 29.59 -26.25
N GLU A 426 8.57 29.45 -25.95
CA GLU A 426 7.57 28.99 -26.90
C GLU A 426 7.70 29.69 -28.25
N ALA A 427 7.63 31.02 -28.21
CA ALA A 427 7.73 31.85 -29.39
C ALA A 427 9.05 31.63 -30.13
N MET A 428 10.15 31.73 -29.39
CA MET A 428 11.48 31.55 -29.98
C MET A 428 11.60 30.23 -30.73
N VAL A 429 10.96 29.18 -30.22
CA VAL A 429 11.00 27.88 -30.86
C VAL A 429 10.18 27.93 -32.15
N LEU A 430 8.95 28.40 -32.05
CA LEU A 430 8.06 28.51 -33.21
C LEU A 430 8.79 29.25 -34.30
N ALA A 431 9.29 30.44 -33.97
CA ALA A 431 10.02 31.26 -34.92
C ALA A 431 11.20 30.50 -35.51
N ARG A 432 12.01 29.91 -34.64
CA ARG A 432 13.17 29.14 -35.08
C ARG A 432 12.75 28.03 -36.05
N ASN A 433 11.63 27.39 -35.77
CA ASN A 433 11.13 26.31 -36.61
C ASN A 433 10.74 26.83 -37.98
N GLU A 434 10.19 28.05 -38.02
CA GLU A 434 9.79 28.69 -39.26
C GLU A 434 11.01 29.02 -40.12
N GLY A 435 12.19 28.99 -39.50
CA GLY A 435 13.43 29.27 -40.21
C GLY A 435 14.07 30.60 -39.86
N ARG A 436 13.30 31.50 -39.26
CA ARG A 436 13.79 32.83 -38.90
C ARG A 436 15.11 32.81 -38.15
N ASP A 437 16.00 33.74 -38.50
CA ASP A 437 17.32 33.82 -37.87
C ASP A 437 17.22 34.16 -36.40
N ILE A 438 17.16 33.11 -35.58
CA ILE A 438 17.07 33.19 -34.13
C ILE A 438 17.93 34.33 -33.58
N LEU A 439 19.19 34.35 -33.97
CA LEU A 439 20.15 35.36 -33.53
C LEU A 439 19.72 36.80 -33.80
N ASN A 440 19.84 37.20 -35.06
CA ASN A 440 19.51 38.54 -35.51
C ASN A 440 18.08 38.98 -35.23
N GLU A 441 17.13 38.14 -35.60
CA GLU A 441 15.71 38.47 -35.39
C GLU A 441 15.25 38.27 -33.96
N GLY A 442 16.06 37.60 -33.15
CA GLY A 442 15.72 37.33 -31.76
C GLY A 442 15.02 38.47 -31.05
N PRO A 443 15.71 39.62 -30.86
CA PRO A 443 15.13 40.79 -30.19
C PRO A 443 13.73 41.14 -30.69
N GLU A 444 13.56 41.13 -32.01
CA GLU A 444 12.26 41.45 -32.62
C GLU A 444 11.21 40.42 -32.22
N ILE A 445 11.53 39.14 -32.41
CA ILE A 445 10.63 38.04 -32.07
C ILE A 445 10.16 38.18 -30.62
N LEU A 446 11.10 38.49 -29.74
CA LEU A 446 10.81 38.68 -28.32
C LEU A 446 9.89 39.89 -28.14
N ARG A 447 10.15 40.96 -28.88
CA ARG A 447 9.32 42.16 -28.79
C ARG A 447 7.90 41.86 -29.25
N ASP A 448 7.79 41.06 -30.31
CA ASP A 448 6.50 40.67 -30.88
C ASP A 448 5.69 39.90 -29.86
N ALA A 449 6.38 39.02 -29.13
CA ALA A 449 5.74 38.23 -28.10
C ALA A 449 5.38 39.10 -26.90
N ALA A 450 6.33 39.90 -26.45
CA ALA A 450 6.14 40.80 -25.32
C ALA A 450 4.95 41.73 -25.54
N ARG A 451 4.72 42.08 -26.81
CA ARG A 451 3.63 42.95 -27.20
C ARG A 451 2.28 42.49 -26.63
N TRP A 452 2.00 41.20 -26.73
CA TRP A 452 0.75 40.66 -26.23
C TRP A 452 0.92 39.98 -24.86
N CYS A 453 2.17 39.75 -24.49
CA CYS A 453 2.48 39.11 -23.22
C CYS A 453 3.00 40.11 -22.19
N GLY A 454 2.06 40.71 -21.44
CA GLY A 454 2.39 41.68 -20.42
C GLY A 454 3.62 41.34 -19.59
N PRO A 455 3.63 40.16 -18.93
CA PRO A 455 4.75 39.71 -18.10
C PRO A 455 6.09 39.69 -18.84
N LEU A 456 6.08 39.29 -20.11
CA LEU A 456 7.31 39.27 -20.89
C LEU A 456 7.80 40.70 -21.10
N ARG A 457 6.85 41.58 -21.44
CA ARG A 457 7.15 42.99 -21.64
C ARG A 457 7.93 43.50 -20.43
N ALA A 458 7.35 43.31 -19.24
CA ALA A 458 7.95 43.74 -17.99
C ALA A 458 9.29 43.04 -17.74
N ALA A 459 9.41 41.81 -18.20
CA ALA A 459 10.64 41.05 -18.02
C ALA A 459 11.76 41.69 -18.82
N LEU A 460 11.44 42.08 -20.06
CA LEU A 460 12.42 42.70 -20.95
C LEU A 460 12.78 44.10 -20.50
N ASP A 461 11.79 44.84 -20.00
CA ASP A 461 12.02 46.21 -19.53
C ASP A 461 13.03 46.20 -18.39
N THR A 462 12.94 45.19 -17.53
CA THR A 462 13.84 45.06 -16.39
C THR A 462 15.18 44.45 -16.77
N TRP A 463 15.16 43.26 -17.36
CA TRP A 463 16.39 42.58 -17.76
C TRP A 463 16.48 42.50 -19.28
N GLY A 464 16.79 43.64 -19.89
CA GLY A 464 16.89 43.71 -21.34
C GLY A 464 18.17 43.15 -21.93
N ASP A 465 18.73 43.87 -22.89
CA ASP A 465 19.96 43.45 -23.57
C ASP A 465 21.19 43.55 -22.67
N ILE A 466 22.16 42.67 -22.92
CA ILE A 466 23.41 42.60 -22.18
C ILE A 466 24.37 41.70 -22.95
N MET B 1 -6.99 28.54 -16.33
CA MET B 1 -7.72 27.36 -16.90
C MET B 1 -7.43 27.24 -18.38
N ARG B 2 -6.48 26.37 -18.71
CA ARG B 2 -6.07 26.13 -20.09
C ARG B 2 -5.01 25.04 -20.01
N ILE B 3 -5.25 23.94 -20.72
CA ILE B 3 -4.30 22.82 -20.73
C ILE B 3 -3.05 23.25 -21.48
N THR B 4 -1.93 23.32 -20.76
CA THR B 4 -0.64 23.70 -21.36
C THR B 4 0.13 22.42 -21.71
N GLN B 5 -0.60 21.42 -22.19
CA GLN B 5 -0.02 20.13 -22.54
C GLN B 5 0.50 20.09 -23.99
N GLY B 6 1.39 21.00 -24.34
CA GLY B 6 1.93 21.02 -25.68
C GLY B 6 2.83 22.20 -26.00
N THR B 7 3.71 22.02 -26.99
CA THR B 7 4.61 23.09 -27.39
C THR B 7 3.71 24.18 -27.98
N PHE B 8 4.12 25.43 -27.80
CA PHE B 8 3.36 26.57 -28.31
C PHE B 8 2.02 26.82 -27.62
N SER B 9 1.62 25.99 -26.66
CA SER B 9 0.34 26.20 -25.97
C SER B 9 0.29 27.43 -25.06
N PHE B 10 1.41 28.14 -24.95
CA PHE B 10 1.47 29.34 -24.14
C PHE B 10 1.32 30.56 -25.05
N LEU B 11 1.13 30.29 -26.34
CA LEU B 11 0.95 31.32 -27.35
C LEU B 11 -0.48 31.20 -27.84
N PRO B 12 -0.97 32.21 -28.58
CA PRO B 12 -2.34 32.16 -29.08
C PRO B 12 -2.47 30.99 -30.05
N GLU B 13 -3.69 30.52 -30.27
CA GLU B 13 -3.94 29.39 -31.16
C GLU B 13 -3.28 29.59 -32.52
N LEU B 14 -2.56 28.58 -32.98
CA LEU B 14 -1.89 28.64 -34.26
C LEU B 14 -2.90 28.76 -35.39
N THR B 15 -2.49 29.45 -36.44
CA THR B 15 -3.34 29.64 -37.61
C THR B 15 -2.90 28.57 -38.60
N ASP B 16 -3.78 28.20 -39.51
CA ASP B 16 -3.44 27.18 -40.51
C ASP B 16 -2.13 27.50 -41.21
N GLU B 17 -1.82 28.80 -41.32
CA GLU B 17 -0.59 29.26 -41.95
C GLU B 17 0.59 28.88 -41.07
N GLN B 18 0.45 29.09 -39.76
CA GLN B 18 1.52 28.75 -38.83
C GLN B 18 1.68 27.23 -38.74
N ILE B 19 0.56 26.53 -38.67
CA ILE B 19 0.56 25.06 -38.60
C ILE B 19 1.31 24.48 -39.78
N THR B 20 0.99 24.96 -40.99
CA THR B 20 1.64 24.47 -42.19
C THR B 20 3.15 24.66 -42.10
N LYS B 21 3.58 25.79 -41.55
CA LYS B 21 5.00 26.07 -41.40
C LYS B 21 5.63 24.99 -40.52
N GLN B 22 4.98 24.68 -39.41
CA GLN B 22 5.48 23.66 -38.49
C GLN B 22 5.51 22.31 -39.20
N LEU B 23 4.40 21.96 -39.85
CA LEU B 23 4.29 20.70 -40.56
C LEU B 23 5.46 20.57 -41.53
N GLU B 24 5.80 21.67 -42.19
CA GLU B 24 6.89 21.67 -43.14
C GLU B 24 8.18 21.34 -42.39
N TYR B 25 8.38 22.01 -41.26
CA TYR B 25 9.57 21.79 -40.43
C TYR B 25 9.76 20.29 -40.19
N CYS B 26 8.69 19.63 -39.76
CA CYS B 26 8.74 18.20 -39.48
C CYS B 26 9.09 17.44 -40.74
N LEU B 27 8.30 17.64 -41.79
CA LEU B 27 8.52 16.98 -43.07
C LEU B 27 9.92 17.21 -43.62
N ASN B 28 10.46 18.40 -43.38
CA ASN B 28 11.80 18.76 -43.84
C ASN B 28 12.82 17.93 -43.09
N GLN B 29 12.51 17.62 -41.84
CA GLN B 29 13.39 16.81 -41.01
C GLN B 29 13.14 15.32 -41.30
N GLY B 30 12.10 15.04 -42.09
CA GLY B 30 11.78 13.66 -42.44
C GLY B 30 11.06 12.94 -41.32
N TRP B 31 10.19 13.65 -40.62
CA TRP B 31 9.45 13.08 -39.51
C TRP B 31 8.04 12.66 -39.90
N ALA B 32 7.61 11.50 -39.40
CA ALA B 32 6.27 11.02 -39.67
C ALA B 32 5.35 11.86 -38.82
N VAL B 33 4.28 12.39 -39.41
CA VAL B 33 3.35 13.23 -38.67
C VAL B 33 2.03 12.53 -38.44
N GLY B 34 1.54 12.60 -37.20
CA GLY B 34 0.29 11.95 -36.86
C GLY B 34 -0.67 12.89 -36.15
N LEU B 35 -1.95 12.57 -36.23
CA LEU B 35 -2.98 13.39 -35.60
C LEU B 35 -3.66 12.55 -34.54
N GLU B 36 -3.92 13.14 -33.39
CA GLU B 36 -4.54 12.43 -32.29
C GLU B 36 -5.60 13.30 -31.62
N TYR B 37 -6.51 12.66 -30.90
CA TYR B 37 -7.59 13.37 -30.23
C TYR B 37 -8.15 12.61 -29.02
N THR B 38 -8.64 13.36 -28.03
CA THR B 38 -9.22 12.79 -26.82
C THR B 38 -10.03 13.86 -26.10
N ASP B 39 -10.93 13.41 -25.22
CA ASP B 39 -11.77 14.29 -24.42
C ASP B 39 -11.22 14.34 -23.00
N ASP B 40 -10.29 13.43 -22.71
CA ASP B 40 -9.65 13.28 -21.40
C ASP B 40 -8.20 13.74 -21.48
N PRO B 41 -7.96 15.05 -21.28
CA PRO B 41 -6.59 15.58 -21.33
C PRO B 41 -5.83 15.42 -20.01
N HIS B 42 -5.89 14.22 -19.42
CA HIS B 42 -5.20 13.97 -18.17
C HIS B 42 -3.70 14.11 -18.35
N PRO B 43 -3.01 14.82 -17.44
CA PRO B 43 -1.56 14.99 -17.57
C PRO B 43 -1.02 13.58 -17.66
N ARG B 44 -0.41 13.28 -18.80
CA ARG B 44 0.12 11.96 -19.04
C ARG B 44 -0.93 10.88 -19.35
N ASN B 45 -1.83 11.21 -20.27
CA ASN B 45 -2.82 10.26 -20.74
C ASN B 45 -2.25 9.92 -22.10
N THR B 46 -1.11 9.25 -22.11
CA THR B 46 -0.48 8.86 -23.36
C THR B 46 -1.49 7.96 -24.05
N TYR B 47 -1.36 7.85 -25.37
CA TYR B 47 -2.25 7.02 -26.17
C TYR B 47 -3.60 7.68 -26.39
N TRP B 48 -3.54 8.83 -27.06
CA TRP B 48 -4.75 9.56 -27.42
C TRP B 48 -5.29 8.74 -28.58
N GLU B 49 -6.47 9.07 -29.06
CA GLU B 49 -7.00 8.30 -30.17
C GLU B 49 -6.41 8.80 -31.50
N MET B 50 -5.95 7.85 -32.31
CA MET B 50 -5.35 8.16 -33.60
C MET B 50 -6.41 8.53 -34.63
N PHE B 51 -6.19 9.65 -35.30
CA PHE B 51 -7.11 10.09 -36.35
C PHE B 51 -6.39 9.74 -37.64
N GLY B 52 -6.53 8.49 -38.07
CA GLY B 52 -5.88 8.05 -39.28
C GLY B 52 -4.42 7.76 -39.02
N LEU B 53 -3.81 6.95 -39.89
CA LEU B 53 -2.41 6.57 -39.75
C LEU B 53 -1.50 7.77 -40.03
N PRO B 54 -0.27 7.75 -39.47
CA PRO B 54 0.69 8.83 -39.65
C PRO B 54 1.03 9.06 -41.12
N MET B 55 0.99 10.32 -41.54
CA MET B 55 1.31 10.69 -42.91
C MET B 55 2.82 10.57 -43.03
N PHE B 56 3.30 9.36 -43.28
CA PHE B 56 4.74 9.12 -43.41
C PHE B 56 5.40 9.91 -44.56
N ASP B 57 5.39 9.33 -45.75
CA ASP B 57 6.02 9.99 -46.90
C ASP B 57 5.02 10.83 -47.70
N LEU B 58 4.37 11.76 -47.02
CA LEU B 58 3.42 12.64 -47.69
C LEU B 58 4.14 13.95 -47.91
N ARG B 59 4.75 14.09 -49.08
CA ARG B 59 5.50 15.30 -49.43
C ARG B 59 4.62 16.54 -49.68
N ASP B 60 3.73 16.83 -48.72
CA ASP B 60 2.84 17.97 -48.86
C ASP B 60 2.19 18.31 -47.52
N ALA B 61 2.74 19.30 -46.84
CA ALA B 61 2.23 19.75 -45.55
C ALA B 61 0.75 20.07 -45.66
N ALA B 62 0.34 20.58 -46.82
CA ALA B 62 -1.06 20.92 -47.06
C ALA B 62 -1.98 19.72 -46.90
N GLY B 63 -1.52 18.56 -47.36
CA GLY B 63 -2.31 17.35 -47.25
C GLY B 63 -2.64 17.05 -45.81
N ILE B 64 -1.64 17.15 -44.94
CA ILE B 64 -1.80 16.89 -43.51
C ILE B 64 -2.75 17.94 -42.93
N LEU B 65 -2.49 19.20 -43.24
CA LEU B 65 -3.32 20.30 -42.75
C LEU B 65 -4.79 20.04 -43.06
N MET B 66 -5.04 19.40 -44.19
CA MET B 66 -6.39 19.07 -44.62
C MET B 66 -7.03 18.16 -43.59
N GLU B 67 -6.35 17.04 -43.30
CA GLU B 67 -6.83 16.07 -42.34
C GLU B 67 -7.08 16.71 -40.98
N ILE B 68 -6.24 17.68 -40.63
CA ILE B 68 -6.39 18.40 -39.37
C ILE B 68 -7.79 19.02 -39.32
N ASN B 69 -8.07 19.91 -40.25
CA ASN B 69 -9.37 20.58 -40.31
C ASN B 69 -10.50 19.56 -40.36
N ASN B 70 -10.28 18.49 -41.11
CA ASN B 70 -11.27 17.43 -41.24
C ASN B 70 -11.57 16.90 -39.85
N ALA B 71 -10.50 16.65 -39.08
CA ALA B 71 -10.63 16.16 -37.71
C ALA B 71 -11.41 17.13 -36.84
N ARG B 72 -11.04 18.41 -36.91
CA ARG B 72 -11.71 19.44 -36.12
C ARG B 72 -13.21 19.41 -36.33
N ASN B 73 -13.61 19.11 -37.57
CA ASN B 73 -15.02 19.04 -37.92
C ASN B 73 -15.68 17.83 -37.31
N THR B 74 -15.03 16.68 -37.43
CA THR B 74 -15.57 15.45 -36.91
C THR B 74 -15.61 15.48 -35.38
N PHE B 75 -14.55 16.04 -34.79
CA PHE B 75 -14.44 16.12 -33.35
C PHE B 75 -14.17 17.55 -32.90
N PRO B 76 -15.22 18.38 -32.85
CA PRO B 76 -15.08 19.78 -32.42
C PRO B 76 -14.81 19.87 -30.92
N ASN B 77 -15.65 19.18 -30.13
CA ASN B 77 -15.52 19.15 -28.68
C ASN B 77 -14.49 18.12 -28.23
N HIS B 78 -13.27 18.23 -28.76
CA HIS B 78 -12.20 17.30 -28.44
C HIS B 78 -10.89 18.05 -28.52
N TYR B 79 -9.85 17.49 -27.94
CA TYR B 79 -8.54 18.10 -28.02
C TYR B 79 -7.88 17.35 -29.17
N ILE B 80 -7.21 18.08 -30.06
CA ILE B 80 -6.54 17.44 -31.20
C ILE B 80 -5.09 17.93 -31.23
N ARG B 81 -4.17 17.06 -31.62
CA ARG B 81 -2.76 17.44 -31.69
C ARG B 81 -1.99 16.75 -32.80
N VAL B 82 -0.92 17.41 -33.22
CA VAL B 82 -0.03 16.90 -34.26
C VAL B 82 1.20 16.40 -33.52
N THR B 83 1.65 15.19 -33.87
CA THR B 83 2.83 14.60 -33.25
C THR B 83 3.80 14.25 -34.36
N ALA B 84 5.09 14.48 -34.12
CA ALA B 84 6.12 14.18 -35.12
C ALA B 84 7.05 13.09 -34.58
N PHE B 85 7.20 12.01 -35.33
CA PHE B 85 8.04 10.88 -34.94
C PHE B 85 9.32 10.84 -35.76
N ASP B 86 10.45 10.59 -35.10
CA ASP B 86 11.74 10.50 -35.79
C ASP B 86 12.03 9.03 -36.07
N SER B 87 11.93 8.64 -37.35
CA SER B 87 12.18 7.27 -37.77
C SER B 87 13.68 6.93 -37.78
N THR B 88 14.25 6.83 -36.58
CA THR B 88 15.68 6.50 -36.41
C THR B 88 15.86 5.81 -35.05
N HIS B 89 15.01 6.19 -34.10
CA HIS B 89 15.01 5.65 -32.75
C HIS B 89 13.56 5.59 -32.28
N THR B 90 12.67 6.12 -33.12
CA THR B 90 11.23 6.20 -32.87
C THR B 90 10.94 6.90 -31.55
N VAL B 91 10.93 8.22 -31.63
CA VAL B 91 10.67 9.07 -30.49
C VAL B 91 9.91 10.28 -31.02
N GLU B 92 9.22 10.98 -30.12
CA GLU B 92 8.46 12.16 -30.50
C GLU B 92 9.41 13.33 -30.46
N SER B 93 9.29 14.22 -31.44
CA SER B 93 10.15 15.38 -31.51
C SER B 93 9.40 16.69 -31.30
N VAL B 94 8.14 16.73 -31.71
CA VAL B 94 7.31 17.94 -31.56
C VAL B 94 5.86 17.47 -31.35
N VAL B 95 5.11 18.27 -30.59
CA VAL B 95 3.70 18.00 -30.30
C VAL B 95 3.07 19.33 -29.89
N MET B 96 2.09 19.80 -30.65
CA MET B 96 1.41 21.05 -30.34
C MET B 96 -0.08 20.82 -30.50
N SER B 97 -0.87 21.52 -29.70
CA SER B 97 -2.33 21.36 -29.75
C SER B 97 -2.96 22.33 -30.76
N PHE B 98 -4.08 21.91 -31.35
CA PHE B 98 -4.81 22.73 -32.32
C PHE B 98 -6.18 23.07 -31.77
N ILE B 99 -7.11 22.14 -31.89
CA ILE B 99 -8.46 22.37 -31.38
C ILE B 99 -8.49 21.93 -29.93
N VAL B 100 -9.10 22.76 -29.10
CA VAL B 100 -9.24 22.51 -27.68
C VAL B 100 -10.74 22.49 -27.39
N ASN B 101 -11.13 21.61 -26.47
CA ASN B 101 -12.53 21.46 -26.09
C ASN B 101 -13.14 22.83 -25.75
N ARG B 102 -14.46 22.93 -25.86
CA ARG B 102 -15.19 24.17 -25.55
C ARG B 102 -14.63 24.74 -24.25
N PRO B 103 -14.07 25.96 -24.30
CA PRO B 103 -13.47 26.64 -23.16
C PRO B 103 -13.05 25.73 -22.01
N ALA B 104 -12.28 24.69 -22.38
CA ALA B 104 -11.75 23.67 -21.48
C ALA B 104 -12.53 23.53 -20.19
N ASP B 105 -13.77 23.04 -20.29
CA ASP B 105 -14.68 22.83 -19.15
C ASP B 105 -14.11 23.22 -17.79
N GLU B 106 -13.10 22.46 -17.33
CA GLU B 106 -12.43 22.75 -16.06
C GLU B 106 -11.02 22.17 -16.03
N PRO B 107 -10.03 22.95 -16.53
CA PRO B 107 -8.62 22.56 -16.59
C PRO B 107 -8.10 22.40 -15.17
N GLY B 108 -8.88 22.92 -14.22
CA GLY B 108 -8.53 22.77 -12.84
C GLY B 108 -9.13 21.42 -12.50
N PHE B 109 -8.53 20.37 -13.04
CA PHE B 109 -8.97 18.99 -12.82
C PHE B 109 -9.23 18.84 -11.33
N ARG B 110 -10.14 17.95 -10.97
CA ARG B 110 -10.40 17.73 -9.56
C ARG B 110 -9.21 16.96 -9.00
N LEU B 111 -8.55 17.55 -8.01
CA LEU B 111 -7.41 16.92 -7.37
C LEU B 111 -7.92 16.12 -6.20
N VAL B 112 -7.80 14.80 -6.28
CA VAL B 112 -8.25 13.91 -5.21
C VAL B 112 -7.12 13.73 -4.21
N ARG B 113 -7.46 13.81 -2.93
CA ARG B 113 -6.48 13.66 -1.86
C ARG B 113 -6.83 12.52 -0.92
N GLN B 114 -6.28 11.34 -1.19
CA GLN B 114 -6.52 10.19 -0.32
C GLN B 114 -5.56 10.33 0.85
N GLU B 115 -6.10 10.29 2.07
CA GLU B 115 -5.28 10.44 3.24
C GLU B 115 -4.59 9.16 3.68
N GLU B 116 -3.30 9.11 3.37
CA GLU B 116 -2.44 7.98 3.69
C GLU B 116 -1.94 8.13 5.11
N PRO B 117 -1.23 7.11 5.63
CA PRO B 117 -0.71 7.20 6.99
C PRO B 117 0.28 8.35 7.10
N GLY B 118 0.27 9.02 8.25
CA GLY B 118 1.15 10.15 8.47
C GLY B 118 0.44 11.38 7.93
N ARG B 119 1.20 12.31 7.36
CA ARG B 119 0.63 13.53 6.79
C ARG B 119 0.74 13.43 5.28
N THR B 120 1.03 12.22 4.80
CA THR B 120 1.19 11.93 3.38
C THR B 120 -0.17 11.83 2.70
N LEU B 121 -0.22 12.31 1.47
CA LEU B 121 -1.44 12.26 0.68
C LEU B 121 -1.17 11.52 -0.62
N ARG B 122 -2.17 10.77 -1.07
CA ARG B 122 -2.10 10.02 -2.31
C ARG B 122 -3.06 10.73 -3.26
N TYR B 123 -2.49 11.50 -4.17
CA TYR B 123 -3.29 12.28 -5.11
C TYR B 123 -3.79 11.53 -6.33
N SER B 124 -4.83 12.07 -6.93
CA SER B 124 -5.43 11.53 -8.13
C SER B 124 -5.98 12.72 -8.92
N ILE B 125 -5.32 13.08 -10.01
CA ILE B 125 -5.79 14.18 -10.84
C ILE B 125 -6.80 13.58 -11.81
N GLU B 126 -7.97 14.18 -11.89
CA GLU B 126 -8.99 13.66 -12.78
C GLU B 126 -9.78 14.76 -13.45
N SER B 127 -9.93 14.68 -14.77
CA SER B 127 -10.70 15.67 -15.53
C SER B 127 -12.15 15.55 -15.07
N TYR B 128 -12.93 16.59 -15.26
CA TYR B 128 -14.33 16.55 -14.85
C TYR B 128 -15.20 15.82 -15.86
N ALA B 129 -14.56 15.15 -16.81
CA ALA B 129 -15.27 14.39 -17.85
C ALA B 129 -14.37 13.24 -18.32
N TYR C 22 27.65 -54.41 -19.41
CA TYR C 22 26.19 -54.07 -19.42
C TYR C 22 25.39 -55.33 -19.74
N LYS C 23 24.07 -55.17 -19.82
CA LYS C 23 23.14 -56.25 -20.13
C LYS C 23 22.93 -57.29 -19.03
N MET C 24 24.02 -57.78 -18.44
CA MET C 24 23.98 -58.81 -17.38
C MET C 24 22.76 -58.79 -16.46
N GLY C 25 22.26 -57.60 -16.14
CA GLY C 25 21.10 -57.51 -15.27
C GLY C 25 20.27 -56.27 -15.55
N TYR C 26 20.38 -55.74 -16.77
CA TYR C 26 19.64 -54.54 -17.15
C TYR C 26 18.59 -54.80 -18.20
N TRP C 27 18.35 -56.08 -18.46
CA TRP C 27 17.32 -56.44 -19.42
C TRP C 27 16.53 -57.62 -18.90
N ASP C 28 15.21 -57.50 -19.01
CA ASP C 28 14.29 -58.52 -18.56
C ASP C 28 13.16 -58.57 -19.58
N GLY C 29 13.26 -59.53 -20.50
CA GLY C 29 12.27 -59.68 -21.55
C GLY C 29 10.82 -59.73 -21.12
N ASP C 30 10.54 -60.48 -20.05
CA ASP C 30 9.17 -60.60 -19.56
C ASP C 30 8.91 -59.84 -18.26
N TYR C 31 9.52 -58.66 -18.12
CA TYR C 31 9.31 -57.83 -16.93
C TYR C 31 8.03 -57.05 -17.11
N VAL C 32 7.12 -57.16 -16.16
CA VAL C 32 5.86 -56.42 -16.23
C VAL C 32 6.02 -55.13 -15.42
N PRO C 33 5.88 -53.98 -16.09
CA PRO C 33 6.00 -52.68 -15.42
C PRO C 33 4.95 -52.51 -14.34
N LYS C 34 5.36 -51.99 -13.19
CA LYS C 34 4.46 -51.76 -12.07
C LYS C 34 3.78 -50.40 -12.27
N ASP C 35 2.61 -50.22 -11.67
CA ASP C 35 1.90 -48.95 -11.78
C ASP C 35 2.69 -47.82 -11.11
N THR C 36 3.72 -48.20 -10.36
CA THR C 36 4.58 -47.27 -9.66
C THR C 36 5.97 -47.31 -10.29
N ASP C 37 6.01 -47.18 -11.61
CA ASP C 37 7.26 -47.20 -12.37
C ASP C 37 7.27 -46.09 -13.41
N LEU C 38 8.46 -45.63 -13.73
CA LEU C 38 8.66 -44.60 -14.72
C LEU C 38 8.96 -45.36 -16.00
N LEU C 39 8.34 -44.95 -17.10
CA LEU C 39 8.58 -45.64 -18.35
C LEU C 39 9.11 -44.67 -19.37
N ALA C 40 10.25 -45.00 -19.95
CA ALA C 40 10.87 -44.16 -20.97
C ALA C 40 10.96 -44.97 -22.26
N LEU C 41 10.49 -44.39 -23.35
CA LEU C 41 10.54 -45.06 -24.64
C LEU C 41 11.50 -44.34 -25.58
N PHE C 42 12.65 -44.96 -25.81
CA PHE C 42 13.67 -44.42 -26.70
C PHE C 42 13.58 -44.99 -28.09
N ARG C 43 14.23 -44.31 -29.03
CA ARG C 43 14.30 -44.71 -30.43
C ARG C 43 15.81 -44.92 -30.64
N ILE C 44 16.29 -46.07 -30.18
CA ILE C 44 17.69 -46.41 -30.29
C ILE C 44 18.14 -46.82 -31.69
N THR C 45 19.20 -46.18 -32.15
CA THR C 45 19.78 -46.47 -33.45
C THR C 45 21.21 -46.88 -33.13
N PRO C 46 21.43 -48.18 -32.86
CA PRO C 46 22.74 -48.73 -32.53
C PRO C 46 23.70 -48.71 -33.71
N GLN C 47 25.00 -48.84 -33.42
CA GLN C 47 26.01 -48.84 -34.46
C GLN C 47 25.93 -50.12 -35.28
N ASP C 48 26.31 -50.04 -36.55
CA ASP C 48 26.29 -51.20 -37.44
C ASP C 48 27.19 -52.31 -36.89
N GLY C 49 26.57 -53.27 -36.21
CA GLY C 49 27.31 -54.38 -35.63
C GLY C 49 27.06 -54.50 -34.14
N VAL C 50 26.09 -53.74 -33.64
CA VAL C 50 25.75 -53.76 -32.22
C VAL C 50 24.35 -54.31 -32.02
N ASP C 51 24.22 -55.20 -31.05
CA ASP C 51 22.93 -55.82 -30.73
C ASP C 51 21.99 -54.81 -30.08
N PRO C 52 20.79 -54.65 -30.65
CA PRO C 52 19.80 -53.71 -30.13
C PRO C 52 19.44 -54.02 -28.67
N VAL C 53 19.35 -55.30 -28.36
CA VAL C 53 19.02 -55.73 -27.00
C VAL C 53 20.08 -55.22 -26.03
N GLU C 54 21.35 -55.51 -26.32
CA GLU C 54 22.44 -55.05 -25.46
C GLU C 54 22.40 -53.53 -25.37
N ALA C 55 22.03 -52.89 -26.48
CA ALA C 55 21.93 -51.44 -26.54
C ALA C 55 20.87 -50.97 -25.52
N ALA C 56 19.69 -51.59 -25.56
CA ALA C 56 18.62 -51.23 -24.65
C ALA C 56 19.13 -51.38 -23.23
N ALA C 57 19.77 -52.51 -22.96
CA ALA C 57 20.31 -52.77 -21.64
C ALA C 57 21.34 -51.71 -21.26
N ALA C 58 22.13 -51.28 -22.25
CA ALA C 58 23.16 -50.27 -22.03
C ALA C 58 22.51 -48.94 -21.68
N VAL C 59 21.35 -48.68 -22.25
CA VAL C 59 20.60 -47.46 -21.98
C VAL C 59 20.27 -47.46 -20.49
N ALA C 60 19.70 -48.57 -20.04
CA ALA C 60 19.32 -48.75 -18.64
C ALA C 60 20.53 -48.58 -17.71
N GLY C 61 21.71 -48.97 -18.21
CA GLY C 61 22.92 -48.85 -17.43
C GLY C 61 23.54 -47.46 -17.43
N GLU C 62 23.44 -46.75 -18.54
CA GLU C 62 24.02 -45.41 -18.65
C GLU C 62 23.13 -44.28 -18.14
N SER C 63 22.36 -44.57 -17.11
CA SER C 63 21.46 -43.61 -16.49
C SER C 63 21.01 -44.09 -15.12
N SER C 64 21.90 -44.78 -14.41
CA SER C 64 21.58 -45.28 -13.08
C SER C 64 22.80 -45.84 -12.34
N THR C 65 22.57 -46.83 -11.47
CA THR C 65 23.60 -47.48 -10.68
C THR C 65 24.54 -48.39 -11.48
N ALA C 66 24.81 -48.03 -12.74
CA ALA C 66 25.66 -48.85 -13.57
C ALA C 66 26.97 -48.24 -14.03
N THR C 67 27.79 -49.07 -14.66
CA THR C 67 29.09 -48.70 -15.17
C THR C 67 29.50 -49.75 -16.22
N TRP C 68 30.61 -49.50 -16.92
CA TRP C 68 31.12 -50.40 -17.94
C TRP C 68 31.69 -51.69 -17.35
N THR C 69 32.25 -51.58 -16.14
CA THR C 69 32.85 -52.72 -15.45
C THR C 69 32.12 -52.98 -14.13
N VAL C 70 32.50 -54.06 -13.44
CA VAL C 70 31.87 -54.44 -12.17
C VAL C 70 32.55 -53.75 -10.97
N VAL C 71 31.75 -53.31 -10.01
CA VAL C 71 32.24 -52.64 -8.81
C VAL C 71 31.80 -53.38 -7.55
N TRP C 72 32.71 -53.54 -6.59
CA TRP C 72 32.39 -54.25 -5.34
C TRP C 72 31.57 -53.46 -4.32
N THR C 73 31.70 -52.13 -4.33
CA THR C 73 30.97 -51.29 -3.39
C THR C 73 29.45 -51.43 -3.51
N ASP C 74 28.97 -51.74 -4.70
CA ASP C 74 27.55 -51.92 -4.93
C ASP C 74 27.01 -53.24 -4.36
N ARG C 75 27.91 -54.06 -3.82
CA ARG C 75 27.53 -55.34 -3.21
C ARG C 75 26.62 -55.02 -2.02
N LEU C 76 27.01 -53.99 -1.26
CA LEU C 76 26.24 -53.53 -0.12
C LEU C 76 24.93 -52.97 -0.68
N THR C 77 25.06 -52.12 -1.69
CA THR C 77 23.93 -51.47 -2.36
C THR C 77 22.81 -52.45 -2.76
N ALA C 78 23.18 -53.57 -3.38
CA ALA C 78 22.24 -54.58 -3.86
C ALA C 78 21.46 -54.10 -5.08
N CYS C 79 21.18 -52.81 -5.12
CA CYS C 79 20.47 -52.16 -6.21
C CYS C 79 19.17 -52.84 -6.63
N ASP C 80 19.25 -53.76 -7.59
CA ASP C 80 18.07 -54.49 -8.09
C ASP C 80 16.95 -53.52 -8.45
N MET C 81 16.15 -53.15 -7.46
CA MET C 81 15.03 -52.22 -7.66
C MET C 81 15.59 -50.86 -8.08
N TYR C 82 16.75 -50.52 -7.55
CA TYR C 82 17.41 -49.26 -7.86
C TYR C 82 18.22 -49.38 -9.14
N ARG C 83 17.63 -50.07 -10.11
CA ARG C 83 18.23 -50.28 -11.42
C ARG C 83 17.13 -50.07 -12.46
N ALA C 84 17.51 -49.54 -13.62
CA ALA C 84 16.56 -49.32 -14.69
C ALA C 84 16.49 -50.63 -15.44
N LYS C 85 15.33 -51.26 -15.44
CA LYS C 85 15.17 -52.53 -16.15
C LYS C 85 14.60 -52.31 -17.54
N ALA C 86 15.38 -52.65 -18.55
CA ALA C 86 14.93 -52.53 -19.92
C ALA C 86 14.11 -53.76 -20.24
N TYR C 87 12.94 -53.56 -20.82
CA TYR C 87 12.07 -54.68 -21.18
C TYR C 87 11.79 -54.74 -22.69
N ARG C 88 10.72 -54.10 -23.17
CA ARG C 88 10.39 -54.11 -24.60
C ARG C 88 11.51 -53.58 -25.50
N VAL C 89 11.64 -54.22 -26.66
CA VAL C 89 12.60 -53.84 -27.70
C VAL C 89 11.90 -54.29 -28.98
N ASP C 90 11.35 -53.32 -29.71
CA ASP C 90 10.62 -53.62 -30.94
C ASP C 90 11.25 -53.01 -32.18
N PRO C 91 11.02 -53.61 -33.35
CA PRO C 91 11.58 -53.09 -34.60
C PRO C 91 10.80 -51.85 -35.00
N VAL C 92 11.47 -50.91 -35.66
CA VAL C 92 10.80 -49.68 -36.11
C VAL C 92 10.21 -49.86 -37.50
N PRO C 93 8.91 -49.54 -37.65
CA PRO C 93 8.20 -49.65 -38.93
C PRO C 93 8.84 -48.83 -40.03
N ASN C 94 9.07 -49.47 -41.18
CA ASN C 94 9.66 -48.83 -42.36
C ASN C 94 11.08 -48.32 -42.16
N ASN C 95 11.76 -48.78 -41.11
CA ASN C 95 13.12 -48.31 -40.86
C ASN C 95 13.94 -49.19 -39.93
N PRO C 96 14.63 -50.18 -40.49
CA PRO C 96 15.46 -51.08 -39.67
C PRO C 96 16.65 -50.29 -39.13
N GLU C 97 17.53 -50.96 -38.38
CA GLU C 97 18.70 -50.30 -37.79
C GLU C 97 18.30 -49.24 -36.77
N GLN C 98 16.99 -49.08 -36.57
CA GLN C 98 16.42 -48.14 -35.62
C GLN C 98 15.43 -48.99 -34.81
N PHE C 99 15.44 -48.84 -33.48
CA PHE C 99 14.57 -49.64 -32.62
C PHE C 99 13.99 -48.90 -31.42
N PHE C 100 12.74 -49.22 -31.10
CA PHE C 100 12.03 -48.64 -29.97
C PHE C 100 12.37 -49.40 -28.71
N CYS C 101 13.07 -48.76 -27.78
CA CYS C 101 13.44 -49.43 -26.54
C CYS C 101 12.69 -48.85 -25.35
N TYR C 102 12.03 -49.73 -24.62
CA TYR C 102 11.27 -49.32 -23.44
C TYR C 102 12.04 -49.66 -22.16
N VAL C 103 12.26 -48.66 -21.31
CA VAL C 103 12.98 -48.88 -20.06
C VAL C 103 12.06 -48.51 -18.90
N ALA C 104 12.22 -49.22 -17.79
CA ALA C 104 11.41 -49.01 -16.60
C ALA C 104 12.32 -48.60 -15.44
N TYR C 105 11.97 -47.51 -14.78
CA TYR C 105 12.73 -46.99 -13.66
C TYR C 105 11.85 -47.01 -12.40
N ASP C 106 12.39 -47.48 -11.29
CA ASP C 106 11.59 -47.53 -10.08
C ASP C 106 11.36 -46.14 -9.48
N LEU C 107 10.13 -45.93 -9.00
CA LEU C 107 9.70 -44.66 -8.41
C LEU C 107 10.67 -44.06 -7.40
N SER C 108 11.26 -44.91 -6.56
CA SER C 108 12.19 -44.45 -5.53
C SER C 108 13.52 -43.90 -6.06
N LEU C 109 13.72 -43.92 -7.37
CA LEU C 109 14.94 -43.43 -7.97
C LEU C 109 14.90 -41.93 -8.26
N PHE C 110 13.71 -41.35 -8.18
CA PHE C 110 13.54 -39.93 -8.50
C PHE C 110 13.18 -39.05 -7.32
N GLU C 111 13.75 -37.85 -7.33
CA GLU C 111 13.48 -36.89 -6.27
C GLU C 111 12.09 -36.32 -6.55
N GLU C 112 11.34 -36.07 -5.49
CA GLU C 112 10.00 -35.52 -5.62
C GLU C 112 10.01 -34.11 -6.20
N GLY C 113 9.00 -33.81 -7.00
CA GLY C 113 8.83 -32.50 -7.62
C GLY C 113 10.07 -31.87 -8.19
N SER C 114 10.92 -32.65 -8.85
CA SER C 114 12.16 -32.14 -9.42
C SER C 114 12.36 -32.58 -10.86
N ILE C 115 11.98 -31.75 -11.81
CA ILE C 115 12.16 -32.08 -13.22
C ILE C 115 13.63 -32.20 -13.57
N ALA C 116 14.47 -31.37 -12.93
CA ALA C 116 15.91 -31.40 -13.17
C ALA C 116 16.46 -32.77 -12.85
N ASN C 117 15.99 -33.36 -11.75
CA ASN C 117 16.45 -34.68 -11.36
C ASN C 117 15.85 -35.75 -12.27
N LEU C 118 14.62 -35.52 -12.68
CA LEU C 118 13.92 -36.44 -13.57
C LEU C 118 14.76 -36.57 -14.83
N THR C 119 14.91 -35.45 -15.54
CA THR C 119 15.69 -35.37 -16.76
C THR C 119 17.06 -35.98 -16.58
N ALA C 120 17.72 -35.61 -15.49
CA ALA C 120 19.06 -36.11 -15.19
C ALA C 120 19.09 -37.63 -15.18
N SER C 121 18.27 -38.22 -14.32
CA SER C 121 18.21 -39.67 -14.18
C SER C 121 17.88 -40.41 -15.47
N ILE C 122 16.83 -39.97 -16.16
CA ILE C 122 16.42 -40.62 -17.40
C ILE C 122 17.45 -40.52 -18.52
N ILE C 123 17.79 -39.29 -18.89
CA ILE C 123 18.76 -39.06 -19.95
C ILE C 123 20.12 -39.64 -19.61
N GLY C 124 20.61 -39.34 -18.41
CA GLY C 124 21.93 -39.82 -18.01
C GLY C 124 22.94 -39.42 -19.06
N ASN C 125 23.68 -40.39 -19.60
CA ASN C 125 24.68 -40.12 -20.62
C ASN C 125 24.43 -41.04 -21.81
N VAL C 126 23.18 -41.49 -21.93
CA VAL C 126 22.80 -42.39 -23.00
C VAL C 126 22.94 -41.77 -24.39
N PHE C 127 22.70 -40.46 -24.50
CA PHE C 127 22.79 -39.79 -25.79
C PHE C 127 24.24 -39.57 -26.27
N SER C 128 25.21 -39.75 -25.38
CA SER C 128 26.62 -39.57 -25.72
C SER C 128 27.38 -40.91 -25.73
N PHE C 129 26.65 -42.00 -25.52
CA PHE C 129 27.24 -43.34 -25.52
C PHE C 129 27.46 -43.74 -26.97
N LYS C 130 28.72 -43.80 -27.40
CA LYS C 130 29.06 -44.12 -28.78
C LYS C 130 28.44 -45.35 -29.46
N PRO C 131 28.33 -46.50 -28.76
CA PRO C 131 27.73 -47.68 -29.40
C PRO C 131 26.35 -47.41 -30.01
N ILE C 132 25.79 -46.25 -29.70
CA ILE C 132 24.49 -45.85 -30.24
C ILE C 132 24.76 -44.67 -31.17
N LYS C 133 24.46 -44.86 -32.46
CA LYS C 133 24.68 -43.81 -33.45
C LYS C 133 23.76 -42.63 -33.17
N ALA C 134 22.50 -42.93 -32.88
CA ALA C 134 21.50 -41.92 -32.60
C ALA C 134 20.53 -42.49 -31.59
N ALA C 135 19.93 -41.62 -30.79
CA ALA C 135 18.96 -42.04 -29.78
C ALA C 135 18.03 -40.87 -29.59
N ARG C 136 16.74 -41.15 -29.44
CA ARG C 136 15.74 -40.11 -29.23
C ARG C 136 14.72 -40.56 -28.20
N LEU C 137 14.32 -39.65 -27.33
CA LEU C 137 13.32 -39.97 -26.31
C LEU C 137 11.96 -39.62 -26.93
N GLU C 138 11.15 -40.63 -27.22
CA GLU C 138 9.84 -40.43 -27.84
C GLU C 138 8.70 -40.16 -26.87
N ASP C 139 8.68 -40.83 -25.72
CA ASP C 139 7.58 -40.64 -24.76
C ASP C 139 7.94 -41.20 -23.39
N MET C 140 7.13 -40.87 -22.39
CA MET C 140 7.33 -41.33 -21.02
C MET C 140 5.99 -41.51 -20.32
N ARG C 141 5.99 -42.29 -19.25
CA ARG C 141 4.79 -42.54 -18.46
C ARG C 141 5.12 -42.17 -17.03
N PHE C 142 4.27 -41.35 -16.42
CA PHE C 142 4.47 -40.92 -15.05
C PHE C 142 3.37 -41.49 -14.19
N PRO C 143 3.75 -42.28 -13.19
CA PRO C 143 2.77 -42.89 -12.29
C PRO C 143 2.05 -41.79 -11.52
N VAL C 144 0.77 -42.00 -11.23
CA VAL C 144 0.00 -41.02 -10.50
C VAL C 144 0.75 -40.63 -9.23
N ALA C 145 1.34 -41.63 -8.56
CA ALA C 145 2.10 -41.40 -7.33
C ALA C 145 3.19 -40.36 -7.54
N TYR C 146 3.78 -40.33 -8.73
CA TYR C 146 4.84 -39.38 -9.06
C TYR C 146 4.26 -38.04 -9.50
N VAL C 147 3.27 -38.09 -10.37
CA VAL C 147 2.64 -36.88 -10.86
C VAL C 147 2.19 -36.01 -9.69
N LYS C 148 1.68 -36.66 -8.65
CA LYS C 148 1.20 -35.98 -7.44
C LYS C 148 2.27 -35.19 -6.66
N THR C 149 3.55 -35.37 -6.99
CA THR C 149 4.62 -34.66 -6.30
C THR C 149 4.85 -33.28 -6.90
N PHE C 150 4.19 -33.00 -8.01
CA PHE C 150 4.30 -31.72 -8.70
C PHE C 150 2.99 -30.98 -8.51
N ALA C 151 3.05 -29.65 -8.43
CA ALA C 151 1.85 -28.84 -8.24
C ALA C 151 1.09 -28.66 -9.56
N GLY C 152 1.80 -28.82 -10.66
CA GLY C 152 1.17 -28.65 -11.96
C GLY C 152 1.07 -27.17 -12.25
N PRO C 153 0.39 -26.79 -13.34
CA PRO C 153 0.20 -25.39 -13.74
C PRO C 153 -0.23 -24.46 -12.63
N SER C 154 0.27 -23.23 -12.68
CA SER C 154 -0.03 -22.21 -11.68
C SER C 154 -1.40 -21.54 -11.83
N THR C 155 -2.13 -21.89 -12.89
CA THR C 155 -3.45 -21.32 -13.15
C THR C 155 -4.31 -22.35 -13.88
N GLY C 156 -3.94 -22.68 -15.12
CA GLY C 156 -4.72 -23.65 -15.87
C GLY C 156 -5.83 -23.00 -16.69
N ILE C 157 -6.23 -23.68 -17.77
CA ILE C 157 -7.27 -23.19 -18.67
C ILE C 157 -8.55 -22.70 -17.99
N ILE C 158 -9.21 -23.59 -17.27
CA ILE C 158 -10.45 -23.27 -16.57
C ILE C 158 -10.34 -21.99 -15.75
N VAL C 159 -9.38 -21.96 -14.84
CA VAL C 159 -9.18 -20.80 -13.97
C VAL C 159 -8.85 -19.56 -14.78
N GLU C 160 -7.99 -19.70 -15.79
CA GLU C 160 -7.60 -18.57 -16.61
C GLU C 160 -8.82 -17.93 -17.27
N ARG C 161 -9.64 -18.77 -17.93
CA ARG C 161 -10.83 -18.26 -18.59
C ARG C 161 -11.72 -17.50 -17.62
N GLU C 162 -11.82 -18.00 -16.40
CA GLU C 162 -12.64 -17.34 -15.39
C GLU C 162 -12.06 -16.00 -14.95
N ARG C 163 -10.75 -15.83 -15.10
CA ARG C 163 -10.12 -14.56 -14.75
C ARG C 163 -10.33 -13.62 -15.92
N LEU C 164 -10.43 -14.20 -17.12
CA LEU C 164 -10.61 -13.44 -18.35
C LEU C 164 -12.05 -13.16 -18.79
N ASP C 165 -13.00 -13.99 -18.35
CA ASP C 165 -14.40 -13.85 -18.74
C ASP C 165 -14.48 -14.07 -20.25
N LYS C 166 -13.69 -15.03 -20.73
CA LYS C 166 -13.64 -15.37 -22.15
C LYS C 166 -13.86 -16.87 -22.26
N PHE C 167 -15.05 -17.26 -22.71
CA PHE C 167 -15.39 -18.67 -22.81
C PHE C 167 -15.88 -19.12 -24.18
N GLY C 168 -15.62 -20.39 -24.49
CA GLY C 168 -16.07 -20.97 -25.74
C GLY C 168 -15.49 -20.38 -27.00
N ARG C 169 -14.20 -20.05 -26.97
CA ARG C 169 -13.53 -19.51 -28.14
C ARG C 169 -12.04 -19.43 -27.90
N PRO C 170 -11.24 -19.73 -28.94
CA PRO C 170 -9.79 -19.67 -28.76
C PRO C 170 -9.42 -18.21 -28.44
N LEU C 171 -8.29 -17.99 -27.80
CA LEU C 171 -7.90 -16.63 -27.48
C LEU C 171 -7.06 -16.00 -28.59
N LEU C 172 -7.11 -14.68 -28.67
CA LEU C 172 -6.40 -13.94 -29.70
C LEU C 172 -5.14 -13.29 -29.18
N GLY C 173 -4.06 -13.41 -29.93
CA GLY C 173 -2.82 -12.80 -29.52
C GLY C 173 -1.95 -12.38 -30.70
N ALA C 174 -1.15 -11.33 -30.50
CA ALA C 174 -0.24 -10.84 -31.52
C ALA C 174 1.11 -10.55 -30.89
N THR C 175 2.00 -9.90 -31.63
CA THR C 175 3.33 -9.59 -31.12
C THR C 175 3.70 -8.17 -31.46
N THR C 176 4.32 -7.47 -30.50
CA THR C 176 4.75 -6.10 -30.70
C THR C 176 5.97 -6.16 -31.61
N LYS C 177 5.71 -6.25 -32.91
CA LYS C 177 6.73 -6.37 -33.95
C LYS C 177 7.86 -5.35 -34.09
N PRO C 178 7.61 -4.06 -33.81
CA PRO C 178 8.69 -3.06 -33.94
C PRO C 178 10.05 -3.49 -33.39
N LYS C 179 10.01 -4.13 -32.21
CA LYS C 179 11.22 -4.61 -31.54
C LYS C 179 12.25 -3.49 -31.30
N LEU C 180 13.53 -3.84 -31.26
CA LEU C 180 14.59 -2.88 -31.02
C LEU C 180 14.66 -1.82 -32.11
N GLY C 181 14.18 -0.64 -31.76
CA GLY C 181 14.15 0.49 -32.67
C GLY C 181 13.03 1.42 -32.29
N LEU C 182 12.36 1.11 -31.17
CA LEU C 182 11.24 1.89 -30.68
C LEU C 182 11.45 2.25 -29.23
N SER C 183 10.76 3.29 -28.78
CA SER C 183 10.82 3.75 -27.39
C SER C 183 9.57 3.23 -26.68
N GLY C 184 9.61 3.22 -25.35
CA GLY C 184 8.48 2.74 -24.57
C GLY C 184 7.14 3.32 -24.96
N ARG C 185 7.10 4.62 -25.20
CA ARG C 185 5.85 5.30 -25.57
C ARG C 185 5.26 4.68 -26.83
N ASN C 186 6.06 4.63 -27.88
CA ASN C 186 5.63 4.07 -29.16
C ASN C 186 5.34 2.59 -29.08
N TYR C 187 6.12 1.87 -28.28
CA TYR C 187 5.94 0.43 -28.11
C TYR C 187 4.60 0.18 -27.46
N GLY C 188 4.34 0.89 -26.37
CA GLY C 188 3.08 0.72 -25.67
C GLY C 188 1.90 1.01 -26.58
N ARG C 189 2.07 1.96 -27.48
CA ARG C 189 1.01 2.28 -28.43
C ARG C 189 0.68 1.06 -29.25
N VAL C 190 1.71 0.44 -29.82
CA VAL C 190 1.52 -0.76 -30.63
C VAL C 190 0.68 -1.76 -29.87
N VAL C 191 0.91 -1.85 -28.56
CA VAL C 191 0.14 -2.75 -27.71
C VAL C 191 -1.31 -2.28 -27.58
N TYR C 192 -1.51 -0.98 -27.35
CA TYR C 192 -2.86 -0.43 -27.19
C TYR C 192 -3.72 -0.69 -28.41
N GLU C 193 -3.17 -0.39 -29.58
CA GLU C 193 -3.87 -0.58 -30.85
C GLU C 193 -4.30 -2.03 -31.02
N GLY C 194 -3.36 -2.94 -30.84
CA GLY C 194 -3.65 -4.35 -30.98
C GLY C 194 -4.74 -4.85 -30.06
N LEU C 195 -4.58 -4.64 -28.77
CA LEU C 195 -5.56 -5.09 -27.79
C LEU C 195 -6.94 -4.49 -28.04
N LYS C 196 -7.01 -3.19 -28.24
CA LYS C 196 -8.28 -2.52 -28.49
C LYS C 196 -8.99 -3.10 -29.71
N GLY C 197 -8.22 -3.43 -30.74
CA GLY C 197 -8.78 -4.00 -31.95
C GLY C 197 -9.36 -5.39 -31.80
N GLY C 198 -9.31 -5.95 -30.60
CA GLY C 198 -9.87 -7.28 -30.40
C GLY C 198 -8.91 -8.34 -29.90
N LEU C 199 -7.61 -8.05 -29.92
CA LEU C 199 -6.65 -9.03 -29.44
C LEU C 199 -6.85 -9.20 -27.93
N ASP C 200 -6.73 -10.43 -27.47
CA ASP C 200 -6.88 -10.70 -26.04
C ASP C 200 -5.54 -10.53 -25.35
N PHE C 201 -4.46 -10.73 -26.09
CA PHE C 201 -3.10 -10.64 -25.57
C PHE C 201 -2.11 -10.03 -26.57
N MET C 202 -1.02 -9.47 -26.05
CA MET C 202 0.06 -8.91 -26.84
C MET C 202 1.36 -9.46 -26.26
N LYS C 203 2.28 -9.85 -27.13
CA LYS C 203 3.55 -10.44 -26.72
C LYS C 203 4.76 -9.55 -26.95
N ASP C 204 5.68 -9.52 -25.98
CA ASP C 204 6.90 -8.72 -26.13
C ASP C 204 7.66 -9.37 -27.29
N ASP C 205 8.29 -8.56 -28.12
CA ASP C 205 8.98 -9.12 -29.29
C ASP C 205 9.99 -10.22 -28.97
N GLU C 206 9.90 -11.30 -29.74
CA GLU C 206 10.73 -12.50 -29.62
C GLU C 206 12.01 -12.51 -28.79
N ASN C 207 12.85 -11.48 -28.90
CA ASN C 207 14.11 -11.47 -28.16
C ASN C 207 14.46 -10.24 -27.32
N ILE C 208 13.49 -9.37 -27.06
CA ILE C 208 13.75 -8.17 -26.26
C ILE C 208 13.49 -8.39 -24.77
N ASN C 209 14.58 -8.48 -24.00
CA ASN C 209 14.47 -8.67 -22.56
C ASN C 209 14.64 -7.29 -21.92
N SER C 210 15.78 -6.67 -22.17
CA SER C 210 16.10 -5.33 -21.66
C SER C 210 17.47 -4.94 -22.19
N GLN C 211 17.53 -4.71 -23.50
CA GLN C 211 18.76 -4.34 -24.18
C GLN C 211 19.12 -2.86 -23.99
N PRO C 212 20.38 -2.48 -24.32
CA PRO C 212 20.89 -1.10 -24.21
C PRO C 212 20.21 -0.09 -25.15
N PHE C 213 18.97 0.26 -24.84
CA PHE C 213 18.21 1.21 -25.66
C PHE C 213 16.88 1.51 -24.96
N MET C 214 16.20 0.45 -24.56
CA MET C 214 14.92 0.56 -23.86
C MET C 214 14.95 -0.33 -22.64
N HIS C 215 14.85 0.28 -21.46
CA HIS C 215 14.89 -0.44 -20.20
C HIS C 215 13.56 -1.12 -19.90
N TRP C 216 13.62 -2.39 -19.50
CA TRP C 216 12.43 -3.17 -19.19
C TRP C 216 11.40 -2.46 -18.33
N ARG C 217 11.84 -1.69 -17.34
CA ARG C 217 10.91 -0.97 -16.46
C ARG C 217 10.05 -0.03 -17.25
N ASP C 218 10.70 0.86 -18.01
CA ASP C 218 10.01 1.84 -18.83
C ASP C 218 9.00 1.16 -19.73
N ARG C 219 9.43 0.08 -20.37
CA ARG C 219 8.56 -0.69 -21.27
C ARG C 219 7.35 -1.21 -20.50
N PHE C 220 7.59 -1.78 -19.32
CA PHE C 220 6.51 -2.32 -18.49
C PHE C 220 5.50 -1.24 -18.12
N LEU C 221 5.99 -0.07 -17.73
CA LEU C 221 5.12 1.04 -17.37
C LEU C 221 4.19 1.36 -18.53
N PHE C 222 4.77 1.65 -19.70
CA PHE C 222 3.99 1.99 -20.88
C PHE C 222 3.06 0.88 -21.35
N VAL C 223 3.57 -0.35 -21.41
CA VAL C 223 2.75 -1.47 -21.84
C VAL C 223 1.54 -1.60 -20.92
N MET C 224 1.76 -1.55 -19.61
CA MET C 224 0.65 -1.66 -18.66
C MET C 224 -0.34 -0.51 -18.79
N ASP C 225 0.16 0.65 -19.20
CA ASP C 225 -0.71 1.79 -19.39
C ASP C 225 -1.60 1.44 -20.58
N ALA C 226 -1.01 0.86 -21.61
CA ALA C 226 -1.71 0.47 -22.82
C ALA C 226 -2.77 -0.57 -22.50
N VAL C 227 -2.38 -1.64 -21.80
CA VAL C 227 -3.29 -2.70 -21.43
C VAL C 227 -4.51 -2.14 -20.69
N ASN C 228 -4.25 -1.25 -19.74
CA ASN C 228 -5.34 -0.65 -18.98
C ASN C 228 -6.21 0.19 -19.87
N LYS C 229 -5.59 1.05 -20.67
CA LYS C 229 -6.30 1.93 -21.60
C LYS C 229 -7.18 1.08 -22.52
N ALA C 230 -6.67 -0.08 -22.93
CA ALA C 230 -7.39 -0.99 -23.82
C ALA C 230 -8.61 -1.58 -23.11
N SER C 231 -8.41 -2.01 -21.87
CA SER C 231 -9.49 -2.61 -21.09
C SER C 231 -10.66 -1.65 -20.99
N ALA C 232 -10.37 -0.39 -20.70
CA ALA C 232 -11.40 0.63 -20.57
C ALA C 232 -12.08 1.03 -21.87
N ALA C 233 -11.53 0.59 -23.00
CA ALA C 233 -12.10 0.94 -24.31
C ALA C 233 -12.88 -0.21 -24.93
N THR C 234 -12.66 -1.41 -24.43
CA THR C 234 -13.31 -2.61 -24.91
C THR C 234 -14.29 -3.18 -23.90
N GLY C 235 -13.96 -3.02 -22.61
CA GLY C 235 -14.82 -3.52 -21.55
C GLY C 235 -14.57 -4.99 -21.21
N GLU C 236 -13.33 -5.44 -21.45
CA GLU C 236 -12.97 -6.82 -21.16
C GLU C 236 -11.56 -6.87 -20.59
N VAL C 237 -11.20 -8.00 -20.00
CA VAL C 237 -9.88 -8.16 -19.40
C VAL C 237 -8.82 -8.27 -20.50
N LYS C 238 -7.78 -7.44 -20.40
CA LYS C 238 -6.69 -7.42 -21.37
C LYS C 238 -5.35 -7.74 -20.72
N GLY C 239 -4.36 -8.10 -21.52
CA GLY C 239 -3.05 -8.41 -20.98
C GLY C 239 -1.94 -8.45 -22.02
N SER C 240 -0.70 -8.46 -21.54
CA SER C 240 0.48 -8.50 -22.40
C SER C 240 1.51 -9.38 -21.70
N TYR C 241 2.02 -10.39 -22.39
CA TYR C 241 3.02 -11.30 -21.83
C TYR C 241 4.31 -10.53 -21.58
N LEU C 242 4.39 -9.83 -20.45
CA LEU C 242 5.58 -9.08 -20.13
C LEU C 242 6.73 -10.05 -19.95
N ASN C 243 7.70 -10.02 -20.86
CA ASN C 243 8.82 -10.93 -20.76
C ASN C 243 9.63 -10.61 -19.52
N VAL C 244 9.76 -11.62 -18.67
CA VAL C 244 10.46 -11.50 -17.41
C VAL C 244 11.79 -12.25 -17.46
N THR C 245 12.08 -12.87 -18.60
CA THR C 245 13.32 -13.63 -18.80
C THR C 245 14.55 -12.74 -18.53
N ALA C 246 15.49 -13.27 -17.76
CA ALA C 246 16.70 -12.54 -17.42
C ALA C 246 17.88 -13.51 -17.14
N GLY C 247 19.07 -12.97 -16.95
CA GLY C 247 20.26 -13.77 -16.71
C GLY C 247 20.38 -14.52 -15.39
N THR C 248 19.77 -14.00 -14.34
CA THR C 248 19.84 -14.65 -13.04
C THR C 248 18.44 -14.65 -12.43
N MET C 249 18.21 -15.54 -11.46
CA MET C 249 16.91 -15.63 -10.80
C MET C 249 16.54 -14.34 -10.09
N GLU C 250 17.56 -13.64 -9.60
CA GLU C 250 17.35 -12.39 -8.91
C GLU C 250 16.71 -11.32 -9.81
N GLU C 251 17.18 -11.22 -11.05
CA GLU C 251 16.63 -10.25 -12.01
C GLU C 251 15.22 -10.70 -12.40
N MET C 252 15.10 -11.97 -12.74
CA MET C 252 13.84 -12.57 -13.14
C MET C 252 12.76 -12.28 -12.10
N TYR C 253 13.04 -12.54 -10.83
CA TYR C 253 12.06 -12.28 -9.76
C TYR C 253 11.82 -10.78 -9.64
N ARG C 254 12.87 -10.00 -9.87
CA ARG C 254 12.79 -8.55 -9.77
C ARG C 254 11.80 -8.01 -10.80
N ARG C 255 11.84 -8.57 -12.01
CA ARG C 255 10.96 -8.16 -13.09
C ARG C 255 9.56 -8.75 -12.88
N ALA C 256 9.49 -9.96 -12.31
CA ALA C 256 8.21 -10.59 -12.05
C ALA C 256 7.45 -9.75 -11.04
N GLU C 257 8.16 -9.31 -10.01
CA GLU C 257 7.57 -8.48 -8.96
C GLU C 257 7.11 -7.14 -9.47
N PHE C 258 7.88 -6.55 -10.38
CA PHE C 258 7.47 -5.25 -10.93
C PHE C 258 6.24 -5.47 -11.79
N ALA C 259 6.25 -6.52 -12.61
CA ALA C 259 5.12 -6.83 -13.46
C ALA C 259 3.90 -6.98 -12.57
N LYS C 260 4.04 -7.75 -11.49
CA LYS C 260 2.93 -7.95 -10.57
C LYS C 260 2.43 -6.63 -10.00
N SER C 261 3.35 -5.79 -9.53
CA SER C 261 2.99 -4.51 -8.94
C SER C 261 2.15 -3.65 -9.87
N LEU C 262 2.48 -3.67 -11.16
CA LEU C 262 1.73 -2.90 -12.14
C LEU C 262 0.35 -3.50 -12.41
N GLY C 263 0.11 -4.69 -11.88
CA GLY C 263 -1.19 -5.34 -12.05
C GLY C 263 -1.39 -6.22 -13.26
N SER C 264 -0.32 -6.77 -13.82
CA SER C 264 -0.42 -7.63 -14.99
C SER C 264 -0.96 -9.01 -14.67
N VAL C 265 -1.92 -9.43 -15.48
CA VAL C 265 -2.56 -10.72 -15.31
C VAL C 265 -1.68 -11.85 -15.80
N ILE C 266 -0.70 -11.53 -16.64
CA ILE C 266 0.15 -12.56 -17.23
C ILE C 266 1.61 -12.16 -17.31
N ILE C 267 2.46 -13.18 -17.37
CA ILE C 267 3.91 -12.98 -17.44
C ILE C 267 4.46 -13.95 -18.49
N MET C 268 5.68 -13.72 -18.94
CA MET C 268 6.29 -14.59 -19.95
C MET C 268 7.72 -14.94 -19.60
N VAL C 269 8.09 -16.20 -19.81
CA VAL C 269 9.42 -16.68 -19.54
C VAL C 269 9.87 -17.51 -20.72
N ASP C 270 11.17 -17.48 -20.99
CA ASP C 270 11.76 -18.25 -22.09
C ASP C 270 12.26 -19.59 -21.59
N LEU C 271 11.94 -20.65 -22.33
CA LEU C 271 12.35 -21.99 -21.99
C LEU C 271 13.82 -22.11 -21.61
N ILE C 272 14.69 -21.44 -22.38
CA ILE C 272 16.15 -21.49 -22.17
C ILE C 272 16.62 -21.23 -20.75
N VAL C 273 15.77 -20.59 -19.96
CA VAL C 273 16.09 -20.26 -18.60
C VAL C 273 16.43 -21.49 -17.77
N GLY C 274 15.80 -22.63 -18.08
CA GLY C 274 16.09 -23.85 -17.35
C GLY C 274 14.95 -24.38 -16.52
N TRP C 275 14.87 -25.70 -16.43
CA TRP C 275 13.83 -26.39 -15.68
C TRP C 275 13.66 -25.89 -14.25
N THR C 276 14.78 -25.70 -13.56
CA THR C 276 14.75 -25.24 -12.19
C THR C 276 14.23 -23.81 -12.07
N CYS C 277 14.59 -22.93 -12.99
CA CYS C 277 14.11 -21.56 -12.93
C CYS C 277 12.61 -21.51 -13.17
N ILE C 278 12.15 -22.30 -14.13
CA ILE C 278 10.74 -22.37 -14.46
C ILE C 278 9.93 -22.84 -13.27
N GLN C 279 10.42 -23.87 -12.57
CA GLN C 279 9.71 -24.39 -11.41
C GLN C 279 9.59 -23.30 -10.35
N SER C 280 10.65 -22.54 -10.14
CA SER C 280 10.60 -21.47 -9.17
C SER C 280 9.60 -20.38 -9.62
N MET C 281 9.60 -20.07 -10.91
CA MET C 281 8.69 -19.06 -11.44
C MET C 281 7.25 -19.51 -11.35
N SER C 282 7.02 -20.80 -11.55
CA SER C 282 5.69 -21.38 -11.49
C SER C 282 5.17 -21.26 -10.07
N ASN C 283 6.01 -21.64 -9.11
CA ASN C 283 5.66 -21.55 -7.70
C ASN C 283 5.30 -20.11 -7.38
N TRP C 284 6.12 -19.18 -7.85
CA TRP C 284 5.91 -17.76 -7.62
C TRP C 284 4.57 -17.32 -8.16
N CYS C 285 4.30 -17.61 -9.43
CA CYS C 285 3.05 -17.22 -10.04
C CYS C 285 1.82 -17.68 -9.26
N ARG C 286 1.82 -18.92 -8.78
CA ARG C 286 0.70 -19.47 -8.04
C ARG C 286 0.45 -18.61 -6.81
N GLN C 287 1.52 -18.32 -6.09
CA GLN C 287 1.46 -17.53 -4.87
C GLN C 287 1.29 -16.03 -5.10
N ASN C 288 1.21 -15.64 -6.36
CA ASN C 288 1.04 -14.23 -6.71
C ASN C 288 -0.09 -14.05 -7.73
N ASP C 289 -0.84 -15.12 -7.97
CA ASP C 289 -1.96 -15.10 -8.91
C ASP C 289 -1.60 -14.60 -10.31
N MET C 290 -0.56 -15.20 -10.90
CA MET C 290 -0.12 -14.83 -12.23
C MET C 290 -0.24 -16.00 -13.20
N ILE C 291 -0.44 -15.69 -14.47
CA ILE C 291 -0.50 -16.71 -15.50
C ILE C 291 0.93 -16.76 -16.06
N LEU C 292 1.51 -17.96 -16.16
CA LEU C 292 2.86 -18.12 -16.65
C LEU C 292 2.90 -18.58 -18.11
N HIS C 293 3.26 -17.67 -19.00
CA HIS C 293 3.35 -17.97 -20.42
C HIS C 293 4.76 -18.43 -20.76
N LEU C 294 4.88 -19.63 -21.30
CA LEU C 294 6.19 -20.17 -21.67
C LEU C 294 6.45 -20.05 -23.15
N HIS C 295 7.57 -19.44 -23.50
CA HIS C 295 7.97 -19.26 -24.88
C HIS C 295 9.04 -20.33 -25.13
N ARG C 296 8.72 -21.32 -25.94
CA ARG C 296 9.65 -22.42 -26.23
C ARG C 296 10.86 -22.13 -27.14
N ALA C 297 11.43 -20.93 -27.02
CA ALA C 297 12.58 -20.55 -27.85
C ALA C 297 13.77 -21.47 -27.65
N GLY C 298 14.33 -21.96 -28.75
CA GLY C 298 15.49 -22.84 -28.69
C GLY C 298 15.27 -24.33 -28.66
N HIS C 299 14.02 -24.76 -28.46
CA HIS C 299 13.72 -26.20 -28.40
C HIS C 299 14.19 -26.99 -29.62
N GLY C 300 14.09 -26.38 -30.80
CA GLY C 300 14.48 -27.04 -32.03
C GLY C 300 15.82 -27.74 -32.05
N THR C 301 16.74 -27.31 -31.18
CA THR C 301 18.06 -27.91 -31.12
C THR C 301 18.01 -29.42 -30.89
N TYR C 302 16.96 -29.89 -30.23
CA TYR C 302 16.81 -31.32 -29.95
C TYR C 302 15.44 -31.90 -30.33
N THR C 303 14.44 -31.06 -30.51
CA THR C 303 13.10 -31.52 -30.87
C THR C 303 12.81 -31.54 -32.38
N ARG C 304 13.83 -31.35 -33.20
CA ARG C 304 13.65 -31.33 -34.65
C ARG C 304 13.90 -32.65 -35.36
N GLN C 305 15.08 -33.22 -35.18
CA GLN C 305 15.43 -34.47 -35.84
C GLN C 305 14.83 -35.72 -35.20
N LYS C 306 13.97 -36.40 -35.95
CA LYS C 306 13.33 -37.64 -35.51
C LYS C 306 14.28 -38.83 -35.62
N ASN C 307 15.30 -38.84 -34.78
CA ASN C 307 16.31 -39.91 -34.73
C ASN C 307 17.30 -39.64 -33.59
N HIS C 308 17.32 -38.39 -33.12
CA HIS C 308 18.16 -38.00 -32.00
C HIS C 308 17.56 -36.77 -31.32
N GLY C 309 17.56 -36.79 -30.00
CA GLY C 309 17.01 -35.67 -29.25
C GLY C 309 15.91 -36.11 -28.31
N VAL C 310 14.96 -35.22 -28.07
CA VAL C 310 13.85 -35.49 -27.18
C VAL C 310 12.61 -34.92 -27.86
N SER C 311 11.57 -35.75 -28.03
CA SER C 311 10.35 -35.29 -28.68
C SER C 311 9.67 -34.23 -27.86
N PHE C 312 9.17 -33.20 -28.53
CA PHE C 312 8.52 -32.13 -27.83
C PHE C 312 7.40 -32.58 -26.90
N ARG C 313 6.72 -33.68 -27.25
CA ARG C 313 5.62 -34.15 -26.39
C ARG C 313 6.11 -34.43 -24.98
N VAL C 314 7.35 -34.92 -24.88
CA VAL C 314 7.93 -35.19 -23.57
C VAL C 314 8.20 -33.86 -22.89
N ILE C 315 8.83 -32.95 -23.63
CA ILE C 315 9.14 -31.62 -23.12
C ILE C 315 7.82 -31.00 -22.62
N ALA C 316 6.75 -31.24 -23.36
CA ALA C 316 5.44 -30.72 -23.01
C ALA C 316 4.94 -31.33 -21.68
N LYS C 317 5.17 -32.62 -21.49
CA LYS C 317 4.73 -33.28 -20.26
C LYS C 317 5.47 -32.67 -19.09
N TRP C 318 6.79 -32.55 -19.23
CA TRP C 318 7.62 -31.97 -18.20
C TRP C 318 7.14 -30.56 -17.85
N LEU C 319 6.95 -29.74 -18.87
CA LEU C 319 6.49 -28.37 -18.67
C LEU C 319 5.16 -28.30 -17.92
N ARG C 320 4.28 -29.27 -18.15
CA ARG C 320 3.00 -29.29 -17.47
C ARG C 320 3.26 -29.60 -15.99
N LEU C 321 4.12 -30.58 -15.73
CA LEU C 321 4.46 -30.94 -14.38
C LEU C 321 5.10 -29.73 -13.70
N ALA C 322 5.94 -29.00 -14.44
CA ALA C 322 6.62 -27.81 -13.92
C ALA C 322 5.64 -26.75 -13.48
N GLY C 323 4.55 -26.58 -14.22
CA GLY C 323 3.55 -25.61 -13.83
C GLY C 323 3.35 -24.44 -14.77
N VAL C 324 3.67 -24.63 -16.04
CA VAL C 324 3.50 -23.57 -17.02
C VAL C 324 2.02 -23.42 -17.35
N ASP C 325 1.58 -22.21 -17.70
CA ASP C 325 0.17 -21.98 -18.03
C ASP C 325 -0.16 -21.89 -19.52
N HIS C 326 0.77 -21.35 -20.31
CA HIS C 326 0.59 -21.26 -21.76
C HIS C 326 1.82 -21.97 -22.29
N MET C 327 1.68 -22.71 -23.38
CA MET C 327 2.81 -23.42 -23.95
C MET C 327 2.70 -23.45 -25.47
N HIS C 328 3.76 -23.01 -26.15
CA HIS C 328 3.74 -23.02 -27.60
C HIS C 328 3.78 -24.47 -28.02
N THR C 329 2.73 -24.90 -28.71
CA THR C 329 2.61 -26.30 -29.14
C THR C 329 2.81 -26.52 -30.64
N GLY C 330 2.28 -25.62 -31.45
CA GLY C 330 2.45 -25.78 -32.87
C GLY C 330 1.27 -25.33 -33.73
N THR C 331 1.59 -24.94 -34.96
CA THR C 331 0.59 -24.48 -35.92
C THR C 331 -0.10 -25.67 -36.59
N ALA C 332 0.66 -26.74 -36.81
CA ALA C 332 0.14 -27.96 -37.43
C ALA C 332 -0.42 -27.74 -38.84
N VAL C 333 0.40 -28.02 -39.85
CA VAL C 333 0.03 -27.89 -41.26
C VAL C 333 -0.19 -26.44 -41.72
N GLY C 334 -0.86 -25.63 -40.90
CA GLY C 334 -1.10 -24.24 -41.27
C GLY C 334 0.17 -23.54 -41.66
N LYS C 335 1.29 -23.97 -41.09
CA LYS C 335 2.59 -23.39 -41.38
C LYS C 335 3.68 -24.44 -41.17
N LEU C 336 4.87 -24.13 -41.64
CA LEU C 336 6.03 -25.00 -41.51
C LEU C 336 6.41 -25.16 -40.04
N GLU C 337 6.04 -26.29 -39.44
CA GLU C 337 6.32 -26.58 -38.05
C GLU C 337 6.36 -28.09 -37.83
N GLY C 338 5.21 -28.74 -38.00
CA GLY C 338 5.13 -30.18 -37.82
C GLY C 338 3.84 -30.83 -38.31
N ASP C 339 3.79 -32.15 -38.19
CA ASP C 339 2.66 -32.98 -38.59
C ASP C 339 1.42 -32.77 -37.72
N PRO C 340 0.24 -32.53 -38.33
CA PRO C 340 -1.03 -32.30 -37.64
C PRO C 340 -1.31 -33.22 -36.46
N LEU C 341 -1.34 -34.54 -36.72
CA LEU C 341 -1.59 -35.52 -35.67
C LEU C 341 -0.59 -35.41 -34.54
N THR C 342 0.69 -35.36 -34.90
CA THR C 342 1.77 -35.26 -33.91
C THR C 342 1.58 -34.00 -33.07
N VAL C 343 1.15 -32.92 -33.72
CA VAL C 343 0.90 -31.66 -33.03
C VAL C 343 -0.27 -31.85 -32.07
N GLN C 344 -1.27 -32.65 -32.50
CA GLN C 344 -2.42 -32.92 -31.66
C GLN C 344 -1.97 -33.74 -30.46
N GLY C 345 -0.92 -34.53 -30.63
CA GLY C 345 -0.39 -35.32 -29.52
C GLY C 345 0.08 -34.32 -28.47
N TYR C 346 0.82 -33.32 -28.93
CA TYR C 346 1.34 -32.26 -28.06
C TYR C 346 0.18 -31.56 -27.38
N TYR C 347 -0.81 -31.15 -28.17
CA TYR C 347 -1.99 -30.47 -27.64
C TYR C 347 -2.69 -31.33 -26.58
N ASN C 348 -2.71 -32.64 -26.80
CA ASN C 348 -3.32 -33.57 -25.87
C ASN C 348 -2.59 -33.56 -24.54
N VAL C 349 -1.26 -33.62 -24.61
CA VAL C 349 -0.42 -33.60 -23.42
C VAL C 349 -0.75 -32.39 -22.55
N CYS C 350 -1.11 -31.28 -23.19
CA CYS C 350 -1.46 -30.05 -22.49
C CYS C 350 -2.87 -29.99 -21.94
N ARG C 351 -3.85 -30.49 -22.70
CA ARG C 351 -5.25 -30.40 -22.29
C ARG C 351 -5.96 -31.65 -21.80
N ASP C 352 -5.30 -32.79 -21.83
CA ASP C 352 -5.95 -34.03 -21.40
C ASP C 352 -6.02 -34.18 -19.89
N ALA C 353 -7.12 -34.75 -19.42
CA ALA C 353 -7.29 -35.02 -18.00
C ALA C 353 -6.65 -36.40 -17.81
N TYR C 354 -6.72 -37.20 -18.87
CA TYR C 354 -6.14 -38.54 -18.91
C TYR C 354 -5.78 -38.79 -20.38
N THR C 355 -4.49 -38.74 -20.69
CA THR C 355 -4.01 -38.95 -22.04
C THR C 355 -4.01 -40.44 -22.40
N GLN C 356 -4.78 -40.80 -23.41
CA GLN C 356 -4.87 -42.19 -23.86
C GLN C 356 -3.88 -42.46 -24.99
N THR C 357 -3.28 -43.66 -24.96
CA THR C 357 -2.29 -44.08 -25.94
C THR C 357 -2.83 -43.93 -27.34
N ASP C 358 -2.03 -43.33 -28.22
CA ASP C 358 -2.43 -43.08 -29.59
C ASP C 358 -1.19 -43.06 -30.46
N LEU C 359 -0.82 -44.21 -31.01
CA LEU C 359 0.35 -44.33 -31.85
C LEU C 359 0.38 -43.41 -33.07
N THR C 360 -0.79 -43.02 -33.58
CA THR C 360 -0.82 -42.14 -34.75
C THR C 360 -0.40 -40.73 -34.37
N ARG C 361 -0.78 -40.31 -33.16
CA ARG C 361 -0.41 -38.98 -32.67
C ARG C 361 0.88 -39.06 -31.85
N GLY C 362 1.61 -40.16 -32.01
CA GLY C 362 2.87 -40.35 -31.30
C GLY C 362 2.78 -40.65 -29.82
N LEU C 363 1.57 -40.82 -29.30
CA LEU C 363 1.38 -41.11 -27.90
C LEU C 363 1.54 -42.59 -27.63
N PHE C 364 2.66 -42.95 -27.03
CA PHE C 364 2.98 -44.34 -26.73
C PHE C 364 2.49 -44.88 -25.38
N PHE C 365 2.21 -43.98 -24.44
CA PHE C 365 1.76 -44.41 -23.11
C PHE C 365 0.50 -43.69 -22.68
N ASP C 366 -0.22 -44.34 -21.77
CA ASP C 366 -1.45 -43.78 -21.20
C ASP C 366 -0.93 -42.96 -20.03
N GLN C 367 -1.27 -41.68 -20.00
CA GLN C 367 -0.81 -40.82 -18.92
C GLN C 367 -1.97 -40.23 -18.14
N ASP C 368 -2.05 -40.61 -16.86
CA ASP C 368 -3.09 -40.09 -15.97
C ASP C 368 -2.47 -38.85 -15.35
N TRP C 369 -3.11 -37.70 -15.55
CA TRP C 369 -2.60 -36.44 -15.03
C TRP C 369 -3.04 -36.11 -13.61
N ALA C 370 -3.57 -37.11 -12.90
CA ALA C 370 -4.03 -36.97 -11.52
C ALA C 370 -4.61 -35.61 -11.10
N SER C 371 -5.47 -35.07 -11.93
CA SER C 371 -6.14 -33.80 -11.66
C SER C 371 -5.27 -32.53 -11.76
N LEU C 372 -4.11 -32.62 -12.40
CA LEU C 372 -3.25 -31.45 -12.58
C LEU C 372 -3.96 -30.56 -13.58
N ARG C 373 -3.96 -29.26 -13.31
CA ARG C 373 -4.61 -28.29 -14.18
C ARG C 373 -4.06 -28.37 -15.61
N LYS C 374 -4.94 -28.11 -16.57
CA LYS C 374 -4.60 -28.16 -17.99
C LYS C 374 -3.85 -26.91 -18.47
N VAL C 375 -2.93 -27.14 -19.40
CA VAL C 375 -2.11 -26.08 -19.99
C VAL C 375 -2.73 -25.57 -21.29
N MET C 376 -2.66 -24.25 -21.50
CA MET C 376 -3.18 -23.61 -22.70
C MET C 376 -2.17 -23.67 -23.84
N PRO C 377 -2.50 -24.36 -24.92
CA PRO C 377 -1.56 -24.44 -26.04
C PRO C 377 -1.54 -23.09 -26.74
N VAL C 378 -0.44 -22.80 -27.41
CA VAL C 378 -0.30 -21.55 -28.15
C VAL C 378 0.14 -21.89 -29.56
N ALA C 379 -0.72 -21.58 -30.53
CA ALA C 379 -0.44 -21.83 -31.94
C ALA C 379 0.26 -20.60 -32.49
N SER C 380 1.50 -20.77 -32.90
CA SER C 380 2.31 -19.68 -33.42
C SER C 380 2.98 -20.10 -34.72
N GLY C 381 3.22 -19.13 -35.58
CA GLY C 381 3.85 -19.39 -36.86
C GLY C 381 3.22 -18.51 -37.92
N GLY C 382 3.50 -18.82 -39.18
CA GLY C 382 2.95 -18.05 -40.28
C GLY C 382 1.47 -18.34 -40.49
N ILE C 383 0.63 -17.75 -39.64
CA ILE C 383 -0.81 -17.94 -39.75
C ILE C 383 -1.53 -16.62 -39.94
N HIS C 384 -2.79 -16.72 -40.38
CA HIS C 384 -3.62 -15.55 -40.66
C HIS C 384 -5.08 -15.98 -40.70
N ALA C 385 -5.97 -14.99 -40.66
CA ALA C 385 -7.41 -15.22 -40.68
C ALA C 385 -7.88 -16.29 -41.67
N GLY C 386 -7.26 -16.34 -42.84
CA GLY C 386 -7.63 -17.30 -43.86
C GLY C 386 -7.66 -18.76 -43.40
N GLN C 387 -6.76 -19.12 -42.50
CA GLN C 387 -6.69 -20.49 -41.99
C GLN C 387 -7.63 -20.77 -40.83
N MET C 388 -8.31 -19.73 -40.33
CA MET C 388 -9.22 -19.85 -39.19
C MET C 388 -9.96 -21.18 -39.10
N HIS C 389 -10.77 -21.46 -40.12
CA HIS C 389 -11.55 -22.69 -40.19
C HIS C 389 -10.74 -23.96 -39.97
N GLN C 390 -9.50 -23.98 -40.47
CA GLN C 390 -8.63 -25.14 -40.31
C GLN C 390 -8.24 -25.27 -38.83
N LEU C 391 -7.74 -24.17 -38.27
CA LEU C 391 -7.31 -24.11 -36.89
C LEU C 391 -8.44 -24.53 -35.95
N ILE C 392 -9.58 -23.84 -36.04
CA ILE C 392 -10.74 -24.14 -35.20
C ILE C 392 -11.06 -25.64 -35.24
N HIS C 393 -10.93 -26.23 -36.42
CA HIS C 393 -11.20 -27.65 -36.60
C HIS C 393 -10.13 -28.55 -35.97
N LEU C 394 -8.87 -28.16 -36.12
CA LEU C 394 -7.77 -28.95 -35.60
C LEU C 394 -7.54 -28.81 -34.11
N PHE C 395 -7.79 -27.62 -33.57
CA PHE C 395 -7.54 -27.37 -32.15
C PHE C 395 -8.76 -27.14 -31.28
N GLY C 396 -9.75 -26.43 -31.81
CA GLY C 396 -10.93 -26.19 -31.02
C GLY C 396 -10.85 -24.87 -30.28
N ASP C 397 -11.54 -24.80 -29.15
CA ASP C 397 -11.60 -23.60 -28.34
C ASP C 397 -10.40 -23.29 -27.45
N ASP C 398 -9.84 -24.33 -26.82
CA ASP C 398 -8.72 -24.10 -25.92
C ASP C 398 -7.37 -24.03 -26.61
N VAL C 399 -7.08 -22.85 -27.14
CA VAL C 399 -5.82 -22.58 -27.82
C VAL C 399 -5.68 -21.07 -27.99
N VAL C 400 -4.45 -20.57 -27.93
CA VAL C 400 -4.21 -19.14 -28.12
C VAL C 400 -3.66 -18.97 -29.51
N LEU C 401 -4.44 -18.33 -30.39
CA LEU C 401 -4.02 -18.12 -31.76
C LEU C 401 -3.12 -16.90 -31.83
N GLN C 402 -1.82 -17.17 -31.93
CA GLN C 402 -0.80 -16.13 -31.98
C GLN C 402 -0.51 -15.69 -33.42
N PHE C 403 -1.12 -14.59 -33.84
CA PHE C 403 -0.91 -14.07 -35.19
C PHE C 403 0.19 -13.01 -35.16
N GLY C 404 1.20 -13.17 -35.99
CA GLY C 404 2.28 -12.20 -36.03
C GLY C 404 2.15 -11.19 -37.15
N GLY C 405 2.92 -11.39 -38.22
CA GLY C 405 2.87 -10.49 -39.36
C GLY C 405 1.47 -10.22 -39.89
N GLY C 406 0.61 -11.23 -39.87
CA GLY C 406 -0.75 -11.07 -40.36
C GLY C 406 -1.54 -9.96 -39.69
N THR C 407 -1.25 -9.70 -38.42
CA THR C 407 -1.94 -8.67 -37.67
C THR C 407 -1.23 -7.33 -37.77
N ILE C 408 0.02 -7.32 -37.38
CA ILE C 408 0.83 -6.10 -37.38
C ILE C 408 0.97 -5.50 -38.77
N GLY C 409 1.24 -6.35 -39.75
CA GLY C 409 1.42 -5.90 -41.12
C GLY C 409 0.16 -5.62 -41.89
N HIS C 410 -0.97 -5.53 -41.19
CA HIS C 410 -2.24 -5.26 -41.85
C HIS C 410 -2.22 -3.87 -42.47
N PRO C 411 -2.66 -3.77 -43.75
CA PRO C 411 -2.72 -2.53 -44.53
C PRO C 411 -3.28 -1.31 -43.80
N GLN C 412 -4.33 -1.52 -43.00
CA GLN C 412 -4.96 -0.43 -42.26
C GLN C 412 -4.52 -0.37 -40.79
N GLY C 413 -3.28 -0.77 -40.53
CA GLY C 413 -2.77 -0.74 -39.17
C GLY C 413 -3.04 -1.99 -38.34
N ILE C 414 -2.44 -2.03 -37.17
CA ILE C 414 -2.57 -3.17 -36.26
C ILE C 414 -3.99 -3.37 -35.75
N GLN C 415 -4.62 -2.30 -35.30
CA GLN C 415 -5.97 -2.38 -34.78
C GLN C 415 -6.87 -3.07 -35.78
N ALA C 416 -6.68 -2.74 -37.05
CA ALA C 416 -7.48 -3.34 -38.13
C ALA C 416 -7.18 -4.83 -38.22
N GLY C 417 -5.89 -5.19 -38.21
CA GLY C 417 -5.52 -6.59 -38.28
C GLY C 417 -6.16 -7.37 -37.15
N ALA C 418 -6.18 -6.75 -35.97
CA ALA C 418 -6.77 -7.35 -34.78
C ALA C 418 -8.24 -7.66 -35.02
N THR C 419 -8.99 -6.63 -35.41
CA THR C 419 -10.41 -6.75 -35.68
C THR C 419 -10.67 -7.84 -36.72
N ALA C 420 -9.80 -7.92 -37.71
CA ALA C 420 -9.92 -8.91 -38.77
C ALA C 420 -9.90 -10.29 -38.14
N ASN C 421 -8.79 -10.62 -37.50
CA ASN C 421 -8.64 -11.92 -36.86
C ASN C 421 -9.76 -12.19 -35.85
N ARG C 422 -10.11 -11.18 -35.07
CA ARG C 422 -11.16 -11.33 -34.08
C ARG C 422 -12.46 -11.75 -34.76
N VAL C 423 -12.92 -10.96 -35.72
CA VAL C 423 -14.15 -11.27 -36.43
C VAL C 423 -14.07 -12.65 -37.07
N ALA C 424 -12.97 -12.92 -37.77
CA ALA C 424 -12.76 -14.20 -38.43
C ALA C 424 -12.98 -15.33 -37.42
N LEU C 425 -12.53 -15.11 -36.20
CA LEU C 425 -12.65 -16.08 -35.14
C LEU C 425 -14.12 -16.17 -34.69
N GLU C 426 -14.68 -15.04 -34.28
CA GLU C 426 -16.06 -14.94 -33.80
C GLU C 426 -17.02 -15.66 -34.73
N ALA C 427 -17.00 -15.27 -36.00
CA ALA C 427 -17.85 -15.84 -37.03
C ALA C 427 -17.63 -17.34 -37.15
N MET C 428 -16.38 -17.75 -37.33
CA MET C 428 -16.03 -19.15 -37.48
C MET C 428 -16.58 -20.01 -36.34
N VAL C 429 -16.60 -19.45 -35.13
CA VAL C 429 -17.12 -20.17 -33.98
C VAL C 429 -18.63 -20.29 -34.10
N LEU C 430 -19.30 -19.16 -34.32
CA LEU C 430 -20.76 -19.14 -34.46
C LEU C 430 -21.17 -20.18 -35.48
N ALA C 431 -20.57 -20.09 -36.67
CA ALA C 431 -20.85 -21.02 -37.76
C ALA C 431 -20.62 -22.45 -37.31
N ARG C 432 -19.45 -22.71 -36.74
CA ARG C 432 -19.10 -24.04 -36.26
C ARG C 432 -20.14 -24.56 -35.27
N ASN C 433 -20.63 -23.66 -34.41
CA ASN C 433 -21.63 -24.02 -33.41
C ASN C 433 -22.93 -24.42 -34.08
N GLU C 434 -23.27 -23.72 -35.17
CA GLU C 434 -24.49 -24.00 -35.92
C GLU C 434 -24.40 -25.37 -36.59
N GLY C 435 -23.19 -25.92 -36.67
CA GLY C 435 -22.99 -27.23 -37.27
C GLY C 435 -22.29 -27.21 -38.62
N ARG C 436 -22.25 -26.06 -39.26
CA ARG C 436 -21.64 -25.89 -40.58
C ARG C 436 -20.24 -26.49 -40.65
N ASP C 437 -19.96 -27.16 -41.77
CA ASP C 437 -18.67 -27.78 -41.98
C ASP C 437 -17.55 -26.74 -42.05
N ILE C 438 -16.96 -26.48 -40.89
CA ILE C 438 -15.87 -25.53 -40.72
C ILE C 438 -14.88 -25.59 -41.89
N LEU C 439 -14.42 -26.80 -42.19
CA LEU C 439 -13.46 -27.04 -43.26
C LEU C 439 -13.90 -26.53 -44.62
N ASN C 440 -14.81 -27.27 -45.24
CA ASN C 440 -15.34 -26.96 -46.56
C ASN C 440 -15.98 -25.58 -46.69
N GLU C 441 -16.88 -25.26 -45.76
CA GLU C 441 -17.56 -23.98 -45.80
C GLU C 441 -16.71 -22.81 -45.30
N GLY C 442 -15.59 -23.14 -44.65
CA GLY C 442 -14.71 -22.11 -44.12
C GLY C 442 -14.56 -20.88 -44.98
N PRO C 443 -13.96 -21.02 -46.17
CA PRO C 443 -13.75 -19.90 -47.10
C PRO C 443 -15.00 -19.03 -47.29
N GLU C 444 -16.15 -19.68 -47.47
CA GLU C 444 -17.40 -18.97 -47.65
C GLU C 444 -17.76 -18.17 -46.40
N ILE C 445 -17.73 -18.83 -45.25
CA ILE C 445 -18.05 -18.19 -43.97
C ILE C 445 -17.18 -16.95 -43.79
N LEU C 446 -15.90 -17.08 -44.12
CA LEU C 446 -14.96 -15.98 -44.00
C LEU C 446 -15.34 -14.87 -45.00
N ARG C 447 -15.74 -15.25 -46.20
CA ARG C 447 -16.16 -14.28 -47.21
C ARG C 447 -17.40 -13.52 -46.73
N ASP C 448 -18.34 -14.26 -46.12
CA ASP C 448 -19.59 -13.68 -45.61
C ASP C 448 -19.29 -12.63 -44.56
N ALA C 449 -18.31 -12.94 -43.70
CA ALA C 449 -17.90 -12.02 -42.65
C ALA C 449 -17.15 -10.83 -43.24
N ALA C 450 -16.20 -11.12 -44.12
CA ALA C 450 -15.39 -10.09 -44.78
C ALA C 450 -16.28 -9.08 -45.50
N ARG C 451 -17.41 -9.56 -46.00
CA ARG C 451 -18.37 -8.75 -46.72
C ARG C 451 -18.76 -7.49 -45.96
N TRP C 452 -19.04 -7.63 -44.66
CA TRP C 452 -19.42 -6.50 -43.83
C TRP C 452 -18.26 -5.99 -42.97
N CYS C 453 -17.20 -6.79 -42.92
CA CYS C 453 -16.02 -6.43 -42.14
C CYS C 453 -14.87 -5.97 -43.03
N GLY C 454 -14.83 -4.67 -43.33
CA GLY C 454 -13.79 -4.08 -44.17
C GLY C 454 -12.40 -4.63 -43.91
N PRO C 455 -11.90 -4.52 -42.67
CA PRO C 455 -10.57 -5.01 -42.30
C PRO C 455 -10.33 -6.49 -42.62
N LEU C 456 -11.35 -7.32 -42.44
CA LEU C 456 -11.22 -8.75 -42.75
C LEU C 456 -11.06 -8.90 -44.26
N ARG C 457 -11.87 -8.16 -45.01
CA ARG C 457 -11.82 -8.18 -46.46
C ARG C 457 -10.38 -7.94 -46.90
N ALA C 458 -9.80 -6.84 -46.41
CA ALA C 458 -8.44 -6.46 -46.72
C ALA C 458 -7.43 -7.51 -46.25
N ALA C 459 -7.74 -8.17 -45.14
CA ALA C 459 -6.87 -9.20 -44.59
C ALA C 459 -6.82 -10.40 -45.54
N LEU C 460 -7.98 -10.78 -46.07
CA LEU C 460 -8.07 -11.90 -46.98
C LEU C 460 -7.46 -11.57 -48.34
N ASP C 461 -7.64 -10.35 -48.79
CA ASP C 461 -7.10 -9.92 -50.09
C ASP C 461 -5.57 -10.03 -50.06
N THR C 462 -4.98 -9.70 -48.93
CA THR C 462 -3.53 -9.75 -48.77
C THR C 462 -3.01 -11.15 -48.47
N TRP C 463 -3.52 -11.77 -47.42
CA TRP C 463 -3.11 -13.11 -47.03
C TRP C 463 -4.26 -14.10 -47.23
N GLY C 464 -4.52 -14.44 -48.48
CA GLY C 464 -5.60 -15.35 -48.81
C GLY C 464 -5.30 -16.82 -48.58
N ASP C 465 -5.70 -17.65 -49.53
CA ASP C 465 -5.49 -19.09 -49.45
C ASP C 465 -4.03 -19.49 -49.62
N ILE C 466 -3.66 -20.59 -48.96
CA ILE C 466 -2.31 -21.14 -49.00
C ILE C 466 -2.36 -22.56 -48.41
N MET D 1 -16.67 2.42 -29.10
CA MET D 1 -17.61 2.34 -27.94
C MET D 1 -18.61 1.20 -28.11
N ARG D 2 -18.31 0.07 -27.47
CA ARG D 2 -19.14 -1.13 -27.53
C ARG D 2 -18.44 -2.16 -26.63
N ILE D 3 -19.17 -2.64 -25.64
CA ILE D 3 -18.63 -3.63 -24.72
C ILE D 3 -18.43 -4.95 -25.47
N THR D 4 -17.18 -5.37 -25.61
CA THR D 4 -16.84 -6.63 -26.30
C THR D 4 -16.68 -7.73 -25.25
N GLN D 5 -17.53 -7.68 -24.23
CA GLN D 5 -17.47 -8.64 -23.14
C GLN D 5 -18.29 -9.90 -23.42
N GLY D 6 -18.00 -10.57 -24.53
CA GLY D 6 -18.72 -11.79 -24.85
C GLY D 6 -18.40 -12.40 -26.21
N THR D 7 -18.63 -13.70 -26.34
CA THR D 7 -18.38 -14.40 -27.60
C THR D 7 -19.35 -13.78 -28.61
N PHE D 8 -18.95 -13.69 -29.86
CA PHE D 8 -19.80 -13.14 -30.92
C PHE D 8 -20.08 -11.64 -30.82
N SER D 9 -19.58 -10.97 -29.78
CA SER D 9 -19.81 -9.53 -29.64
C SER D 9 -19.10 -8.66 -30.68
N PHE D 10 -18.32 -9.29 -31.56
CA PHE D 10 -17.60 -8.57 -32.62
C PHE D 10 -18.39 -8.70 -33.92
N LEU D 11 -19.53 -9.37 -33.82
CA LEU D 11 -20.41 -9.59 -34.96
C LEU D 11 -21.67 -8.80 -34.68
N PRO D 12 -22.53 -8.64 -35.70
CA PRO D 12 -23.78 -7.89 -35.50
C PRO D 12 -24.64 -8.66 -34.49
N GLU D 13 -25.58 -7.96 -33.85
CA GLU D 13 -26.45 -8.57 -32.86
C GLU D 13 -27.12 -9.83 -33.39
N LEU D 14 -27.06 -10.89 -32.59
CA LEU D 14 -27.67 -12.16 -32.98
C LEU D 14 -29.18 -12.03 -33.11
N THR D 15 -29.74 -12.80 -34.04
CA THR D 15 -31.18 -12.80 -34.27
C THR D 15 -31.71 -13.97 -33.46
N ASP D 16 -32.98 -13.93 -33.09
CA ASP D 16 -33.57 -15.03 -32.32
C ASP D 16 -33.31 -16.37 -32.98
N GLU D 17 -33.17 -16.37 -34.30
CA GLU D 17 -32.90 -17.57 -35.06
C GLU D 17 -31.49 -18.05 -34.76
N GLN D 18 -30.54 -17.12 -34.72
CA GLN D 18 -29.16 -17.45 -34.42
C GLN D 18 -29.02 -17.90 -32.96
N ILE D 19 -29.68 -17.16 -32.07
CA ILE D 19 -29.64 -17.47 -30.64
C ILE D 19 -30.14 -18.88 -30.40
N THR D 20 -31.26 -19.23 -31.00
CA THR D 20 -31.82 -20.57 -30.84
C THR D 20 -30.82 -21.63 -31.26
N LYS D 21 -30.11 -21.37 -32.35
CA LYS D 21 -29.10 -22.31 -32.85
C LYS D 21 -28.05 -22.53 -31.77
N GLN D 22 -27.57 -21.44 -31.16
CA GLN D 22 -26.57 -21.52 -30.11
C GLN D 22 -27.14 -22.27 -28.91
N LEU D 23 -28.34 -21.89 -28.50
CA LEU D 23 -29.01 -22.53 -27.37
C LEU D 23 -29.05 -24.02 -27.60
N GLU D 24 -29.35 -24.42 -28.84
CA GLU D 24 -29.40 -25.83 -29.20
C GLU D 24 -28.03 -26.46 -28.98
N TYR D 25 -27.00 -25.78 -29.47
CA TYR D 25 -25.62 -26.26 -29.33
C TYR D 25 -25.35 -26.61 -27.87
N CYS D 26 -25.67 -25.68 -26.98
CA CYS D 26 -25.46 -25.89 -25.56
C CYS D 26 -26.26 -27.10 -25.08
N LEU D 27 -27.57 -27.07 -25.31
CA LEU D 27 -28.44 -28.16 -24.90
C LEU D 27 -28.01 -29.52 -25.46
N ASN D 28 -27.47 -29.50 -26.67
CA ASN D 28 -27.00 -30.72 -27.32
C ASN D 28 -25.80 -31.26 -26.58
N GLN D 29 -25.01 -30.34 -26.01
CA GLN D 29 -23.83 -30.72 -25.24
C GLN D 29 -24.25 -31.05 -23.80
N GLY D 30 -25.51 -30.79 -23.47
CA GLY D 30 -26.02 -31.06 -22.14
C GLY D 30 -25.61 -30.03 -21.12
N TRP D 31 -25.55 -28.78 -21.54
CA TRP D 31 -25.15 -27.68 -20.67
C TRP D 31 -26.35 -26.94 -20.09
N ALA D 32 -26.24 -26.57 -18.82
CA ALA D 32 -27.30 -25.83 -18.15
C ALA D 32 -27.17 -24.41 -18.69
N VAL D 33 -28.28 -23.81 -19.10
CA VAL D 33 -28.25 -22.45 -19.64
C VAL D 33 -28.89 -21.47 -18.67
N GLY D 34 -28.23 -20.33 -18.47
CA GLY D 34 -28.74 -19.33 -17.57
C GLY D 34 -28.74 -17.95 -18.20
N LEU D 35 -29.61 -17.08 -17.69
CA LEU D 35 -29.74 -15.72 -18.20
C LEU D 35 -29.33 -14.77 -17.09
N GLU D 36 -28.58 -13.74 -17.43
CA GLU D 36 -28.11 -12.77 -16.44
C GLU D 36 -28.22 -11.37 -17.01
N TYR D 37 -28.22 -10.38 -16.11
CA TYR D 37 -28.34 -8.99 -16.52
C TYR D 37 -27.74 -8.03 -15.48
N THR D 38 -27.25 -6.88 -15.97
CA THR D 38 -26.66 -5.85 -15.11
C THR D 38 -26.57 -4.54 -15.87
N ASP D 39 -26.44 -3.44 -15.15
CA ASP D 39 -26.31 -2.11 -15.74
C ASP D 39 -24.84 -1.67 -15.64
N ASP D 40 -24.08 -2.43 -14.87
CA ASP D 40 -22.65 -2.19 -14.62
C ASP D 40 -21.80 -3.23 -15.34
N PRO D 41 -21.47 -2.99 -16.63
CA PRO D 41 -20.66 -3.94 -17.38
C PRO D 41 -19.15 -3.79 -17.14
N HIS D 42 -18.76 -3.68 -15.87
CA HIS D 42 -17.35 -3.52 -15.55
C HIS D 42 -16.57 -4.76 -15.97
N PRO D 43 -15.41 -4.58 -16.65
CA PRO D 43 -14.60 -5.72 -17.09
C PRO D 43 -14.37 -6.52 -15.82
N ARG D 44 -14.91 -7.74 -15.81
CA ARG D 44 -14.79 -8.61 -14.65
C ARG D 44 -15.71 -8.25 -13.47
N ASN D 45 -16.98 -8.01 -13.79
CA ASN D 45 -17.99 -7.76 -12.77
C ASN D 45 -18.72 -9.10 -12.76
N THR D 46 -18.03 -10.13 -12.32
CA THR D 46 -18.64 -11.45 -12.25
C THR D 46 -19.84 -11.30 -11.33
N TYR D 47 -20.80 -12.21 -11.45
CA TYR D 47 -21.99 -12.19 -10.61
C TYR D 47 -22.97 -11.13 -11.05
N TRP D 48 -23.43 -11.29 -12.29
CA TRP D 48 -24.45 -10.40 -12.84
C TRP D 48 -25.71 -10.88 -12.14
N GLU D 49 -26.82 -10.18 -12.32
CA GLU D 49 -28.04 -10.61 -11.68
C GLU D 49 -28.71 -11.73 -12.48
N MET D 50 -29.08 -12.79 -11.77
CA MET D 50 -29.72 -13.95 -12.38
C MET D 50 -31.17 -13.65 -12.74
N PHE D 51 -31.56 -13.96 -13.97
CA PHE D 51 -32.93 -13.77 -14.39
C PHE D 51 -33.51 -15.18 -14.39
N GLY D 52 -33.97 -15.61 -13.23
CA GLY D 52 -34.53 -16.94 -13.11
C GLY D 52 -33.43 -17.99 -13.03
N LEU D 53 -33.75 -19.16 -12.50
CA LEU D 53 -32.80 -20.25 -12.35
C LEU D 53 -32.42 -20.83 -13.72
N PRO D 54 -31.22 -21.44 -13.82
CA PRO D 54 -30.75 -22.03 -15.06
C PRO D 54 -31.69 -23.11 -15.58
N MET D 55 -32.03 -23.02 -16.87
CA MET D 55 -32.91 -23.99 -17.50
C MET D 55 -32.08 -25.27 -17.67
N PHE D 56 -32.01 -26.07 -16.61
CA PHE D 56 -31.23 -27.32 -16.65
C PHE D 56 -31.70 -28.32 -17.71
N ASP D 57 -32.67 -29.16 -17.36
CA ASP D 57 -33.17 -30.16 -18.29
C ASP D 57 -34.40 -29.67 -19.07
N LEU D 58 -34.25 -28.54 -19.75
CA LEU D 58 -35.35 -28.00 -20.55
C LEU D 58 -35.03 -28.38 -21.99
N ARG D 59 -35.58 -29.50 -22.42
CA ARG D 59 -35.36 -30.01 -23.77
C ARG D 59 -36.07 -29.19 -24.86
N ASP D 60 -35.86 -27.87 -24.83
CA ASP D 60 -36.48 -26.99 -25.80
C ASP D 60 -35.82 -25.62 -25.79
N ALA D 61 -34.93 -25.41 -26.76
CA ALA D 61 -34.22 -24.14 -26.89
C ALA D 61 -35.21 -22.99 -26.97
N ALA D 62 -36.36 -23.25 -27.58
CA ALA D 62 -37.41 -22.23 -27.73
C ALA D 62 -37.86 -21.72 -26.37
N GLY D 63 -37.97 -22.62 -25.40
CA GLY D 63 -38.40 -22.23 -24.06
C GLY D 63 -37.47 -21.19 -23.47
N ILE D 64 -36.17 -21.42 -23.62
CA ILE D 64 -35.16 -20.51 -23.11
C ILE D 64 -35.25 -19.19 -23.86
N LEU D 65 -35.32 -19.27 -25.18
CA LEU D 65 -35.41 -18.08 -26.02
C LEU D 65 -36.57 -17.19 -25.56
N MET D 66 -37.63 -17.82 -25.07
CA MET D 66 -38.81 -17.11 -24.59
C MET D 66 -38.41 -16.22 -23.42
N GLU D 67 -37.78 -16.84 -22.42
CA GLU D 67 -37.34 -16.13 -21.23
C GLU D 67 -36.42 -14.98 -21.59
N ILE D 68 -35.61 -15.18 -22.63
CA ILE D 68 -34.68 -14.15 -23.10
C ILE D 68 -35.49 -12.91 -23.45
N ASN D 69 -36.38 -13.04 -24.42
CA ASN D 69 -37.22 -11.92 -24.85
C ASN D 69 -37.98 -11.32 -23.68
N ASN D 70 -38.46 -12.18 -22.80
CA ASN D 70 -39.20 -11.75 -21.62
C ASN D 70 -38.29 -10.81 -20.83
N ALA D 71 -37.03 -11.22 -20.65
CA ALA D 71 -36.05 -10.43 -19.92
C ALA D 71 -35.80 -9.10 -20.59
N ARG D 72 -35.62 -9.11 -21.90
CA ARG D 72 -35.37 -7.87 -22.65
C ARG D 72 -36.48 -6.87 -22.41
N ASN D 73 -37.69 -7.37 -22.25
CA ASN D 73 -38.85 -6.53 -21.99
C ASN D 73 -38.79 -5.92 -20.59
N THR D 74 -38.52 -6.77 -19.61
CA THR D 74 -38.46 -6.33 -18.23
C THR D 74 -37.28 -5.39 -18.01
N PHE D 75 -36.16 -5.72 -18.63
CA PHE D 75 -34.94 -4.93 -18.51
C PHE D 75 -34.39 -4.53 -19.87
N PRO D 76 -34.98 -3.50 -20.50
CA PRO D 76 -34.52 -3.02 -21.81
C PRO D 76 -33.18 -2.31 -21.69
N ASN D 77 -33.10 -1.37 -20.75
CA ASN D 77 -31.86 -0.61 -20.52
C ASN D 77 -30.90 -1.38 -19.62
N HIS D 78 -30.57 -2.59 -20.02
CA HIS D 78 -29.67 -3.45 -19.25
C HIS D 78 -28.92 -4.34 -20.22
N TYR D 79 -27.81 -4.92 -19.76
CA TYR D 79 -27.06 -5.84 -20.59
C TYR D 79 -27.58 -7.21 -20.16
N ILE D 80 -27.84 -8.08 -21.12
CA ILE D 80 -28.35 -9.41 -20.81
C ILE D 80 -27.48 -10.43 -21.54
N ARG D 81 -27.24 -11.58 -20.91
CA ARG D 81 -26.41 -12.60 -21.52
C ARG D 81 -26.83 -14.03 -21.19
N VAL D 82 -26.49 -14.95 -22.09
CA VAL D 82 -26.77 -16.36 -21.90
C VAL D 82 -25.44 -16.98 -21.50
N THR D 83 -25.46 -17.81 -20.47
CA THR D 83 -24.26 -18.50 -19.99
C THR D 83 -24.54 -19.99 -20.00
N ALA D 84 -23.56 -20.79 -20.41
CA ALA D 84 -23.72 -22.24 -20.46
C ALA D 84 -22.76 -22.89 -19.48
N PHE D 85 -23.29 -23.71 -18.57
CA PHE D 85 -22.49 -24.40 -17.57
C PHE D 85 -22.35 -25.88 -17.88
N ASP D 86 -21.13 -26.41 -17.72
CA ASP D 86 -20.88 -27.82 -17.98
C ASP D 86 -20.95 -28.57 -16.65
N SER D 87 -22.02 -29.34 -16.46
CA SER D 87 -22.23 -30.12 -15.23
C SER D 87 -21.33 -31.34 -15.15
N THR D 88 -20.03 -31.11 -14.97
CA THR D 88 -19.03 -32.17 -14.86
C THR D 88 -17.87 -31.67 -14.00
N HIS D 89 -17.63 -30.37 -14.08
CA HIS D 89 -16.57 -29.69 -13.33
C HIS D 89 -17.10 -28.31 -12.94
N THR D 90 -18.30 -27.99 -13.44
CA THR D 90 -18.98 -26.72 -13.23
C THR D 90 -18.12 -25.54 -13.65
N VAL D 91 -18.15 -25.28 -14.95
CA VAL D 91 -17.40 -24.19 -15.54
C VAL D 91 -18.25 -23.64 -16.66
N GLU D 92 -17.95 -22.42 -17.08
CA GLU D 92 -18.69 -21.77 -18.16
C GLU D 92 -18.05 -22.21 -19.46
N SER D 93 -18.88 -22.48 -20.46
CA SER D 93 -18.38 -22.92 -21.75
C SER D 93 -18.65 -21.90 -22.86
N VAL D 94 -19.75 -21.17 -22.75
CA VAL D 94 -20.11 -20.16 -23.75
C VAL D 94 -20.83 -19.03 -23.02
N VAL D 95 -20.68 -17.81 -23.52
CA VAL D 95 -21.34 -16.62 -22.97
C VAL D 95 -21.37 -15.57 -24.09
N MET D 96 -22.59 -15.18 -24.50
CA MET D 96 -22.72 -14.18 -25.55
C MET D 96 -23.78 -13.18 -25.09
N SER D 97 -23.62 -11.92 -25.50
CA SER D 97 -24.55 -10.87 -25.12
C SER D 97 -25.70 -10.73 -26.12
N PHE D 98 -26.87 -10.33 -25.60
CA PHE D 98 -28.06 -10.15 -26.43
C PHE D 98 -28.48 -8.70 -26.43
N ILE D 99 -29.17 -8.27 -25.39
CA ILE D 99 -29.58 -6.88 -25.31
C ILE D 99 -28.48 -6.10 -24.63
N VAL D 100 -28.18 -4.93 -25.20
CA VAL D 100 -27.16 -4.05 -24.69
C VAL D 100 -27.85 -2.73 -24.35
N ASN D 101 -27.39 -2.09 -23.29
CA ASN D 101 -27.94 -0.82 -22.85
C ASN D 101 -28.02 0.17 -24.01
N ARG D 102 -28.91 1.14 -23.90
CA ARG D 102 -29.09 2.18 -24.93
C ARG D 102 -27.71 2.65 -25.36
N PRO D 103 -27.37 2.48 -26.65
CA PRO D 103 -26.09 2.86 -27.24
C PRO D 103 -24.95 3.02 -26.23
N ALA D 104 -24.79 1.96 -25.43
CA ALA D 104 -23.78 1.85 -24.38
C ALA D 104 -23.23 3.19 -23.90
N ASP D 105 -24.09 3.96 -23.23
CA ASP D 105 -23.77 5.28 -22.69
C ASP D 105 -22.32 5.75 -22.93
N GLU D 106 -21.37 5.07 -22.30
CA GLU D 106 -19.95 5.38 -22.49
C GLU D 106 -19.07 4.16 -22.15
N PRO D 107 -18.83 3.29 -23.16
CA PRO D 107 -18.03 2.07 -23.05
C PRO D 107 -16.59 2.47 -22.75
N GLY D 108 -16.32 3.76 -22.97
CA GLY D 108 -15.00 4.29 -22.67
C GLY D 108 -15.14 4.63 -21.20
N PHE D 109 -15.21 3.59 -20.37
CA PHE D 109 -15.34 3.73 -18.92
C PHE D 109 -14.33 4.79 -18.47
N ARG D 110 -14.64 5.50 -17.39
CA ARG D 110 -13.68 6.47 -16.90
C ARG D 110 -12.52 5.71 -16.26
N LEU D 111 -11.33 5.92 -16.80
CA LEU D 111 -10.13 5.28 -16.28
C LEU D 111 -9.54 6.19 -15.21
N VAL D 112 -9.55 5.71 -13.96
CA VAL D 112 -9.01 6.50 -12.87
C VAL D 112 -7.53 6.18 -12.71
N ARG D 113 -6.73 7.23 -12.54
CA ARG D 113 -5.29 7.06 -12.39
C ARG D 113 -4.80 7.62 -11.06
N GLN D 114 -4.69 6.75 -10.06
CA GLN D 114 -4.18 7.18 -8.77
C GLN D 114 -2.65 7.18 -8.87
N GLU D 115 -2.04 8.31 -8.54
CA GLU D 115 -0.59 8.43 -8.64
C GLU D 115 0.14 7.86 -7.44
N GLU D 116 0.68 6.67 -7.66
CA GLU D 116 1.44 5.92 -6.67
C GLU D 116 2.88 6.41 -6.68
N PRO D 117 3.70 5.93 -5.72
CA PRO D 117 5.10 6.37 -5.68
C PRO D 117 5.82 5.95 -6.95
N GLY D 118 6.74 6.79 -7.40
CA GLY D 118 7.48 6.54 -8.62
C GLY D 118 6.66 7.05 -9.78
N ARG D 119 6.68 6.32 -10.90
CA ARG D 119 5.90 6.71 -12.07
C ARG D 119 4.78 5.70 -12.25
N THR D 120 4.55 4.91 -11.21
CA THR D 120 3.53 3.89 -11.19
C THR D 120 2.15 4.51 -10.97
N LEU D 121 1.15 3.93 -11.62
CA LEU D 121 -0.22 4.38 -11.50
C LEU D 121 -1.09 3.23 -11.04
N ARG D 122 -2.08 3.54 -10.20
CA ARG D 122 -3.02 2.57 -9.67
C ARG D 122 -4.34 2.92 -10.36
N TYR D 123 -4.71 2.13 -11.36
CA TYR D 123 -5.92 2.38 -12.13
C TYR D 123 -7.20 1.85 -11.52
N SER D 124 -8.31 2.46 -11.95
CA SER D 124 -9.63 2.06 -11.51
C SER D 124 -10.57 2.30 -12.69
N ILE D 125 -11.00 1.22 -13.34
CA ILE D 125 -11.92 1.34 -14.47
C ILE D 125 -13.32 1.40 -13.87
N GLU D 126 -14.09 2.39 -14.25
CA GLU D 126 -15.44 2.52 -13.72
C GLU D 126 -16.43 3.00 -14.77
N SER D 127 -17.57 2.31 -14.88
CA SER D 127 -18.61 2.68 -15.83
C SER D 127 -19.13 4.04 -15.38
N TYR D 128 -19.75 4.78 -16.30
CA TYR D 128 -20.28 6.08 -15.94
C TYR D 128 -21.64 5.98 -15.24
N ALA D 129 -22.01 4.76 -14.85
CA ALA D 129 -23.28 4.51 -14.16
C ALA D 129 -23.13 3.27 -13.29
N TYR E 22 0.17 -45.56 45.06
CA TYR E 22 -0.71 -44.35 44.99
C TYR E 22 -1.49 -44.21 46.30
N LYS E 23 -2.35 -43.20 46.35
CA LYS E 23 -3.19 -42.92 47.51
C LYS E 23 -2.48 -42.35 48.73
N MET E 24 -1.35 -42.96 49.13
CA MET E 24 -0.56 -42.55 50.30
C MET E 24 -0.56 -41.06 50.64
N GLY E 25 -0.58 -40.20 49.61
CA GLY E 25 -0.59 -38.77 49.85
C GLY E 25 -1.30 -38.00 48.74
N TYR E 26 -2.19 -38.67 48.02
CA TYR E 26 -2.91 -38.04 46.92
C TYR E 26 -4.38 -37.90 47.20
N TRP E 27 -4.77 -38.17 48.43
CA TRP E 27 -6.17 -38.03 48.81
C TRP E 27 -6.26 -37.37 50.17
N ASP E 28 -7.15 -36.39 50.27
CA ASP E 28 -7.37 -35.67 51.49
C ASP E 28 -8.86 -35.40 51.57
N GLY E 29 -9.56 -36.24 52.33
CA GLY E 29 -11.00 -36.12 52.48
C GLY E 29 -11.53 -34.75 52.84
N ASP E 30 -10.89 -34.08 53.80
CA ASP E 30 -11.34 -32.76 54.22
C ASP E 30 -10.45 -31.61 53.73
N TYR E 31 -9.94 -31.73 52.51
CA TYR E 31 -9.10 -30.69 51.92
C TYR E 31 -10.01 -29.61 51.36
N VAL E 32 -9.80 -28.36 51.78
CA VAL E 32 -10.59 -27.26 51.27
C VAL E 32 -9.83 -26.61 50.12
N PRO E 33 -10.41 -26.62 48.91
CA PRO E 33 -9.78 -26.03 47.73
C PRO E 33 -9.56 -24.52 47.91
N LYS E 34 -8.38 -24.05 47.52
CA LYS E 34 -8.03 -22.64 47.63
C LYS E 34 -8.56 -21.92 46.40
N ASP E 35 -8.80 -20.61 46.52
CA ASP E 35 -9.29 -19.84 45.39
C ASP E 35 -8.25 -19.78 44.26
N THR E 36 -7.04 -20.22 44.58
CA THR E 36 -5.93 -20.27 43.63
C THR E 36 -5.59 -21.73 43.33
N ASP E 37 -6.62 -22.51 43.00
CA ASP E 37 -6.47 -23.92 42.69
C ASP E 37 -7.27 -24.28 41.43
N LEU E 38 -6.78 -25.28 40.73
CA LEU E 38 -7.43 -25.78 39.53
C LEU E 38 -8.27 -26.94 40.01
N LEU E 39 -9.51 -27.01 39.56
CA LEU E 39 -10.38 -28.10 39.99
C LEU E 39 -10.86 -28.88 38.78
N ALA E 40 -10.62 -30.18 38.81
CA ALA E 40 -11.04 -31.07 37.73
C ALA E 40 -12.02 -32.09 38.29
N LEU E 41 -13.17 -32.21 37.65
CA LEU E 41 -14.17 -33.17 38.07
C LEU E 41 -14.31 -34.29 37.06
N PHE E 42 -13.81 -35.46 37.43
CA PHE E 42 -13.88 -36.65 36.58
C PHE E 42 -15.07 -37.53 36.92
N ARG E 43 -15.38 -38.44 36.01
CA ARG E 43 -16.46 -39.41 36.17
C ARG E 43 -15.74 -40.75 36.09
N ILE E 44 -15.10 -41.12 37.19
CA ILE E 44 -14.34 -42.35 37.25
C ILE E 44 -15.19 -43.60 37.34
N THR E 45 -14.89 -44.56 36.48
CA THR E 45 -15.58 -45.83 36.45
C THR E 45 -14.47 -46.86 36.65
N PRO E 46 -14.14 -47.15 37.92
CA PRO E 46 -13.09 -48.10 38.28
C PRO E 46 -13.45 -49.54 37.90
N GLN E 47 -12.45 -50.41 37.86
CA GLN E 47 -12.66 -51.82 37.51
C GLN E 47 -13.38 -52.54 38.65
N ASP E 48 -14.16 -53.56 38.30
CA ASP E 48 -14.90 -54.32 39.30
C ASP E 48 -13.94 -54.95 40.30
N GLY E 49 -13.82 -54.31 41.46
CA GLY E 49 -12.93 -54.80 42.50
C GLY E 49 -11.90 -53.75 42.89
N VAL E 50 -12.07 -52.53 42.40
CA VAL E 50 -11.15 -51.44 42.71
C VAL E 50 -11.87 -50.37 43.52
N ASP E 51 -11.19 -49.90 44.56
CA ASP E 51 -11.73 -48.87 45.44
C ASP E 51 -11.76 -47.54 44.72
N PRO E 52 -12.94 -46.90 44.67
CA PRO E 52 -13.10 -45.60 44.02
C PRO E 52 -12.17 -44.54 44.61
N VAL E 53 -12.00 -44.57 45.93
CA VAL E 53 -11.13 -43.63 46.62
C VAL E 53 -9.71 -43.76 46.08
N GLU E 54 -9.18 -44.98 46.10
CA GLU E 54 -7.82 -45.22 45.60
C GLU E 54 -7.74 -44.78 44.15
N ALA E 55 -8.83 -44.99 43.41
CA ALA E 55 -8.89 -44.60 42.01
C ALA E 55 -8.73 -43.09 41.90
N ALA E 56 -9.49 -42.34 42.69
CA ALA E 56 -9.41 -40.89 42.68
C ALA E 56 -7.98 -40.47 42.97
N ALA E 57 -7.39 -41.08 44.00
CA ALA E 57 -6.02 -40.77 44.38
C ALA E 57 -5.06 -41.13 43.23
N ALA E 58 -5.37 -42.21 42.52
CA ALA E 58 -4.55 -42.64 41.39
C ALA E 58 -4.63 -41.62 40.27
N VAL E 59 -5.79 -40.99 40.12
CA VAL E 59 -6.00 -39.97 39.11
C VAL E 59 -5.02 -38.84 39.40
N ALA E 60 -5.02 -38.39 40.65
CA ALA E 60 -4.14 -37.32 41.12
C ALA E 60 -2.68 -37.67 40.89
N GLY E 61 -2.38 -38.97 40.98
CA GLY E 61 -1.01 -39.42 40.78
C GLY E 61 -0.59 -39.58 39.32
N GLU E 62 -1.52 -39.99 38.47
CA GLU E 62 -1.22 -40.19 37.05
C GLU E 62 -1.34 -38.94 36.18
N SER E 63 -0.99 -37.80 36.76
CA SER E 63 -1.03 -36.52 36.08
C SER E 63 -0.22 -35.47 36.84
N SER E 64 0.88 -35.90 37.47
CA SER E 64 1.73 -34.99 38.24
C SER E 64 3.03 -35.63 38.70
N THR E 65 3.56 -35.18 39.82
CA THR E 65 4.81 -35.68 40.41
C THR E 65 4.71 -37.09 41.00
N ALA E 66 3.89 -37.95 40.41
CA ALA E 66 3.71 -39.30 40.93
C ALA E 66 4.17 -40.43 40.03
N THR E 67 4.14 -41.62 40.61
CA THR E 67 4.54 -42.87 39.95
C THR E 67 3.93 -44.04 40.73
N TRP E 68 4.06 -45.23 40.17
CA TRP E 68 3.54 -46.45 40.81
C TRP E 68 4.33 -46.84 42.05
N THR E 69 5.62 -46.55 42.03
CA THR E 69 6.51 -46.87 43.15
C THR E 69 7.12 -45.59 43.75
N VAL E 70 7.86 -45.74 44.84
CA VAL E 70 8.48 -44.58 45.52
C VAL E 70 9.87 -44.25 44.92
N VAL E 71 10.15 -42.96 44.79
CA VAL E 71 11.41 -42.48 44.24
C VAL E 71 12.12 -41.56 45.24
N TRP E 72 13.44 -41.75 45.39
CA TRP E 72 14.22 -40.95 46.33
C TRP E 72 14.55 -39.52 45.87
N THR E 73 14.65 -39.32 44.56
CA THR E 73 14.98 -38.00 44.02
C THR E 73 13.96 -36.93 44.39
N ASP E 74 12.70 -37.34 44.60
CA ASP E 74 11.65 -36.40 44.98
C ASP E 74 11.75 -35.96 46.44
N ARG E 75 12.71 -36.54 47.17
CA ARG E 75 12.93 -36.17 48.58
C ARG E 75 13.32 -34.69 48.61
N LEU E 76 14.19 -34.31 47.68
CA LEU E 76 14.64 -32.92 47.54
C LEU E 76 13.42 -32.11 47.14
N THR E 77 12.71 -32.60 46.13
CA THR E 77 11.51 -31.98 45.59
C THR E 77 10.50 -31.58 46.66
N ALA E 78 10.21 -32.49 47.58
CA ALA E 78 9.24 -32.28 48.66
C ALA E 78 7.80 -32.29 48.12
N CYS E 79 7.63 -31.79 46.90
CA CYS E 79 6.34 -31.73 46.21
C CYS E 79 5.21 -31.12 47.04
N ASP E 80 4.47 -31.96 47.78
CA ASP E 80 3.33 -31.51 48.59
C ASP E 80 2.38 -30.61 47.78
N MET E 81 2.70 -29.32 47.73
CA MET E 81 1.89 -28.36 46.98
C MET E 81 1.92 -28.72 45.50
N TYR E 82 3.06 -29.23 45.06
CA TYR E 82 3.24 -29.64 43.66
C TYR E 82 2.70 -31.05 43.43
N ARG E 83 1.56 -31.32 44.04
CA ARG E 83 0.88 -32.61 43.93
C ARG E 83 -0.60 -32.32 43.75
N ALA E 84 -1.27 -33.16 42.98
CA ALA E 84 -2.69 -32.99 42.77
C ALA E 84 -3.36 -33.69 43.94
N LYS E 85 -4.09 -32.95 44.75
CA LYS E 85 -4.77 -33.54 45.89
C LYS E 85 -6.22 -33.85 45.55
N ALA E 86 -6.56 -35.13 45.60
CA ALA E 86 -7.92 -35.56 45.32
C ALA E 86 -8.71 -35.38 46.62
N TYR E 87 -9.88 -34.77 46.53
CA TYR E 87 -10.71 -34.57 47.71
C TYR E 87 -12.08 -35.26 47.57
N ARG E 88 -13.09 -34.56 47.06
CA ARG E 88 -14.43 -35.14 46.90
C ARG E 88 -14.45 -36.42 46.06
N VAL E 89 -15.32 -37.34 46.46
CA VAL E 89 -15.54 -38.62 45.78
C VAL E 89 -16.99 -38.93 46.11
N ASP E 90 -17.88 -38.71 45.16
CA ASP E 90 -19.31 -38.92 45.38
C ASP E 90 -19.90 -40.00 44.47
N PRO E 91 -20.99 -40.65 44.92
CA PRO E 91 -21.62 -41.69 44.11
C PRO E 91 -22.39 -41.03 42.97
N VAL E 92 -22.49 -41.71 41.84
CA VAL E 92 -23.21 -41.16 40.69
C VAL E 92 -24.68 -41.57 40.73
N PRO E 93 -25.58 -40.59 40.63
CA PRO E 93 -27.03 -40.79 40.64
C PRO E 93 -27.51 -41.75 39.55
N ASN E 94 -28.29 -42.75 39.96
CA ASN E 94 -28.85 -43.76 39.06
C ASN E 94 -27.82 -44.63 38.34
N ASN E 95 -26.58 -44.64 38.83
CA ASN E 95 -25.55 -45.45 38.19
C ASN E 95 -24.33 -45.73 39.06
N PRO E 96 -24.38 -46.84 39.82
CA PRO E 96 -23.26 -47.21 40.69
C PRO E 96 -22.08 -47.64 39.79
N GLU E 97 -20.96 -48.02 40.41
CA GLU E 97 -19.77 -48.44 39.66
C GLU E 97 -19.16 -47.27 38.87
N GLN E 98 -19.80 -46.11 38.97
CA GLN E 98 -19.38 -44.89 38.31
C GLN E 98 -19.35 -43.85 39.42
N PHE E 99 -18.29 -43.05 39.49
CA PHE E 99 -18.15 -42.06 40.55
C PHE E 99 -17.54 -40.73 40.12
N PHE E 100 -18.05 -39.65 40.70
CA PHE E 100 -17.58 -38.29 40.44
C PHE E 100 -16.38 -37.99 41.33
N CYS E 101 -15.20 -37.86 40.74
CA CYS E 101 -14.00 -37.57 41.51
C CYS E 101 -13.50 -36.15 41.28
N TYR E 102 -13.32 -35.40 42.36
CA TYR E 102 -12.86 -34.02 42.28
C TYR E 102 -11.39 -33.97 42.68
N VAL E 103 -10.55 -33.39 41.83
CA VAL E 103 -9.13 -33.27 42.10
C VAL E 103 -8.76 -31.80 42.09
N ALA E 104 -7.80 -31.43 42.94
CA ALA E 104 -7.34 -30.06 43.04
C ALA E 104 -5.86 -29.99 42.68
N TYR E 105 -5.53 -29.07 41.78
CA TYR E 105 -4.15 -28.88 41.32
C TYR E 105 -3.70 -27.47 41.69
N ASP E 106 -2.50 -27.34 42.22
CA ASP E 106 -2.02 -26.02 42.61
C ASP E 106 -1.66 -25.16 41.41
N LEU E 107 -2.01 -23.88 41.49
CA LEU E 107 -1.77 -22.91 40.43
C LEU E 107 -0.37 -22.93 39.85
N SER E 108 0.64 -23.10 40.70
CA SER E 108 2.03 -23.11 40.25
C SER E 108 2.45 -24.32 39.42
N LEU E 109 1.51 -25.24 39.18
CA LEU E 109 1.80 -26.43 38.40
C LEU E 109 1.57 -26.21 36.91
N PHE E 110 0.91 -25.11 36.57
CA PHE E 110 0.61 -24.83 35.17
C PHE E 110 1.34 -23.67 34.56
N GLU E 111 1.71 -23.81 33.30
CA GLU E 111 2.41 -22.75 32.58
C GLU E 111 1.35 -21.72 32.20
N GLU E 112 1.72 -20.45 32.27
CA GLU E 112 0.82 -19.37 31.93
C GLU E 112 0.41 -19.38 30.48
N GLY E 113 -0.83 -19.00 30.22
CA GLY E 113 -1.38 -18.94 28.88
C GLY E 113 -1.07 -20.09 27.94
N SER E 114 -1.09 -21.31 28.46
CA SER E 114 -0.80 -22.48 27.65
C SER E 114 -1.83 -23.57 27.83
N ILE E 115 -2.78 -23.65 26.91
CA ILE E 115 -3.80 -24.69 26.99
C ILE E 115 -3.20 -26.06 26.79
N ALA E 116 -2.16 -26.14 25.97
CA ALA E 116 -1.48 -27.40 25.70
C ALA E 116 -0.92 -27.98 26.99
N ASN E 117 -0.34 -27.11 27.82
CA ASN E 117 0.22 -27.54 29.10
C ASN E 117 -0.90 -27.85 30.09
N LEU E 118 -1.97 -27.08 30.02
CA LEU E 118 -3.13 -27.28 30.88
C LEU E 118 -3.63 -28.70 30.66
N THR E 119 -4.05 -28.96 29.42
CA THR E 119 -4.56 -30.26 29.02
C THR E 119 -3.60 -31.38 29.42
N ALA E 120 -2.32 -31.17 29.11
CA ALA E 120 -1.29 -32.14 29.43
C ALA E 120 -1.28 -32.52 30.89
N SER E 121 -1.12 -31.51 31.76
CA SER E 121 -1.07 -31.73 33.20
C SER E 121 -2.31 -32.40 33.77
N ILE E 122 -3.49 -31.89 33.41
CA ILE E 122 -4.74 -32.44 33.92
C ILE E 122 -4.99 -33.87 33.46
N ILE E 123 -5.07 -34.07 32.15
CA ILE E 123 -5.31 -35.39 31.59
C ILE E 123 -4.22 -36.40 31.96
N GLY E 124 -2.96 -36.01 31.77
CA GLY E 124 -1.86 -36.90 32.09
C GLY E 124 -2.06 -38.20 31.35
N ASN E 125 -2.06 -39.30 32.09
CA ASN E 125 -2.26 -40.62 31.49
C ASN E 125 -3.37 -41.33 32.24
N VAL E 126 -4.24 -40.55 32.87
CA VAL E 126 -5.35 -41.10 33.63
C VAL E 126 -6.35 -41.86 32.77
N PHE E 127 -6.54 -41.44 31.53
CA PHE E 127 -7.49 -42.11 30.65
C PHE E 127 -7.00 -43.47 30.12
N SER E 128 -5.71 -43.74 30.26
CA SER E 128 -5.13 -45.00 29.79
C SER E 128 -4.69 -45.90 30.96
N PHE E 129 -5.01 -45.48 32.18
CA PHE E 129 -4.67 -46.23 33.39
C PHE E 129 -5.71 -47.35 33.51
N LYS E 130 -5.26 -48.59 33.28
CA LYS E 130 -6.16 -49.75 33.33
C LYS E 130 -7.11 -49.95 34.51
N PRO E 131 -6.65 -49.72 35.77
CA PRO E 131 -7.55 -49.89 36.91
C PRO E 131 -8.86 -49.12 36.79
N ILE E 132 -8.94 -48.24 35.79
CA ILE E 132 -10.13 -47.46 35.54
C ILE E 132 -10.69 -47.95 34.20
N LYS E 133 -11.90 -48.51 34.23
CA LYS E 133 -12.53 -49.02 33.01
C LYS E 133 -12.85 -47.87 32.07
N ALA E 134 -13.39 -46.79 32.63
CA ALA E 134 -13.74 -45.61 31.86
C ALA E 134 -13.55 -44.39 32.75
N ALA E 135 -13.28 -43.25 32.13
CA ALA E 135 -13.06 -42.00 32.87
C ALA E 135 -13.44 -40.88 31.93
N ARG E 136 -14.12 -39.87 32.45
CA ARG E 136 -14.52 -38.74 31.64
C ARG E 136 -14.35 -37.45 32.41
N LEU E 137 -13.88 -36.41 31.74
CA LEU E 137 -13.69 -35.11 32.37
C LEU E 137 -15.00 -34.36 32.17
N GLU E 138 -15.74 -34.12 33.27
CA GLU E 138 -17.02 -33.43 33.20
C GLU E 138 -16.95 -31.91 33.28
N ASP E 139 -16.07 -31.38 34.13
CA ASP E 139 -15.96 -29.92 34.27
C ASP E 139 -14.66 -29.52 34.98
N MET E 140 -14.35 -28.23 34.95
CA MET E 140 -13.14 -27.68 35.58
C MET E 140 -13.41 -26.28 36.10
N ARG E 141 -12.57 -25.84 37.01
CA ARG E 141 -12.69 -24.51 37.60
C ARG E 141 -11.34 -23.84 37.41
N PHE E 142 -11.35 -22.64 36.86
CA PHE E 142 -10.14 -21.87 36.62
C PHE E 142 -10.13 -20.64 37.50
N PRO E 143 -9.12 -20.53 38.38
CA PRO E 143 -9.00 -19.39 39.28
C PRO E 143 -8.80 -18.12 38.47
N VAL E 144 -9.36 -17.01 38.94
CA VAL E 144 -9.23 -15.75 38.24
C VAL E 144 -7.77 -15.51 37.92
N ALA E 145 -6.90 -15.81 38.88
CA ALA E 145 -5.46 -15.63 38.72
C ALA E 145 -4.95 -16.34 37.48
N TYR E 146 -5.53 -17.50 37.17
CA TYR E 146 -5.13 -18.28 36.02
C TYR E 146 -5.80 -17.78 34.75
N VAL E 147 -7.09 -17.53 34.83
CA VAL E 147 -7.84 -17.05 33.68
C VAL E 147 -7.15 -15.82 33.10
N LYS E 148 -6.64 -14.97 33.99
CA LYS E 148 -5.95 -13.74 33.61
C LYS E 148 -4.67 -13.91 32.81
N THR E 149 -4.18 -15.14 32.69
CA THR E 149 -2.95 -15.39 31.91
C THR E 149 -3.27 -15.60 30.43
N PHE E 150 -4.55 -15.68 30.10
CA PHE E 150 -4.99 -15.87 28.72
C PHE E 150 -5.61 -14.57 28.25
N ALA E 151 -5.48 -14.26 26.97
CA ALA E 151 -6.05 -13.04 26.42
C ALA E 151 -7.53 -13.17 26.16
N GLY E 152 -7.99 -14.41 26.04
CA GLY E 152 -9.39 -14.65 25.76
C GLY E 152 -9.66 -14.40 24.28
N PRO E 153 -10.93 -14.39 23.86
CA PRO E 153 -11.34 -14.16 22.48
C PRO E 153 -10.66 -12.96 21.83
N SER E 154 -10.40 -13.09 20.52
CA SER E 154 -9.75 -12.03 19.76
C SER E 154 -10.70 -10.90 19.31
N THR E 155 -11.99 -11.06 19.59
CA THR E 155 -12.98 -10.05 19.23
C THR E 155 -14.12 -10.05 20.27
N GLY E 156 -14.88 -11.13 20.33
CA GLY E 156 -15.98 -11.21 21.28
C GLY E 156 -17.28 -10.67 20.71
N ILE E 157 -18.39 -11.14 21.28
CA ILE E 157 -19.73 -10.75 20.84
C ILE E 157 -19.95 -9.25 20.69
N ILE E 158 -19.79 -8.51 21.77
CA ILE E 158 -20.00 -7.06 21.77
C ILE E 158 -19.26 -6.36 20.66
N VAL E 159 -17.95 -6.56 20.60
CA VAL E 159 -17.11 -5.94 19.58
C VAL E 159 -17.53 -6.38 18.18
N GLU E 160 -17.80 -7.68 18.01
CA GLU E 160 -18.20 -8.20 16.72
C GLU E 160 -19.44 -7.49 16.20
N ARG E 161 -20.48 -7.43 17.04
CA ARG E 161 -21.73 -6.79 16.65
C ARG E 161 -21.49 -5.35 16.23
N GLU E 162 -20.57 -4.68 16.93
CA GLU E 162 -20.26 -3.30 16.59
C GLU E 162 -19.53 -3.18 15.26
N ARG E 163 -18.84 -4.24 14.84
CA ARG E 163 -18.16 -4.22 13.54
C ARG E 163 -19.22 -4.52 12.48
N LEU E 164 -20.23 -5.28 12.87
CA LEU E 164 -21.30 -5.69 11.97
C LEU E 164 -22.51 -4.77 11.89
N ASP E 165 -22.74 -3.97 12.93
CA ASP E 165 -23.90 -3.08 12.97
C ASP E 165 -25.15 -3.95 12.95
N LYS E 166 -25.06 -5.07 13.66
CA LYS E 166 -26.16 -6.03 13.76
C LYS E 166 -26.42 -6.26 15.23
N PHE E 167 -27.53 -5.71 15.74
CA PHE E 167 -27.85 -5.83 17.16
C PHE E 167 -29.26 -6.36 17.47
N GLY E 168 -29.36 -7.04 18.61
CA GLY E 168 -30.64 -7.57 19.05
C GLY E 168 -31.29 -8.62 18.18
N ARG E 169 -30.47 -9.52 17.65
CA ARG E 169 -30.98 -10.60 16.81
C ARG E 169 -29.88 -11.60 16.51
N PRO E 170 -30.23 -12.89 16.51
CA PRO E 170 -29.20 -13.90 16.22
C PRO E 170 -28.70 -13.66 14.79
N LEU E 171 -27.50 -14.12 14.49
CA LEU E 171 -26.97 -13.90 13.15
C LEU E 171 -27.33 -15.05 12.21
N LEU E 172 -27.40 -14.74 10.93
CA LEU E 172 -27.75 -15.73 9.92
C LEU E 172 -26.55 -16.24 9.15
N GLY E 173 -26.51 -17.55 8.97
CA GLY E 173 -25.40 -18.14 8.23
C GLY E 173 -25.80 -19.40 7.49
N ALA E 174 -25.14 -19.66 6.37
CA ALA E 174 -25.39 -20.86 5.56
C ALA E 174 -24.06 -21.46 5.15
N THR E 175 -24.09 -22.43 4.24
CA THR E 175 -22.87 -23.09 3.79
C THR E 175 -22.87 -23.25 2.28
N THR E 176 -21.73 -22.98 1.67
CA THR E 176 -21.59 -23.11 0.22
C THR E 176 -21.58 -24.62 -0.07
N LYS E 177 -22.78 -25.21 -0.15
CA LYS E 177 -22.98 -26.64 -0.38
C LYS E 177 -22.39 -27.36 -1.59
N PRO E 178 -22.27 -26.69 -2.76
CA PRO E 178 -21.69 -27.37 -3.92
C PRO E 178 -20.44 -28.20 -3.64
N LYS E 179 -19.54 -27.64 -2.84
CA LYS E 179 -18.28 -28.30 -2.47
C LYS E 179 -17.45 -28.69 -3.69
N LEU E 180 -16.64 -29.75 -3.56
CA LEU E 180 -15.78 -30.21 -4.64
C LEU E 180 -16.58 -30.65 -5.86
N GLY E 181 -16.56 -29.79 -6.87
CA GLY E 181 -17.28 -30.05 -8.12
C GLY E 181 -17.65 -28.73 -8.76
N LEU E 182 -17.17 -27.64 -8.16
CA LEU E 182 -17.45 -26.29 -8.65
C LEU E 182 -16.14 -25.51 -8.80
N SER E 183 -16.18 -24.47 -9.62
CA SER E 183 -15.04 -23.60 -9.86
C SER E 183 -15.25 -22.34 -9.03
N GLY E 184 -14.17 -21.59 -8.81
CA GLY E 184 -14.25 -20.38 -8.02
C GLY E 184 -15.37 -19.43 -8.41
N ARG E 185 -15.55 -19.23 -9.71
CA ARG E 185 -16.58 -18.33 -10.22
C ARG E 185 -17.95 -18.75 -9.71
N ASN E 186 -18.29 -20.01 -9.97
CA ASN E 186 -19.57 -20.56 -9.56
C ASN E 186 -19.73 -20.63 -8.05
N TYR E 187 -18.63 -20.93 -7.36
CA TYR E 187 -18.64 -21.03 -5.92
C TYR E 187 -18.95 -19.66 -5.32
N GLY E 188 -18.23 -18.64 -5.77
CA GLY E 188 -18.45 -17.30 -5.28
C GLY E 188 -19.88 -16.87 -5.50
N ARG E 189 -20.47 -17.30 -6.62
CA ARG E 189 -21.84 -16.95 -6.91
C ARG E 189 -22.73 -17.46 -5.80
N VAL E 190 -22.55 -18.74 -5.46
CA VAL E 190 -23.34 -19.36 -4.39
C VAL E 190 -23.28 -18.49 -3.16
N VAL E 191 -22.12 -17.90 -2.91
CA VAL E 191 -21.93 -17.02 -1.76
C VAL E 191 -22.69 -15.71 -1.95
N TYR E 192 -22.59 -15.10 -3.14
CA TYR E 192 -23.28 -13.84 -3.42
C TYR E 192 -24.79 -13.96 -3.21
N GLU E 193 -25.37 -15.01 -3.79
CA GLU E 193 -26.82 -15.25 -3.68
C GLU E 193 -27.25 -15.35 -2.23
N GLY E 194 -26.55 -16.19 -1.47
CA GLY E 194 -26.89 -16.37 -0.07
C GLY E 194 -26.83 -15.11 0.76
N LEU E 195 -25.69 -14.43 0.71
CA LEU E 195 -25.52 -13.20 1.49
C LEU E 195 -26.53 -12.13 1.11
N LYS E 196 -26.73 -11.92 -0.20
CA LYS E 196 -27.67 -10.90 -0.66
C LYS E 196 -29.09 -11.21 -0.16
N GLY E 197 -29.44 -12.50 -0.15
CA GLY E 197 -30.75 -12.90 0.32
C GLY E 197 -31.02 -12.68 1.78
N GLY E 198 -30.04 -12.16 2.52
CA GLY E 198 -30.26 -11.90 3.93
C GLY E 198 -29.31 -12.59 4.87
N LEU E 199 -28.53 -13.55 4.38
CA LEU E 199 -27.59 -14.24 5.25
C LEU E 199 -26.52 -13.25 5.68
N ASP E 200 -26.09 -13.35 6.92
CA ASP E 200 -25.06 -12.46 7.44
C ASP E 200 -23.69 -13.04 7.16
N PHE E 201 -23.64 -14.37 7.05
CA PHE E 201 -22.39 -15.10 6.81
C PHE E 201 -22.56 -16.31 5.90
N MET E 202 -21.47 -16.72 5.26
CA MET E 202 -21.43 -17.89 4.39
C MET E 202 -20.19 -18.69 4.80
N LYS E 203 -20.34 -20.00 4.88
CA LYS E 203 -19.24 -20.88 5.31
C LYS E 203 -18.68 -21.73 4.19
N ASP E 204 -17.35 -21.88 4.15
CA ASP E 204 -16.70 -22.72 3.15
C ASP E 204 -17.17 -24.14 3.46
N ASP E 205 -17.45 -24.93 2.43
CA ASP E 205 -17.94 -26.29 2.67
C ASP E 205 -17.10 -27.13 3.63
N GLU E 206 -17.80 -27.77 4.55
CA GLU E 206 -17.24 -28.63 5.60
C GLU E 206 -15.81 -29.14 5.52
N ASN E 207 -15.37 -29.62 4.35
CA ASN E 207 -14.02 -30.15 4.25
C ASN E 207 -13.11 -29.64 3.12
N ILE E 208 -13.47 -28.54 2.49
CA ILE E 208 -12.65 -28.00 1.41
C ILE E 208 -11.62 -26.98 1.91
N ASN E 209 -10.35 -27.38 1.92
CA ASN E 209 -9.26 -26.51 2.35
C ASN E 209 -8.62 -25.93 1.10
N SER E 210 -8.12 -26.82 0.25
CA SER E 210 -7.48 -26.46 -1.02
C SER E 210 -7.06 -27.75 -1.73
N GLN E 211 -8.07 -28.50 -2.17
CA GLN E 211 -7.84 -29.77 -2.85
C GLN E 211 -7.45 -29.59 -4.32
N PRO E 212 -6.93 -30.66 -4.96
CA PRO E 212 -6.50 -30.66 -6.37
C PRO E 212 -7.64 -30.46 -7.39
N PHE E 213 -8.15 -29.23 -7.47
CA PHE E 213 -9.23 -28.90 -8.40
C PHE E 213 -9.48 -27.40 -8.35
N MET E 214 -9.60 -26.88 -7.13
CA MET E 214 -9.82 -25.45 -6.90
C MET E 214 -8.85 -24.98 -5.83
N HIS E 215 -7.98 -24.06 -6.23
CA HIS E 215 -6.97 -23.51 -5.34
C HIS E 215 -7.55 -22.47 -4.40
N TRP E 216 -7.21 -22.58 -3.11
CA TRP E 216 -7.72 -21.66 -2.10
C TRP E 216 -7.64 -20.17 -2.47
N ARG E 217 -6.57 -19.77 -3.14
CA ARG E 217 -6.41 -18.37 -3.54
C ARG E 217 -7.56 -17.95 -4.43
N ASP E 218 -7.73 -18.68 -5.54
CA ASP E 218 -8.79 -18.39 -6.51
C ASP E 218 -10.14 -18.30 -5.81
N ARG E 219 -10.40 -19.25 -4.93
CA ARG E 219 -11.64 -19.29 -4.18
C ARG E 219 -11.79 -18.03 -3.34
N PHE E 220 -10.73 -17.65 -2.64
CA PHE E 220 -10.72 -16.45 -1.80
C PHE E 220 -11.02 -15.21 -2.62
N LEU E 221 -10.39 -15.09 -3.78
CA LEU E 221 -10.62 -13.94 -4.65
C LEU E 221 -12.10 -13.83 -4.98
N PHE E 222 -12.67 -14.89 -5.55
CA PHE E 222 -14.06 -14.90 -5.93
C PHE E 222 -15.03 -14.71 -4.77
N VAL E 223 -14.80 -15.43 -3.68
CA VAL E 223 -15.67 -15.31 -2.51
C VAL E 223 -15.68 -13.86 -2.02
N MET E 224 -14.51 -13.24 -1.90
CA MET E 224 -14.44 -11.86 -1.45
C MET E 224 -15.09 -10.91 -2.42
N ASP E 225 -15.08 -11.26 -3.70
CA ASP E 225 -15.73 -10.44 -4.70
C ASP E 225 -17.21 -10.52 -4.39
N ALA E 226 -17.68 -11.74 -4.10
CA ALA E 226 -19.08 -11.98 -3.79
C ALA E 226 -19.52 -11.21 -2.54
N VAL E 227 -18.74 -11.36 -1.47
CA VAL E 227 -19.03 -10.67 -0.22
C VAL E 227 -19.17 -9.17 -0.44
N ASN E 228 -18.25 -8.59 -1.19
CA ASN E 228 -18.29 -7.16 -1.46
C ASN E 228 -19.51 -6.80 -2.28
N LYS E 229 -19.75 -7.56 -3.33
CA LYS E 229 -20.89 -7.35 -4.21
C LYS E 229 -22.18 -7.41 -3.39
N ALA E 230 -22.23 -8.32 -2.43
CA ALA E 230 -23.40 -8.48 -1.55
C ALA E 230 -23.58 -7.28 -0.65
N SER E 231 -22.50 -6.82 -0.04
CA SER E 231 -22.55 -5.66 0.84
C SER E 231 -23.15 -4.46 0.10
N ALA E 232 -22.70 -4.24 -1.14
CA ALA E 232 -23.19 -3.11 -1.92
C ALA E 232 -24.65 -3.24 -2.41
N ALA E 233 -25.23 -4.43 -2.27
CA ALA E 233 -26.59 -4.67 -2.72
C ALA E 233 -27.58 -4.70 -1.56
N THR E 234 -27.07 -4.87 -0.35
CA THR E 234 -27.88 -4.93 0.85
C THR E 234 -27.67 -3.71 1.75
N GLY E 235 -26.47 -3.16 1.75
CA GLY E 235 -26.16 -1.99 2.56
C GLY E 235 -25.78 -2.34 3.97
N GLU E 236 -25.21 -3.53 4.17
CA GLU E 236 -24.80 -3.97 5.49
C GLU E 236 -23.49 -4.74 5.37
N VAL E 237 -22.81 -4.94 6.51
CA VAL E 237 -21.55 -5.66 6.54
C VAL E 237 -21.77 -7.14 6.29
N LYS E 238 -21.03 -7.69 5.33
CA LYS E 238 -21.16 -9.10 4.97
C LYS E 238 -19.83 -9.82 5.15
N GLY E 239 -19.89 -11.15 5.22
CA GLY E 239 -18.67 -11.93 5.38
C GLY E 239 -18.83 -13.40 5.05
N SER E 240 -17.70 -14.10 4.95
CA SER E 240 -17.66 -15.52 4.64
C SER E 240 -16.50 -16.10 5.44
N TYR E 241 -16.77 -17.17 6.19
CA TYR E 241 -15.73 -17.81 6.99
C TYR E 241 -14.73 -18.48 6.07
N LEU E 242 -13.77 -17.72 5.57
CA LEU E 242 -12.77 -18.29 4.68
C LEU E 242 -11.94 -19.30 5.47
N ASN E 243 -12.08 -20.58 5.12
CA ASN E 243 -11.33 -21.60 5.82
C ASN E 243 -9.85 -21.43 5.57
N VAL E 244 -9.11 -21.27 6.66
CA VAL E 244 -7.69 -21.04 6.61
C VAL E 244 -6.93 -22.29 7.11
N THR E 245 -7.68 -23.31 7.49
CA THR E 245 -7.09 -24.55 7.97
C THR E 245 -6.12 -25.14 6.94
N ALA E 246 -4.95 -25.54 7.42
CA ALA E 246 -3.92 -26.12 6.56
C ALA E 246 -3.02 -27.08 7.33
N GLY E 247 -2.12 -27.77 6.62
CA GLY E 247 -1.24 -28.74 7.25
C GLY E 247 -0.14 -28.24 8.16
N THR E 248 0.33 -27.03 7.95
CA THR E 248 1.38 -26.47 8.77
C THR E 248 1.02 -25.03 9.10
N MET E 249 1.63 -24.49 10.17
CA MET E 249 1.37 -23.11 10.58
C MET E 249 1.75 -22.10 9.50
N GLU E 250 2.77 -22.42 8.73
CA GLU E 250 3.23 -21.57 7.65
C GLU E 250 2.15 -21.36 6.60
N GLU E 251 1.45 -22.43 6.20
CA GLU E 251 0.36 -22.34 5.21
C GLU E 251 -0.81 -21.58 5.82
N MET E 252 -1.18 -21.99 7.02
CA MET E 252 -2.27 -21.39 7.76
C MET E 252 -2.10 -19.87 7.84
N TYR E 253 -0.93 -19.41 8.26
CA TYR E 253 -0.67 -17.96 8.34
C TYR E 253 -0.67 -17.36 6.95
N ARG E 254 -0.21 -18.13 5.97
CA ARG E 254 -0.14 -17.68 4.59
C ARG E 254 -1.56 -17.39 4.05
N ARG E 255 -2.50 -18.26 4.39
CA ARG E 255 -3.89 -18.12 3.97
C ARG E 255 -4.57 -17.03 4.81
N ALA E 256 -4.19 -16.94 6.08
CA ALA E 256 -4.78 -15.93 6.97
C ALA E 256 -4.43 -14.55 6.44
N GLU E 257 -3.15 -14.38 6.07
CA GLU E 257 -2.67 -13.12 5.54
C GLU E 257 -3.33 -12.75 4.22
N PHE E 258 -3.59 -13.73 3.37
CA PHE E 258 -4.22 -13.44 2.10
C PHE E 258 -5.65 -13.03 2.38
N ALA E 259 -6.32 -13.77 3.26
CA ALA E 259 -7.70 -13.46 3.62
C ALA E 259 -7.74 -12.03 4.11
N LYS E 260 -6.83 -11.71 5.03
CA LYS E 260 -6.75 -10.36 5.56
C LYS E 260 -6.58 -9.34 4.45
N SER E 261 -5.61 -9.59 3.55
CA SER E 261 -5.34 -8.64 2.46
C SER E 261 -6.55 -8.34 1.62
N LEU E 262 -7.38 -9.35 1.40
CA LEU E 262 -8.60 -9.17 0.61
C LEU E 262 -9.65 -8.37 1.38
N GLY E 263 -9.43 -8.20 2.68
CA GLY E 263 -10.35 -7.42 3.50
C GLY E 263 -11.47 -8.17 4.20
N SER E 264 -11.27 -9.46 4.45
CA SER E 264 -12.28 -10.27 5.11
C SER E 264 -12.40 -9.97 6.59
N VAL E 265 -13.63 -9.81 7.04
CA VAL E 265 -13.92 -9.52 8.43
C VAL E 265 -13.81 -10.76 9.30
N ILE E 266 -13.87 -11.94 8.69
CA ILE E 266 -13.84 -13.18 9.45
C ILE E 266 -13.01 -14.28 8.81
N ILE E 267 -12.55 -15.21 9.63
CA ILE E 267 -11.72 -16.32 9.18
C ILE E 267 -12.24 -17.58 9.86
N MET E 268 -11.85 -18.75 9.35
CA MET E 268 -12.32 -20.00 9.94
C MET E 268 -11.19 -21.00 10.08
N VAL E 269 -11.15 -21.69 11.22
CA VAL E 269 -10.13 -22.68 11.52
C VAL E 269 -10.81 -23.92 12.05
N ASP E 270 -10.23 -25.09 11.76
CA ASP E 270 -10.78 -26.35 12.22
C ASP E 270 -10.11 -26.77 13.51
N LEU E 271 -10.92 -27.22 14.46
CA LEU E 271 -10.42 -27.64 15.78
C LEU E 271 -9.22 -28.59 15.71
N ILE E 272 -9.28 -29.56 14.79
CA ILE E 272 -8.23 -30.58 14.60
C ILE E 272 -6.81 -30.05 14.50
N VAL E 273 -6.69 -28.79 14.12
CA VAL E 273 -5.40 -28.14 13.97
C VAL E 273 -4.56 -28.22 15.26
N GLY E 274 -5.22 -28.17 16.42
CA GLY E 274 -4.49 -28.26 17.67
C GLY E 274 -4.55 -27.00 18.51
N TRP E 275 -4.53 -27.19 19.83
CA TRP E 275 -4.61 -26.11 20.80
C TRP E 275 -3.57 -25.03 20.56
N THR E 276 -2.34 -25.45 20.28
CA THR E 276 -1.26 -24.51 20.07
C THR E 276 -1.43 -23.70 18.80
N CYS E 277 -1.93 -24.32 17.74
CA CYS E 277 -2.14 -23.59 16.50
C CYS E 277 -3.25 -22.54 16.67
N ILE E 278 -4.31 -22.94 17.37
CA ILE E 278 -5.43 -22.06 17.62
C ILE E 278 -4.99 -20.83 18.40
N GLN E 279 -4.16 -21.04 19.43
CA GLN E 279 -3.69 -19.93 20.23
C GLN E 279 -2.90 -18.95 19.37
N SER E 280 -2.06 -19.47 18.49
CA SER E 280 -1.29 -18.63 17.60
C SER E 280 -2.21 -17.85 16.65
N MET E 281 -3.24 -18.53 16.13
CA MET E 281 -4.19 -17.91 15.22
C MET E 281 -5.01 -16.85 15.93
N SER E 282 -5.34 -17.10 17.19
CA SER E 282 -6.12 -16.17 17.99
C SER E 282 -5.30 -14.91 18.17
N ASN E 283 -4.03 -15.09 18.56
CA ASN E 283 -3.12 -13.97 18.77
C ASN E 283 -3.05 -13.17 17.47
N TRP E 284 -2.89 -13.88 16.36
CA TRP E 284 -2.80 -13.25 15.06
C TRP E 284 -4.05 -12.41 14.78
N CYS E 285 -5.23 -13.01 14.91
CA CYS E 285 -6.48 -12.30 14.66
C CYS E 285 -6.62 -10.99 15.43
N ARG E 286 -6.27 -11.01 16.71
CA ARG E 286 -6.37 -9.83 17.55
C ARG E 286 -5.52 -8.71 16.95
N GLN E 287 -4.29 -9.06 16.60
CA GLN E 287 -3.35 -8.11 16.03
C GLN E 287 -3.60 -7.78 14.56
N ASN E 288 -4.65 -8.36 14.00
CA ASN E 288 -4.99 -8.09 12.61
C ASN E 288 -6.46 -7.77 12.45
N ASP E 289 -7.14 -7.59 13.58
CA ASP E 289 -8.56 -7.26 13.62
C ASP E 289 -9.43 -8.24 12.86
N MET E 290 -9.30 -9.52 13.17
CA MET E 290 -10.08 -10.57 12.51
C MET E 290 -10.95 -11.35 13.50
N ILE E 291 -12.07 -11.85 13.02
CA ILE E 291 -12.96 -12.64 13.87
C ILE E 291 -12.54 -14.08 13.58
N LEU E 292 -12.30 -14.85 14.63
CA LEU E 292 -11.87 -16.24 14.45
C LEU E 292 -13.00 -17.24 14.66
N HIS E 293 -13.48 -17.82 13.57
CA HIS E 293 -14.56 -18.79 13.63
C HIS E 293 -13.97 -20.19 13.79
N LEU E 294 -14.34 -20.88 14.87
CA LEU E 294 -13.85 -22.23 15.11
C LEU E 294 -14.88 -23.30 14.72
N HIS E 295 -14.45 -24.23 13.88
CA HIS E 295 -15.30 -25.31 13.41
C HIS E 295 -14.87 -26.54 14.21
N ARG E 296 -15.73 -26.99 15.12
CA ARG E 296 -15.43 -28.13 15.98
C ARG E 296 -15.42 -29.52 15.32
N ALA E 297 -14.96 -29.61 14.09
CA ALA E 297 -14.92 -30.90 13.38
C ALA E 297 -14.05 -31.93 14.10
N GLY E 298 -14.60 -33.12 14.31
CA GLY E 298 -13.86 -34.20 14.97
C GLY E 298 -14.01 -34.36 16.47
N HIS E 299 -14.62 -33.39 17.14
CA HIS E 299 -14.79 -33.44 18.59
C HIS E 299 -15.47 -34.71 19.10
N GLY E 300 -16.46 -35.18 18.33
CA GLY E 300 -17.22 -36.37 18.70
C GLY E 300 -16.42 -37.57 19.14
N THR E 301 -15.17 -37.68 18.70
CA THR E 301 -14.33 -38.81 19.08
C THR E 301 -14.23 -38.99 20.59
N TYR E 302 -14.35 -37.90 21.33
CA TYR E 302 -14.25 -37.94 22.79
C TYR E 302 -15.40 -37.24 23.53
N THR E 303 -16.14 -36.36 22.84
CA THR E 303 -17.24 -35.65 23.47
C THR E 303 -18.62 -36.31 23.30
N ARG E 304 -18.64 -37.54 22.82
CA ARG E 304 -19.90 -38.26 22.60
C ARG E 304 -20.35 -39.17 23.73
N GLN E 305 -19.48 -40.10 24.11
CA GLN E 305 -19.82 -41.06 25.16
C GLN E 305 -19.71 -40.52 26.58
N LYS E 306 -20.86 -40.45 27.26
CA LYS E 306 -20.92 -39.97 28.63
C LYS E 306 -20.45 -41.05 29.61
N ASN E 307 -19.15 -41.35 29.57
CA ASN E 307 -18.55 -42.35 30.45
C ASN E 307 -17.03 -42.39 30.22
N HIS E 308 -16.61 -41.83 29.09
CA HIS E 308 -15.21 -41.75 28.73
C HIS E 308 -15.01 -40.60 27.74
N GLY E 309 -13.97 -39.81 27.96
CA GLY E 309 -13.68 -38.70 27.09
C GLY E 309 -13.58 -37.41 27.85
N VAL E 310 -13.96 -36.31 27.19
CA VAL E 310 -13.94 -34.99 27.78
C VAL E 310 -15.22 -34.29 27.34
N SER E 311 -16.00 -33.79 28.30
CA SER E 311 -17.25 -33.12 27.95
C SER E 311 -16.98 -31.85 27.17
N PHE E 312 -17.80 -31.62 26.16
CA PHE E 312 -17.62 -30.45 25.35
C PHE E 312 -17.59 -29.14 26.12
N ARG E 313 -18.29 -29.07 27.25
CA ARG E 313 -18.30 -27.83 28.04
C ARG E 313 -16.89 -27.46 28.45
N VAL E 314 -16.06 -28.47 28.72
CA VAL E 314 -14.68 -28.23 29.10
C VAL E 314 -13.95 -27.71 27.87
N ILE E 315 -14.12 -28.43 26.75
CA ILE E 315 -13.50 -28.05 25.48
C ILE E 315 -13.88 -26.60 25.19
N ALA E 316 -15.12 -26.24 25.50
CA ALA E 316 -15.63 -24.91 25.27
C ALA E 316 -14.91 -23.88 26.16
N LYS E 317 -14.64 -24.25 27.40
CA LYS E 317 -13.93 -23.34 28.31
C LYS E 317 -12.54 -23.08 27.77
N TRP E 318 -11.84 -24.16 27.42
CA TRP E 318 -10.50 -24.07 26.87
C TRP E 318 -10.49 -23.18 25.65
N LEU E 319 -11.41 -23.44 24.73
CA LEU E 319 -11.51 -22.64 23.51
C LEU E 319 -11.71 -21.16 23.78
N ARG E 320 -12.44 -20.84 24.84
CA ARG E 320 -12.66 -19.43 25.19
C ARG E 320 -11.36 -18.84 25.68
N LEU E 321 -10.65 -19.59 26.51
CA LEU E 321 -9.36 -19.15 27.03
C LEU E 321 -8.41 -18.96 25.84
N ALA E 322 -8.49 -19.88 24.87
CA ALA E 322 -7.64 -19.84 23.69
C ALA E 322 -7.86 -18.56 22.90
N GLY E 323 -9.10 -18.10 22.80
CA GLY E 323 -9.36 -16.87 22.09
C GLY E 323 -10.22 -16.98 20.84
N VAL E 324 -11.03 -18.02 20.76
CA VAL E 324 -11.90 -18.22 19.62
C VAL E 324 -13.07 -17.23 19.68
N ASP E 325 -13.58 -16.81 18.53
CA ASP E 325 -14.69 -15.86 18.49
C ASP E 325 -16.07 -16.47 18.22
N HIS E 326 -16.11 -17.53 17.41
CA HIS E 326 -17.37 -18.23 17.11
C HIS E 326 -17.06 -19.64 17.50
N MET E 327 -18.03 -20.34 18.06
CA MET E 327 -17.80 -21.71 18.46
C MET E 327 -19.07 -22.52 18.26
N HIS E 328 -18.97 -23.63 17.55
CA HIS E 328 -20.13 -24.49 17.34
C HIS E 328 -20.47 -25.11 18.68
N THR E 329 -21.67 -24.80 19.18
CA THR E 329 -22.12 -25.28 20.47
C THR E 329 -23.19 -26.37 20.42
N GLY E 330 -24.14 -26.23 19.50
CA GLY E 330 -25.17 -27.25 19.39
C GLY E 330 -26.55 -26.73 19.03
N THR E 331 -27.33 -27.59 18.39
CA THR E 331 -28.69 -27.27 17.97
C THR E 331 -29.67 -27.41 19.13
N ALA E 332 -29.41 -28.37 20.02
CA ALA E 332 -30.25 -28.62 21.19
C ALA E 332 -31.71 -28.95 20.85
N VAL E 333 -32.01 -30.25 20.82
CA VAL E 333 -33.35 -30.76 20.52
C VAL E 333 -33.82 -30.52 19.08
N GLY E 334 -33.54 -29.33 18.54
CA GLY E 334 -33.95 -29.02 17.18
C GLY E 334 -33.47 -30.07 16.20
N LYS E 335 -32.35 -30.71 16.52
CA LYS E 335 -31.78 -31.77 15.69
C LYS E 335 -30.97 -32.72 16.56
N LEU E 336 -30.61 -33.87 15.97
CA LEU E 336 -29.83 -34.89 16.66
C LEU E 336 -28.43 -34.35 16.97
N GLU E 337 -28.22 -33.98 18.23
CA GLU E 337 -26.94 -33.45 18.69
C GLU E 337 -26.78 -33.70 20.19
N GLY E 338 -27.63 -33.07 20.98
CA GLY E 338 -27.57 -33.24 22.43
C GLY E 338 -28.76 -32.67 23.21
N ASP E 339 -28.73 -32.87 24.53
CA ASP E 339 -29.76 -32.42 25.46
C ASP E 339 -29.80 -30.90 25.60
N PRO E 340 -31.00 -30.29 25.47
CA PRO E 340 -31.23 -28.84 25.58
C PRO E 340 -30.48 -28.15 26.72
N LEU E 341 -30.73 -28.59 27.94
CA LEU E 341 -30.07 -28.00 29.11
C LEU E 341 -28.55 -28.09 29.02
N THR E 342 -28.06 -29.28 28.68
CA THR E 342 -26.62 -29.52 28.57
C THR E 342 -26.05 -28.57 27.52
N VAL E 343 -26.79 -28.38 26.44
CA VAL E 343 -26.36 -27.50 25.36
C VAL E 343 -26.32 -26.06 25.91
N GLN E 344 -27.27 -25.72 26.76
CA GLN E 344 -27.31 -24.40 27.37
C GLN E 344 -26.10 -24.22 28.29
N GLY E 345 -25.62 -25.33 28.85
CA GLY E 345 -24.45 -25.28 29.70
C GLY E 345 -23.30 -24.81 28.83
N TYR E 346 -23.20 -25.39 27.64
CA TYR E 346 -22.17 -25.05 26.67
C TYR E 346 -22.32 -23.60 26.29
N TYR E 347 -23.55 -23.19 25.94
CA TYR E 347 -23.82 -21.81 25.57
C TYR E 347 -23.42 -20.84 26.69
N ASN E 348 -23.64 -21.26 27.92
CA ASN E 348 -23.30 -20.45 29.09
C ASN E 348 -21.80 -20.25 29.17
N VAL E 349 -21.05 -21.34 28.99
CA VAL E 349 -19.59 -21.28 29.02
C VAL E 349 -19.08 -20.23 28.04
N CYS E 350 -19.79 -20.07 26.93
CA CYS E 350 -19.41 -19.11 25.90
C CYS E 350 -19.84 -17.68 26.16
N ARG E 351 -21.04 -17.48 26.70
CA ARG E 351 -21.58 -16.13 26.91
C ARG E 351 -21.65 -15.58 28.34
N ASP E 352 -21.29 -16.38 29.32
CA ASP E 352 -21.34 -15.92 30.70
C ASP E 352 -20.19 -15.02 31.12
N ALA E 353 -20.50 -14.02 31.92
CA ALA E 353 -19.48 -13.12 32.45
C ALA E 353 -18.95 -13.82 33.71
N TYR E 354 -19.86 -14.58 34.33
CA TYR E 354 -19.59 -15.36 35.53
C TYR E 354 -20.53 -16.55 35.48
N THR E 355 -20.00 -17.72 35.14
CA THR E 355 -20.79 -18.94 35.06
C THR E 355 -21.11 -19.50 36.44
N GLN E 356 -22.39 -19.58 36.76
CA GLN E 356 -22.83 -20.10 38.05
C GLN E 356 -23.13 -21.60 37.97
N THR E 357 -22.75 -22.31 39.03
CA THR E 357 -22.96 -23.75 39.10
C THR E 357 -24.42 -24.11 38.83
N ASP E 358 -24.61 -25.11 37.98
CA ASP E 358 -25.94 -25.56 37.60
C ASP E 358 -25.87 -27.02 37.22
N LEU E 359 -26.10 -27.89 38.19
CA LEU E 359 -26.06 -29.33 37.97
C LEU E 359 -26.98 -29.85 36.86
N THR E 360 -28.09 -29.16 36.61
CA THR E 360 -29.01 -29.60 35.57
C THR E 360 -28.42 -29.38 34.18
N ARG E 361 -27.68 -28.28 34.03
CA ARG E 361 -27.04 -27.97 32.76
C ARG E 361 -25.62 -28.52 32.75
N GLY E 362 -25.33 -29.43 33.67
CA GLY E 362 -24.02 -30.04 33.75
C GLY E 362 -22.90 -29.17 34.29
N LEU E 363 -23.25 -27.96 34.75
CA LEU E 363 -22.24 -27.05 35.29
C LEU E 363 -21.97 -27.37 36.75
N PHE E 364 -20.81 -27.97 37.01
CA PHE E 364 -20.40 -28.37 38.36
C PHE E 364 -19.65 -27.32 39.16
N PHE E 365 -19.05 -26.35 38.49
CA PHE E 365 -18.28 -25.32 39.19
C PHE E 365 -18.68 -23.91 38.79
N ASP E 366 -18.41 -22.97 39.69
CA ASP E 366 -18.69 -21.56 39.43
C ASP E 366 -17.43 -21.10 38.74
N GLN E 367 -17.57 -20.50 37.56
CA GLN E 367 -16.43 -20.02 36.81
C GLN E 367 -16.48 -18.52 36.57
N ASP E 368 -15.54 -17.80 37.15
CA ASP E 368 -15.45 -16.35 36.98
C ASP E 368 -14.55 -16.19 35.76
N TRP E 369 -15.08 -15.54 34.72
CA TRP E 369 -14.32 -15.34 33.50
C TRP E 369 -13.46 -14.08 33.46
N ALA E 370 -13.24 -13.49 34.63
CA ALA E 370 -12.41 -12.29 34.81
C ALA E 370 -12.41 -11.27 33.67
N SER E 371 -13.59 -10.96 33.15
CA SER E 371 -13.75 -9.99 32.08
C SER E 371 -13.29 -10.43 30.67
N LEU E 372 -13.09 -11.73 30.46
CA LEU E 372 -12.68 -12.23 29.15
C LEU E 372 -13.88 -12.06 28.23
N ARG E 373 -13.63 -11.58 27.03
CA ARG E 373 -14.68 -11.37 26.05
C ARG E 373 -15.48 -12.65 25.81
N LYS E 374 -16.77 -12.47 25.53
CA LYS E 374 -17.68 -13.58 25.30
C LYS E 374 -17.59 -14.15 23.89
N VAL E 375 -17.77 -15.46 23.80
CA VAL E 375 -17.72 -16.19 22.53
C VAL E 375 -19.12 -16.36 21.93
N MET E 376 -19.21 -16.24 20.62
CA MET E 376 -20.47 -16.38 19.89
C MET E 376 -20.73 -17.84 19.59
N PRO E 377 -21.81 -18.40 20.16
CA PRO E 377 -22.12 -19.81 19.89
C PRO E 377 -22.65 -19.91 18.47
N VAL E 378 -22.50 -21.09 17.88
CA VAL E 378 -22.98 -21.33 16.52
C VAL E 378 -23.85 -22.59 16.53
N ALA E 379 -25.13 -22.41 16.24
CA ALA E 379 -26.09 -23.51 16.21
C ALA E 379 -26.06 -24.10 14.81
N SER E 380 -25.62 -25.34 14.70
CA SER E 380 -25.53 -26.01 13.42
C SER E 380 -26.17 -27.39 13.50
N GLY E 381 -26.69 -27.85 12.37
CA GLY E 381 -27.33 -29.15 12.33
C GLY E 381 -28.53 -29.09 11.41
N GLY E 382 -29.37 -30.12 11.45
CA GLY E 382 -30.56 -30.16 10.63
C GLY E 382 -31.64 -29.20 11.12
N ILE E 383 -31.46 -27.91 10.84
CA ILE E 383 -32.42 -26.90 11.24
C ILE E 383 -32.99 -26.13 10.05
N HIS E 384 -34.10 -25.45 10.29
CA HIS E 384 -34.80 -24.69 9.27
C HIS E 384 -35.73 -23.68 9.91
N ALA E 385 -36.20 -22.73 9.12
CA ALA E 385 -37.10 -21.67 9.59
C ALA E 385 -38.18 -22.16 10.55
N GLY E 386 -38.74 -23.34 10.29
CA GLY E 386 -39.78 -23.89 11.13
C GLY E 386 -39.48 -23.93 12.62
N GLN E 387 -38.22 -24.18 12.98
CA GLN E 387 -37.82 -24.25 14.37
C GLN E 387 -37.48 -22.90 14.99
N MET E 388 -37.48 -21.85 14.18
CA MET E 388 -37.13 -20.51 14.63
C MET E 388 -37.54 -20.20 16.06
N HIS E 389 -38.84 -20.22 16.32
CA HIS E 389 -39.40 -19.95 17.64
C HIS E 389 -38.77 -20.75 18.77
N GLN E 390 -38.40 -21.99 18.50
CA GLN E 390 -37.78 -22.84 19.50
C GLN E 390 -36.39 -22.32 19.79
N LEU E 391 -35.63 -22.11 18.71
CA LEU E 391 -34.25 -21.62 18.81
C LEU E 391 -34.19 -20.30 19.56
N ILE E 392 -34.93 -19.30 19.08
CA ILE E 392 -34.98 -17.98 19.72
C ILE E 392 -35.23 -18.10 21.21
N HIS E 393 -36.12 -19.03 21.58
CA HIS E 393 -36.45 -19.26 22.98
C HIS E 393 -35.34 -19.92 23.76
N LEU E 394 -34.68 -20.90 23.14
CA LEU E 394 -33.61 -21.65 23.81
C LEU E 394 -32.28 -20.91 23.87
N PHE E 395 -31.99 -20.12 22.85
CA PHE E 395 -30.71 -19.43 22.78
C PHE E 395 -30.76 -17.91 22.90
N GLY E 396 -31.76 -17.30 22.29
CA GLY E 396 -31.87 -15.86 22.37
C GLY E 396 -31.19 -15.18 21.20
N ASP E 397 -30.70 -13.96 21.45
CA ASP E 397 -30.04 -13.16 20.42
C ASP E 397 -28.60 -13.50 20.07
N ASP E 398 -27.79 -13.81 21.07
CA ASP E 398 -26.40 -14.09 20.80
C ASP E 398 -26.10 -15.52 20.37
N VAL E 399 -26.33 -15.78 19.10
CA VAL E 399 -26.10 -17.10 18.52
C VAL E 399 -26.12 -16.96 17.00
N VAL E 400 -25.31 -17.76 16.31
CA VAL E 400 -25.29 -17.71 14.86
C VAL E 400 -26.07 -18.92 14.38
N LEU E 401 -27.20 -18.67 13.74
CA LEU E 401 -28.03 -19.75 13.25
C LEU E 401 -27.50 -20.19 11.90
N GLN E 402 -26.81 -21.34 11.91
CA GLN E 402 -26.20 -21.91 10.71
C GLN E 402 -27.15 -22.88 10.00
N PHE E 403 -27.84 -22.40 8.98
CA PHE E 403 -28.78 -23.24 8.22
C PHE E 403 -28.06 -23.82 7.00
N GLY E 404 -28.11 -25.13 6.85
CA GLY E 404 -27.46 -25.77 5.71
C GLY E 404 -28.42 -26.08 4.58
N GLY E 405 -28.79 -27.35 4.47
CA GLY E 405 -29.70 -27.78 3.42
C GLY E 405 -30.97 -26.94 3.31
N GLY E 406 -31.49 -26.51 4.45
CA GLY E 406 -32.71 -25.71 4.46
C GLY E 406 -32.63 -24.45 3.62
N THR E 407 -31.44 -23.87 3.53
CA THR E 407 -31.25 -22.65 2.76
C THR E 407 -30.87 -22.93 1.32
N ILE E 408 -29.78 -23.68 1.15
CA ILE E 408 -29.27 -24.02 -0.17
C ILE E 408 -30.26 -24.83 -1.01
N GLY E 409 -30.91 -25.79 -0.37
CA GLY E 409 -31.87 -26.63 -1.07
C GLY E 409 -33.25 -26.03 -1.24
N HIS E 410 -33.38 -24.72 -1.02
CA HIS E 410 -34.67 -24.07 -1.17
C HIS E 410 -35.13 -24.13 -2.62
N PRO E 411 -36.38 -24.51 -2.86
CA PRO E 411 -37.02 -24.64 -4.17
C PRO E 411 -36.75 -23.48 -5.14
N GLN E 412 -36.77 -22.24 -4.64
CA GLN E 412 -36.53 -21.07 -5.46
C GLN E 412 -35.10 -20.55 -5.36
N GLY E 413 -34.13 -21.44 -5.15
CA GLY E 413 -32.75 -21.02 -5.06
C GLY E 413 -32.29 -20.62 -3.68
N ILE E 414 -30.97 -20.40 -3.54
CA ILE E 414 -30.36 -20.03 -2.26
C ILE E 414 -30.84 -18.69 -1.74
N GLN E 415 -30.84 -17.68 -2.61
CA GLN E 415 -31.24 -16.34 -2.20
C GLN E 415 -32.61 -16.39 -1.53
N ALA E 416 -33.50 -17.20 -2.08
CA ALA E 416 -34.84 -17.36 -1.54
C ALA E 416 -34.77 -17.99 -0.15
N GLY E 417 -34.00 -19.07 -0.02
CA GLY E 417 -33.86 -19.74 1.26
C GLY E 417 -33.37 -18.75 2.31
N ALA E 418 -32.43 -17.90 1.91
CA ALA E 418 -31.85 -16.88 2.78
C ALA E 418 -32.95 -15.96 3.28
N THR E 419 -33.68 -15.37 2.35
CA THR E 419 -34.76 -14.45 2.67
C THR E 419 -35.77 -15.12 3.60
N ALA E 420 -36.03 -16.39 3.36
CA ALA E 420 -36.97 -17.14 4.19
C ALA E 420 -36.50 -17.11 5.63
N ASN E 421 -35.32 -17.68 5.86
CA ASN E 421 -34.76 -17.72 7.20
C ASN E 421 -34.64 -16.34 7.82
N ARG E 422 -34.22 -15.36 7.02
CA ARG E 422 -34.06 -14.01 7.51
C ARG E 422 -35.39 -13.49 8.04
N VAL E 423 -36.42 -13.51 7.19
CA VAL E 423 -37.74 -13.05 7.58
C VAL E 423 -38.22 -13.81 8.81
N ALA E 424 -38.14 -15.13 8.75
CA ALA E 424 -38.55 -15.98 9.87
C ALA E 424 -37.91 -15.50 11.16
N LEU E 425 -36.67 -15.06 11.07
CA LEU E 425 -35.93 -14.56 12.21
C LEU E 425 -36.44 -13.18 12.62
N GLU E 426 -36.43 -12.25 11.67
CA GLU E 426 -36.89 -10.89 11.89
C GLU E 426 -38.23 -10.85 12.62
N ALA E 427 -39.23 -11.51 12.02
CA ALA E 427 -40.56 -11.58 12.57
C ALA E 427 -40.57 -12.18 13.97
N MET E 428 -39.97 -13.35 14.11
CA MET E 428 -39.92 -14.03 15.40
C MET E 428 -39.36 -13.13 16.50
N VAL E 429 -38.39 -12.29 16.17
CA VAL E 429 -37.81 -11.38 17.14
C VAL E 429 -38.82 -10.30 17.50
N LEU E 430 -39.38 -9.67 16.48
CA LEU E 430 -40.37 -8.61 16.69
C LEU E 430 -41.46 -9.13 17.61
N ALA E 431 -42.04 -10.26 17.21
CA ALA E 431 -43.09 -10.89 17.99
C ALA E 431 -42.62 -11.15 19.41
N ARG E 432 -41.46 -11.79 19.56
CA ARG E 432 -40.91 -12.09 20.88
C ARG E 432 -40.77 -10.81 21.72
N ASN E 433 -40.36 -9.73 21.07
CA ASN E 433 -40.18 -8.45 21.76
C ASN E 433 -41.51 -7.92 22.24
N GLU E 434 -42.56 -8.14 21.45
CA GLU E 434 -43.91 -7.70 21.82
C GLU E 434 -44.42 -8.48 23.02
N GLY E 435 -43.76 -9.59 23.34
CA GLY E 435 -44.15 -10.41 24.48
C GLY E 435 -44.79 -11.73 24.13
N ARG E 436 -45.26 -11.87 22.89
CA ARG E 436 -45.93 -13.09 22.42
C ARG E 436 -45.16 -14.36 22.74
N ASP E 437 -45.88 -15.39 23.16
CA ASP E 437 -45.28 -16.67 23.52
C ASP E 437 -44.62 -17.32 22.31
N ILE E 438 -43.34 -17.03 22.14
CA ILE E 438 -42.52 -17.56 21.05
C ILE E 438 -42.85 -19.02 20.76
N LEU E 439 -42.84 -19.85 21.82
CA LEU E 439 -43.11 -21.27 21.70
C LEU E 439 -44.45 -21.61 21.06
N ASN E 440 -45.51 -21.44 21.84
CA ASN E 440 -46.87 -21.74 21.41
C ASN E 440 -47.33 -21.00 20.17
N GLU E 441 -47.13 -19.68 20.16
CA GLU E 441 -47.55 -18.87 19.02
C GLU E 441 -46.61 -18.95 17.82
N GLY E 442 -45.42 -19.53 18.04
CA GLY E 442 -44.44 -19.65 16.98
C GLY E 442 -45.00 -20.00 15.62
N PRO E 443 -45.60 -21.19 15.46
CA PRO E 443 -46.17 -21.64 14.19
C PRO E 443 -47.05 -20.59 13.55
N GLU E 444 -47.91 -19.94 14.34
CA GLU E 444 -48.80 -18.91 13.84
C GLU E 444 -48.01 -17.71 13.31
N ILE E 445 -47.08 -17.22 14.13
CA ILE E 445 -46.24 -16.08 13.77
C ILE E 445 -45.56 -16.35 12.45
N LEU E 446 -45.03 -17.56 12.30
CA LEU E 446 -44.35 -17.96 11.08
C LEU E 446 -45.34 -17.99 9.91
N ARG E 447 -46.56 -18.47 10.16
CA ARG E 447 -47.59 -18.52 9.12
C ARG E 447 -47.96 -17.10 8.67
N ASP E 448 -48.06 -16.18 9.63
CA ASP E 448 -48.40 -14.79 9.38
C ASP E 448 -47.34 -14.16 8.48
N ALA E 449 -46.09 -14.48 8.75
CA ALA E 449 -44.97 -13.96 7.96
C ALA E 449 -44.96 -14.60 6.58
N ALA E 450 -45.10 -15.93 6.56
CA ALA E 450 -45.10 -16.70 5.31
C ALA E 450 -46.19 -16.21 4.37
N ARG E 451 -47.28 -15.74 4.96
CA ARG E 451 -48.43 -15.23 4.21
C ARG E 451 -48.02 -14.18 3.17
N TRP E 452 -47.17 -13.24 3.56
CA TRP E 452 -46.71 -12.18 2.65
C TRP E 452 -45.31 -12.47 2.11
N CYS E 453 -44.64 -13.45 2.70
CA CYS E 453 -43.30 -13.82 2.28
C CYS E 453 -43.30 -15.13 1.50
N GLY E 454 -43.48 -15.03 0.18
CA GLY E 454 -43.50 -16.19 -0.69
C GLY E 454 -42.45 -17.24 -0.36
N PRO E 455 -41.17 -16.88 -0.36
CA PRO E 455 -40.06 -17.81 -0.06
C PRO E 455 -40.22 -18.54 1.28
N LEU E 456 -40.71 -17.83 2.30
CA LEU E 456 -40.92 -18.44 3.61
C LEU E 456 -42.00 -19.49 3.49
N ARG E 457 -43.08 -19.12 2.79
CA ARG E 457 -44.21 -20.02 2.55
C ARG E 457 -43.68 -21.34 2.01
N ALA E 458 -42.91 -21.24 0.93
CA ALA E 458 -42.32 -22.40 0.28
C ALA E 458 -41.37 -23.15 1.20
N ALA E 459 -40.70 -22.41 2.08
CA ALA E 459 -39.75 -23.00 3.01
C ALA E 459 -40.50 -23.88 4.01
N LEU E 460 -41.62 -23.37 4.50
CA LEU E 460 -42.44 -24.11 5.47
C LEU E 460 -43.13 -25.30 4.84
N ASP E 461 -43.57 -25.14 3.60
CA ASP E 461 -44.26 -26.22 2.88
C ASP E 461 -43.32 -27.41 2.72
N THR E 462 -42.05 -27.13 2.49
CA THR E 462 -41.05 -28.17 2.30
C THR E 462 -40.54 -28.73 3.63
N TRP E 463 -40.02 -27.85 4.49
CA TRP E 463 -39.49 -28.27 5.78
C TRP E 463 -40.37 -27.72 6.90
N GLY E 464 -41.54 -28.32 7.07
CA GLY E 464 -42.47 -27.88 8.09
C GLY E 464 -42.13 -28.33 9.51
N ASP E 465 -43.15 -28.77 10.23
CA ASP E 465 -43.00 -29.23 11.62
C ASP E 465 -42.24 -30.56 11.72
N ILE E 466 -41.54 -30.71 12.84
CA ILE E 466 -40.76 -31.91 13.12
C ILE E 466 -40.35 -31.86 14.61
N MET F 1 -33.16 -3.64 -4.04
CA MET F 1 -32.79 -2.26 -3.64
C MET F 1 -33.56 -1.85 -2.38
N ARG F 2 -32.90 -1.98 -1.24
CA ARG F 2 -33.48 -1.64 0.06
C ARG F 2 -32.37 -1.88 1.07
N ILE F 3 -32.03 -0.84 1.84
CA ILE F 3 -31.00 -0.94 2.85
C ILE F 3 -31.51 -1.86 3.97
N THR F 4 -30.87 -3.01 4.15
CA THR F 4 -31.23 -3.96 5.21
C THR F 4 -30.32 -3.73 6.42
N GLN F 5 -30.03 -2.47 6.69
CA GLN F 5 -29.14 -2.07 7.78
C GLN F 5 -29.90 -1.89 9.09
N GLY F 6 -30.62 -2.92 9.52
CA GLY F 6 -31.35 -2.82 10.78
C GLY F 6 -32.23 -4.01 11.10
N THR F 7 -32.52 -4.21 12.39
CA THR F 7 -33.38 -5.30 12.83
C THR F 7 -34.75 -4.99 12.25
N PHE F 8 -35.50 -6.02 11.90
CA PHE F 8 -36.85 -5.86 11.34
C PHE F 8 -36.92 -5.23 9.94
N SER F 9 -35.78 -4.86 9.36
CA SER F 9 -35.77 -4.26 8.03
C SER F 9 -36.15 -5.22 6.89
N PHE F 10 -36.37 -6.49 7.24
CA PHE F 10 -36.77 -7.50 6.25
C PHE F 10 -38.28 -7.68 6.31
N LEU F 11 -38.91 -6.90 7.17
CA LEU F 11 -40.35 -6.93 7.37
C LEU F 11 -40.88 -5.60 6.86
N PRO F 12 -42.21 -5.49 6.68
CA PRO F 12 -42.77 -4.22 6.20
C PRO F 12 -42.52 -3.14 7.24
N GLU F 13 -42.54 -1.88 6.82
CA GLU F 13 -42.30 -0.76 7.71
C GLU F 13 -43.16 -0.85 8.97
N LEU F 14 -42.53 -0.67 10.11
CA LEU F 14 -43.23 -0.72 11.38
C LEU F 14 -44.24 0.41 11.49
N THR F 15 -45.34 0.12 12.18
CA THR F 15 -46.38 1.11 12.39
C THR F 15 -46.09 1.73 13.76
N ASP F 16 -46.56 2.95 14.00
CA ASP F 16 -46.32 3.61 15.29
C ASP F 16 -46.72 2.72 16.46
N GLU F 17 -47.70 1.83 16.21
CA GLU F 17 -48.17 0.89 17.22
C GLU F 17 -47.09 -0.14 17.50
N GLN F 18 -46.46 -0.64 16.44
CA GLN F 18 -45.39 -1.62 16.58
C GLN F 18 -44.15 -0.98 17.22
N ILE F 19 -43.84 0.23 16.75
CA ILE F 19 -42.68 0.97 17.26
C ILE F 19 -42.82 1.17 18.75
N THR F 20 -43.98 1.62 19.19
CA THR F 20 -44.23 1.84 20.61
C THR F 20 -43.98 0.57 21.41
N LYS F 21 -44.40 -0.56 20.86
CA LYS F 21 -44.21 -1.84 21.52
C LYS F 21 -42.72 -2.09 21.73
N GLN F 22 -41.94 -1.85 20.69
CA GLN F 22 -40.50 -2.03 20.77
C GLN F 22 -39.91 -1.08 21.78
N LEU F 23 -40.31 0.20 21.68
CA LEU F 23 -39.82 1.23 22.58
C LEU F 23 -40.06 0.78 24.02
N GLU F 24 -41.22 0.21 24.26
CA GLU F 24 -41.56 -0.28 25.59
C GLU F 24 -40.57 -1.36 25.99
N TYR F 25 -40.32 -2.30 25.08
CA TYR F 25 -39.39 -3.39 25.34
C TYR F 25 -38.08 -2.84 25.86
N CYS F 26 -37.54 -1.86 25.15
CA CYS F 26 -36.29 -1.23 25.55
C CYS F 26 -36.41 -0.60 26.93
N LEU F 27 -37.40 0.27 27.08
CA LEU F 27 -37.63 0.96 28.36
C LEU F 27 -37.85 -0.02 29.51
N ASN F 28 -38.48 -1.15 29.21
CA ASN F 28 -38.74 -2.17 30.21
C ASN F 28 -37.42 -2.79 30.64
N GLN F 29 -36.48 -2.86 29.72
CA GLN F 29 -35.16 -3.41 29.99
C GLN F 29 -34.27 -2.32 30.62
N GLY F 30 -34.77 -1.09 30.63
CA GLY F 30 -34.03 0.02 31.19
C GLY F 30 -32.94 0.52 30.27
N TRP F 31 -33.23 0.53 28.97
CA TRP F 31 -32.28 0.98 27.98
C TRP F 31 -32.51 2.42 27.55
N ALA F 32 -31.42 3.16 27.38
CA ALA F 32 -31.51 4.54 26.93
C ALA F 32 -31.83 4.45 25.45
N VAL F 33 -32.81 5.21 24.99
CA VAL F 33 -33.20 5.19 23.58
C VAL F 33 -32.80 6.47 22.87
N GLY F 34 -32.21 6.33 21.70
CA GLY F 34 -31.78 7.50 20.94
C GLY F 34 -32.25 7.44 19.51
N LEU F 35 -32.36 8.61 18.89
CA LEU F 35 -32.80 8.73 17.51
C LEU F 35 -31.65 9.29 16.69
N GLU F 36 -31.46 8.72 15.51
CA GLU F 36 -30.36 9.16 14.64
C GLU F 36 -30.84 9.25 13.21
N TYR F 37 -30.11 9.99 12.39
CA TYR F 37 -30.47 10.18 10.99
C TYR F 37 -29.27 10.53 10.11
N THR F 38 -29.32 10.13 8.85
CA THR F 38 -28.25 10.41 7.87
C THR F 38 -28.78 10.18 6.46
N ASP F 39 -28.09 10.76 5.48
CA ASP F 39 -28.45 10.62 4.07
C ASP F 39 -27.49 9.64 3.41
N ASP F 40 -26.42 9.32 4.14
CA ASP F 40 -25.36 8.43 3.69
C ASP F 40 -25.45 7.10 4.46
N PRO F 41 -26.26 6.15 3.97
CA PRO F 41 -26.40 4.86 4.64
C PRO F 41 -25.28 3.86 4.27
N HIS F 42 -24.03 4.32 4.30
CA HIS F 42 -22.92 3.44 3.95
C HIS F 42 -22.81 2.31 4.96
N PRO F 43 -22.65 1.07 4.49
CA PRO F 43 -22.53 -0.07 5.40
C PRO F 43 -21.41 0.30 6.34
N ARG F 44 -21.75 0.45 7.61
CA ARG F 44 -20.79 0.84 8.62
C ARG F 44 -20.40 2.31 8.59
N ASN F 45 -21.41 3.16 8.53
CA ASN F 45 -21.21 4.59 8.61
C ASN F 45 -21.67 4.87 10.04
N THR F 46 -20.92 4.36 11.00
CA THR F 46 -21.26 4.57 12.40
C THR F 46 -21.24 6.08 12.59
N TYR F 47 -21.93 6.54 13.63
CA TYR F 47 -21.99 7.95 13.95
C TYR F 47 -22.92 8.71 13.01
N TRP F 48 -24.19 8.31 13.05
CA TRP F 48 -25.22 8.98 12.27
C TRP F 48 -25.43 10.27 13.06
N GLU F 49 -26.25 11.18 12.54
CA GLU F 49 -26.48 12.41 13.27
C GLU F 49 -27.55 12.20 14.34
N MET F 50 -27.23 12.65 15.55
CA MET F 50 -28.13 12.54 16.69
C MET F 50 -29.27 13.53 16.59
N PHE F 51 -30.49 13.04 16.77
CA PHE F 51 -31.66 13.90 16.75
C PHE F 51 -32.06 14.03 18.22
N GLY F 52 -31.42 14.96 18.90
CA GLY F 52 -31.69 15.15 20.31
C GLY F 52 -31.00 14.11 21.14
N LEU F 53 -30.78 14.42 22.42
CA LEU F 53 -30.11 13.50 23.35
C LEU F 53 -30.97 12.27 23.64
N PRO F 54 -30.34 11.15 24.02
CA PRO F 54 -31.07 9.91 24.31
C PRO F 54 -32.08 10.10 25.44
N MET F 55 -33.29 9.62 25.21
CA MET F 55 -34.35 9.71 26.20
C MET F 55 -34.01 8.67 27.27
N PHE F 56 -33.14 9.04 28.21
CA PHE F 56 -32.73 8.14 29.29
C PHE F 56 -33.88 7.65 30.17
N ASP F 57 -34.21 8.42 31.21
CA ASP F 57 -35.28 8.04 32.13
C ASP F 57 -36.62 8.66 31.74
N LEU F 58 -37.06 8.40 30.51
CA LEU F 58 -38.34 8.92 30.04
C LEU F 58 -39.30 7.74 30.13
N ARG F 59 -40.00 7.65 31.26
CA ARG F 59 -40.96 6.57 31.49
C ARG F 59 -42.23 6.67 30.64
N ASP F 60 -42.06 6.83 29.34
CA ASP F 60 -43.19 6.95 28.43
C ASP F 60 -42.75 6.75 26.98
N ALA F 61 -42.97 5.54 26.48
CA ALA F 61 -42.62 5.20 25.11
C ALA F 61 -43.24 6.18 24.14
N ALA F 62 -44.44 6.66 24.49
CA ALA F 62 -45.16 7.63 23.67
C ALA F 62 -44.35 8.91 23.45
N GLY F 63 -43.65 9.35 24.50
CA GLY F 63 -42.85 10.54 24.40
C GLY F 63 -41.79 10.42 23.33
N ILE F 64 -41.12 9.26 23.31
CA ILE F 64 -40.09 8.98 22.33
C ILE F 64 -40.71 8.93 20.94
N LEU F 65 -41.80 8.17 20.82
CA LEU F 65 -42.51 8.03 19.55
C LEU F 65 -42.83 9.39 18.95
N MET F 66 -43.10 10.36 19.83
CA MET F 66 -43.40 11.72 19.40
C MET F 66 -42.21 12.30 18.65
N GLU F 67 -41.05 12.27 19.31
CA GLU F 67 -39.82 12.77 18.74
C GLU F 67 -39.53 12.11 17.40
N ILE F 68 -39.87 10.82 17.29
CA ILE F 68 -39.66 10.07 16.06
C ILE F 68 -40.39 10.76 14.92
N ASN F 69 -41.70 10.88 15.05
CA ASN F 69 -42.53 11.53 14.03
C ASN F 69 -42.05 12.95 13.77
N ASN F 70 -41.65 13.63 14.84
CA ASN F 70 -41.15 14.99 14.73
C ASN F 70 -39.94 14.96 13.78
N ALA F 71 -39.06 14.00 13.99
CA ALA F 71 -37.86 13.85 13.17
C ALA F 71 -38.21 13.57 11.73
N ARG F 72 -39.14 12.65 11.49
CA ARG F 72 -39.56 12.29 10.14
C ARG F 72 -40.00 13.54 9.38
N ASN F 73 -40.65 14.45 10.10
CA ASN F 73 -41.12 15.70 9.51
C ASN F 73 -39.97 16.62 9.14
N THR F 74 -39.03 16.79 10.07
CA THR F 74 -37.88 17.66 9.85
C THR F 74 -36.98 17.08 8.76
N PHE F 75 -36.81 15.78 8.78
CA PHE F 75 -35.95 15.08 7.84
C PHE F 75 -36.69 13.96 7.15
N PRO F 76 -37.52 14.29 6.15
CA PRO F 76 -38.28 13.27 5.41
C PRO F 76 -37.35 12.44 4.50
N ASN F 77 -36.54 13.14 3.72
CA ASN F 77 -35.59 12.50 2.81
C ASN F 77 -34.31 12.10 3.53
N HIS F 78 -34.46 11.34 4.60
CA HIS F 78 -33.32 10.89 5.40
C HIS F 78 -33.66 9.53 5.98
N TYR F 79 -32.65 8.80 6.43
CA TYR F 79 -32.87 7.51 7.06
C TYR F 79 -32.87 7.85 8.55
N ILE F 80 -33.82 7.30 9.30
CA ILE F 80 -33.90 7.57 10.73
C ILE F 80 -33.98 6.24 11.45
N ARG F 81 -33.35 6.15 12.63
CA ARG F 81 -33.37 4.91 13.39
C ARG F 81 -33.39 5.11 14.90
N VAL F 82 -33.91 4.11 15.60
CA VAL F 82 -33.97 4.11 17.06
C VAL F 82 -32.86 3.18 17.51
N THR F 83 -32.06 3.61 18.48
CA THR F 83 -30.97 2.80 19.01
C THR F 83 -31.18 2.68 20.52
N ALA F 84 -30.93 1.49 21.05
CA ALA F 84 -31.10 1.25 22.49
C ALA F 84 -29.76 0.92 23.11
N PHE F 85 -29.38 1.67 24.14
CA PHE F 85 -28.10 1.47 24.83
C PHE F 85 -28.30 0.84 26.20
N ASP F 86 -27.45 -0.13 26.54
CA ASP F 86 -27.53 -0.79 27.83
C ASP F 86 -26.53 -0.13 28.79
N SER F 87 -27.04 0.63 29.74
CA SER F 87 -26.21 1.34 30.71
C SER F 87 -25.64 0.39 31.77
N THR F 88 -24.69 -0.45 31.35
CA THR F 88 -24.03 -1.41 32.23
C THR F 88 -22.64 -1.70 31.68
N HIS F 89 -22.52 -1.63 30.35
CA HIS F 89 -21.27 -1.86 29.64
C HIS F 89 -21.25 -0.90 28.44
N THR F 90 -22.37 -0.19 28.26
CA THR F 90 -22.57 0.76 27.18
C THR F 90 -22.36 0.11 25.82
N VAL F 91 -23.40 -0.57 25.36
CA VAL F 91 -23.40 -1.26 24.08
C VAL F 91 -24.80 -1.12 23.51
N GLU F 92 -24.92 -1.31 22.20
CA GLU F 92 -26.21 -1.23 21.54
C GLU F 92 -26.87 -2.59 21.65
N SER F 93 -28.17 -2.60 21.90
CA SER F 93 -28.91 -3.83 22.04
C SER F 93 -29.94 -4.03 20.93
N VAL F 94 -30.50 -2.93 20.42
CA VAL F 94 -31.50 -3.02 19.35
C VAL F 94 -31.33 -1.77 18.49
N VAL F 95 -31.60 -1.91 17.18
CA VAL F 95 -31.54 -0.80 16.22
C VAL F 95 -32.42 -1.20 15.04
N MET F 96 -33.46 -0.41 14.79
CA MET F 96 -34.36 -0.66 13.66
C MET F 96 -34.61 0.64 12.95
N SER F 97 -34.80 0.57 11.63
CA SER F 97 -35.05 1.77 10.84
C SER F 97 -36.54 2.11 10.76
N PHE F 98 -36.83 3.40 10.63
CA PHE F 98 -38.21 3.89 10.53
C PHE F 98 -38.44 4.54 9.19
N ILE F 99 -38.02 5.79 9.05
CA ILE F 99 -38.18 6.48 7.78
C ILE F 99 -36.95 6.20 6.93
N VAL F 100 -37.20 5.90 5.67
CA VAL F 100 -36.15 5.61 4.70
C VAL F 100 -36.27 6.64 3.59
N ASN F 101 -35.13 7.05 3.06
CA ASN F 101 -35.08 8.04 1.99
C ASN F 101 -36.04 7.65 0.87
N ARG F 102 -36.46 8.63 0.06
CA ARG F 102 -37.35 8.40 -1.07
C ARG F 102 -36.86 7.18 -1.83
N PRO F 103 -37.69 6.13 -1.93
CA PRO F 103 -37.36 4.87 -2.60
C PRO F 103 -35.87 4.61 -2.78
N ALA F 104 -35.15 4.70 -1.66
CA ALA F 104 -33.71 4.50 -1.56
C ALA F 104 -32.97 4.66 -2.87
N ASP F 105 -32.93 5.90 -3.37
CA ASP F 105 -32.29 6.27 -4.63
C ASP F 105 -31.60 5.11 -5.36
N GLU F 106 -30.52 4.59 -4.76
CA GLU F 106 -29.81 3.46 -5.34
C GLU F 106 -29.04 2.69 -4.25
N PRO F 107 -29.72 1.71 -3.61
CA PRO F 107 -29.17 0.87 -2.54
C PRO F 107 -28.05 0.02 -3.14
N GLY F 108 -28.03 -0.03 -4.47
CA GLY F 108 -26.98 -0.74 -5.15
C GLY F 108 -25.89 0.30 -5.23
N PHE F 109 -25.30 0.60 -4.08
CA PHE F 109 -24.23 1.59 -3.97
C PHE F 109 -23.24 1.30 -5.11
N ARG F 110 -22.54 2.33 -5.57
CA ARG F 110 -21.55 2.09 -6.61
C ARG F 110 -20.38 1.39 -5.96
N LEU F 111 -20.06 0.20 -6.46
CA LEU F 111 -18.94 -0.57 -5.95
C LEU F 111 -17.71 -0.20 -6.77
N VAL F 112 -16.74 0.43 -6.11
CA VAL F 112 -15.52 0.84 -6.79
C VAL F 112 -14.51 -0.30 -6.72
N ARG F 113 -13.85 -0.57 -7.83
CA ARG F 113 -12.87 -1.64 -7.89
C ARG F 113 -11.52 -1.12 -8.31
N GLN F 114 -10.66 -0.84 -7.33
CA GLN F 114 -9.31 -0.37 -7.63
C GLN F 114 -8.47 -1.62 -7.90
N GLU F 115 -7.81 -1.64 -9.05
CA GLU F 115 -7.00 -2.79 -9.41
C GLU F 115 -5.62 -2.80 -8.80
N GLU F 116 -5.49 -3.63 -7.78
CA GLU F 116 -4.27 -3.80 -7.02
C GLU F 116 -3.39 -4.81 -7.75
N PRO F 117 -2.14 -4.98 -7.28
CA PRO F 117 -1.25 -5.94 -7.93
C PRO F 117 -1.84 -7.34 -7.84
N GLY F 118 -1.62 -8.14 -8.88
CA GLY F 118 -2.15 -9.48 -8.94
C GLY F 118 -3.57 -9.41 -9.47
N ARG F 119 -4.44 -10.26 -8.97
CA ARG F 119 -5.83 -10.25 -9.40
C ARG F 119 -6.69 -9.71 -8.23
N THR F 120 -6.01 -9.10 -7.28
CA THR F 120 -6.64 -8.52 -6.09
C THR F 120 -7.27 -7.19 -6.45
N LEU F 121 -8.41 -6.91 -5.82
CA LEU F 121 -9.14 -5.67 -6.01
C LEU F 121 -9.33 -4.99 -4.67
N ARG F 122 -9.25 -3.66 -4.68
CA ARG F 122 -9.43 -2.86 -3.49
C ARG F 122 -10.77 -2.17 -3.69
N TYR F 123 -11.79 -2.64 -3.01
CA TYR F 123 -13.14 -2.09 -3.16
C TYR F 123 -13.45 -0.86 -2.34
N SER F 124 -14.44 -0.11 -2.81
CA SER F 124 -14.91 1.09 -2.15
C SER F 124 -16.41 1.18 -2.41
N ILE F 125 -17.22 0.90 -1.39
CA ILE F 125 -18.67 0.98 -1.54
C ILE F 125 -19.04 2.42 -1.24
N GLU F 126 -19.80 3.04 -2.14
CA GLU F 126 -20.18 4.43 -1.95
C GLU F 126 -21.60 4.70 -2.41
N SER F 127 -22.37 5.37 -1.56
CA SER F 127 -23.75 5.72 -1.89
C SER F 127 -23.69 6.68 -3.06
N TYR F 128 -24.77 6.79 -3.82
CA TYR F 128 -24.78 7.70 -4.95
C TYR F 128 -25.04 9.15 -4.51
N ALA F 129 -25.00 9.39 -3.20
CA ALA F 129 -25.22 10.70 -2.63
C ALA F 129 -24.46 10.81 -1.31
N TYR G 22 34.97 15.66 51.39
CA TYR G 22 34.40 16.57 50.35
C TYR G 22 34.96 17.96 50.56
N LYS G 23 34.51 18.91 49.73
CA LYS G 23 34.94 20.31 49.79
C LYS G 23 36.35 20.60 49.30
N MET G 24 37.33 19.81 49.76
CA MET G 24 38.74 19.97 49.40
C MET G 24 39.04 20.52 48.01
N GLY G 25 38.25 20.13 47.03
CA GLY G 25 38.46 20.62 45.67
C GLY G 25 37.17 20.70 44.87
N TYR G 26 36.04 20.81 45.58
CA TYR G 26 34.74 20.87 44.91
C TYR G 26 34.06 22.21 45.06
N TRP G 27 34.81 23.18 45.59
CA TRP G 27 34.27 24.51 45.75
C TRP G 27 35.31 25.53 45.35
N ASP G 28 34.88 26.50 44.56
CA ASP G 28 35.74 27.56 44.08
C ASP G 28 34.91 28.84 44.09
N GLY G 29 35.07 29.63 45.15
CA GLY G 29 34.32 30.86 45.31
C GLY G 29 34.32 31.81 44.12
N ASP G 30 35.48 32.01 43.51
CA ASP G 30 35.58 32.91 42.37
C ASP G 30 35.76 32.20 41.03
N TYR G 31 35.08 31.07 40.85
CA TYR G 31 35.14 30.32 39.60
C TYR G 31 34.15 30.94 38.62
N VAL G 32 34.64 31.31 37.44
CA VAL G 32 33.77 31.90 36.42
C VAL G 32 33.33 30.77 35.48
N PRO G 33 32.02 30.51 35.41
CA PRO G 33 31.48 29.47 34.54
C PRO G 33 31.79 29.76 33.07
N LYS G 34 32.20 28.73 32.35
CA LYS G 34 32.53 28.86 30.92
C LYS G 34 31.24 28.73 30.13
N ASP G 35 31.23 29.27 28.92
CA ASP G 35 30.03 29.17 28.06
C ASP G 35 29.77 27.72 27.66
N THR G 36 30.74 26.85 27.93
CA THR G 36 30.65 25.43 27.62
C THR G 36 30.59 24.66 28.93
N ASP G 37 29.68 25.07 29.81
CA ASP G 37 29.50 24.44 31.11
C ASP G 37 28.02 24.24 31.40
N LEU G 38 27.73 23.22 32.19
CA LEU G 38 26.37 22.91 32.60
C LEU G 38 26.21 23.58 33.95
N LEU G 39 25.09 24.26 34.15
CA LEU G 39 24.88 24.94 35.42
C LEU G 39 23.62 24.43 36.08
N ALA G 40 23.76 23.94 37.31
CA ALA G 40 22.64 23.44 38.07
C ALA G 40 22.47 24.29 39.31
N LEU G 41 21.27 24.79 39.54
CA LEU G 41 20.98 25.60 40.71
C LEU G 41 20.05 24.85 41.68
N PHE G 42 20.63 24.42 42.79
CA PHE G 42 19.90 23.69 43.83
C PHE G 42 19.44 24.62 44.94
N ARG G 43 18.50 24.12 45.73
CA ARG G 43 17.96 24.83 46.88
C ARG G 43 18.29 23.90 48.04
N ILE G 44 19.55 23.95 48.46
CA ILE G 44 20.04 23.12 49.55
C ILE G 44 19.57 23.54 50.94
N THR G 45 19.03 22.58 51.67
CA THR G 45 18.57 22.80 53.02
C THR G 45 19.39 21.82 53.86
N PRO G 46 20.57 22.25 54.30
CA PRO G 46 21.47 21.42 55.10
C PRO G 46 20.93 21.14 56.50
N GLN G 47 21.48 20.14 57.16
CA GLN G 47 21.06 19.77 58.51
C GLN G 47 21.52 20.82 59.52
N ASP G 48 20.75 20.99 60.59
CA ASP G 48 21.08 21.96 61.61
C ASP G 48 22.45 21.67 62.22
N GLY G 49 23.45 22.39 61.75
CA GLY G 49 24.81 22.19 62.23
C GLY G 49 25.76 21.87 61.11
N VAL G 50 25.30 22.00 59.87
CA VAL G 50 26.12 21.72 58.70
C VAL G 50 26.36 22.99 57.91
N ASP G 51 27.61 23.18 57.50
CA ASP G 51 27.99 24.35 56.72
C ASP G 51 27.44 24.27 55.31
N PRO G 52 26.70 25.30 54.88
CA PRO G 52 26.10 25.36 53.55
C PRO G 52 27.16 25.23 52.45
N VAL G 53 28.31 25.86 52.67
CA VAL G 53 29.40 25.80 51.71
C VAL G 53 29.84 24.36 51.52
N GLU G 54 30.13 23.67 52.62
CA GLU G 54 30.56 22.27 52.53
C GLU G 54 29.46 21.46 51.86
N ALA G 55 28.21 21.82 52.13
CA ALA G 55 27.07 21.14 51.54
C ALA G 55 27.11 21.29 50.03
N ALA G 56 27.30 22.52 49.56
CA ALA G 56 27.37 22.79 48.13
C ALA G 56 28.47 21.94 47.52
N ALA G 57 29.63 21.93 48.17
CA ALA G 57 30.77 21.16 47.70
C ALA G 57 30.42 19.67 47.69
N ALA G 58 29.65 19.24 48.69
CA ALA G 58 29.25 17.85 48.80
C ALA G 58 28.32 17.49 47.64
N VAL G 59 27.51 18.45 47.22
CA VAL G 59 26.60 18.26 46.09
C VAL G 59 27.45 17.93 44.86
N ALA G 60 28.45 18.77 44.63
CA ALA G 60 29.38 18.61 43.51
C ALA G 60 30.09 17.26 43.57
N GLY G 61 30.31 16.77 44.79
CA GLY G 61 30.97 15.49 44.96
C GLY G 61 30.07 14.28 44.81
N GLU G 62 28.81 14.40 45.24
CA GLU G 62 27.86 13.29 45.16
C GLU G 62 27.12 13.17 43.82
N SER G 63 27.83 13.50 42.75
CA SER G 63 27.27 13.44 41.40
C SER G 63 28.39 13.50 40.35
N SER G 64 29.54 12.92 40.69
CA SER G 64 30.69 12.92 39.77
C SER G 64 31.83 12.01 40.26
N THR G 65 33.06 12.37 39.90
CA THR G 65 34.26 11.63 40.25
C THR G 65 34.65 11.72 41.74
N ALA G 66 33.66 11.82 42.62
CA ALA G 66 33.94 11.94 44.05
C ALA G 66 33.48 10.80 44.93
N THR G 67 33.89 10.87 46.19
CA THR G 67 33.58 9.89 47.21
C THR G 67 33.81 10.54 48.58
N TRP G 68 33.42 9.85 49.64
CA TRP G 68 33.58 10.34 51.00
C TRP G 68 35.05 10.35 51.45
N THR G 69 35.83 9.41 50.94
CA THR G 69 37.25 9.30 51.28
C THR G 69 38.11 9.47 50.03
N VAL G 70 39.43 9.50 50.20
CA VAL G 70 40.36 9.68 49.08
C VAL G 70 40.73 8.34 48.43
N VAL G 71 40.83 8.33 47.11
CA VAL G 71 41.16 7.14 46.34
C VAL G 71 42.41 7.38 45.48
N TRP G 72 43.33 6.41 45.45
CA TRP G 72 44.57 6.53 44.68
C TRP G 72 44.42 6.34 43.17
N THR G 73 43.45 5.54 42.75
CA THR G 73 43.24 5.28 41.33
C THR G 73 42.95 6.54 40.51
N ASP G 74 42.34 7.54 41.15
CA ASP G 74 42.02 8.79 40.48
C ASP G 74 43.25 9.68 40.27
N ARG G 75 44.41 9.23 40.78
CA ARG G 75 45.67 9.96 40.61
C ARG G 75 45.96 10.02 39.11
N LEU G 76 45.75 8.89 38.44
CA LEU G 76 45.95 8.78 37.00
C LEU G 76 44.90 9.69 36.35
N THR G 77 43.66 9.53 36.80
CA THR G 77 42.51 10.29 36.31
C THR G 77 42.76 11.79 36.26
N ALA G 78 43.29 12.35 37.35
CA ALA G 78 43.57 13.79 37.47
C ALA G 78 42.28 14.58 37.65
N CYS G 79 41.22 14.12 37.00
CA CYS G 79 39.90 14.74 37.06
C CYS G 79 39.88 16.25 36.80
N ASP G 80 39.99 17.05 37.85
CA ASP G 80 39.96 18.51 37.74
C ASP G 80 38.77 18.99 36.91
N MET G 81 38.94 19.02 35.59
CA MET G 81 37.87 19.43 34.68
C MET G 81 36.71 18.46 34.79
N TYR G 82 37.03 17.19 35.02
CA TYR G 82 36.03 16.16 35.16
C TYR G 82 35.49 16.11 36.59
N ARG G 83 35.28 17.29 37.16
CA ARG G 83 34.77 17.45 38.49
C ARG G 83 33.73 18.55 38.43
N ALA G 84 32.70 18.43 39.26
CA ALA G 84 31.67 19.45 39.32
C ALA G 84 32.17 20.50 40.29
N LYS G 85 32.40 21.71 39.82
CA LYS G 85 32.88 22.76 40.69
C LYS G 85 31.73 23.61 41.19
N ALA G 86 31.54 23.61 42.50
CA ALA G 86 30.49 24.41 43.11
C ALA G 86 31.04 25.82 43.27
N TYR G 87 30.27 26.83 42.86
CA TYR G 87 30.72 28.21 43.00
C TYR G 87 29.75 29.03 43.88
N ARG G 88 28.77 29.69 43.29
CA ARG G 88 27.81 30.49 44.07
C ARG G 88 27.12 29.71 45.18
N VAL G 89 26.89 30.41 46.29
CA VAL G 89 26.18 29.89 47.47
C VAL G 89 25.57 31.16 48.06
N ASP G 90 24.27 31.34 47.87
CA ASP G 90 23.57 32.52 48.35
C ASP G 90 22.47 32.21 49.36
N PRO G 91 22.15 33.16 50.25
CA PRO G 91 21.11 32.94 51.25
C PRO G 91 19.75 33.03 50.56
N VAL G 92 18.77 32.29 51.07
CA VAL G 92 17.45 32.30 50.48
C VAL G 92 16.58 33.38 51.13
N PRO G 93 15.98 34.26 50.32
CA PRO G 93 15.12 35.34 50.78
C PRO G 93 13.94 34.85 51.62
N ASN G 94 13.76 35.46 52.79
CA ASN G 94 12.67 35.13 53.72
C ASN G 94 12.72 33.71 54.27
N ASN G 95 13.85 33.04 54.14
CA ASN G 95 13.95 31.67 54.64
C ASN G 95 15.36 31.16 54.86
N PRO G 96 15.93 31.40 56.05
CA PRO G 96 17.29 30.93 56.35
C PRO G 96 17.28 29.40 56.42
N GLU G 97 18.42 28.80 56.72
CA GLU G 97 18.54 27.33 56.79
C GLU G 97 18.30 26.67 55.43
N GLN G 98 18.02 27.49 54.43
CA GLN G 98 17.78 27.06 53.07
C GLN G 98 18.71 27.93 52.21
N PHE G 99 19.42 27.33 51.25
CA PHE G 99 20.37 28.07 50.44
C PHE G 99 20.44 27.64 48.97
N PHE G 100 20.61 28.63 48.10
CA PHE G 100 20.71 28.42 46.66
C PHE G 100 22.14 28.09 46.32
N CYS G 101 22.38 26.86 45.87
CA CYS G 101 23.74 26.46 45.52
C CYS G 101 23.88 26.26 44.01
N TYR G 102 24.86 26.94 43.43
CA TYR G 102 25.11 26.84 42.00
C TYR G 102 26.32 25.94 41.74
N VAL G 103 26.14 24.91 40.90
CA VAL G 103 27.23 23.99 40.57
C VAL G 103 27.47 24.03 39.08
N ALA G 104 28.74 23.87 38.69
CA ALA G 104 29.15 23.89 37.30
C ALA G 104 29.75 22.56 36.92
N TYR G 105 29.25 21.99 35.83
CA TYR G 105 29.73 20.69 35.34
C TYR G 105 30.32 20.88 33.94
N ASP G 106 31.48 20.29 33.68
CA ASP G 106 32.10 20.44 32.38
C ASP G 106 31.37 19.66 31.30
N LEU G 107 31.24 20.28 30.14
CA LEU G 107 30.56 19.71 28.98
C LEU G 107 30.95 18.27 28.67
N SER G 108 32.23 17.96 28.79
CA SER G 108 32.71 16.62 28.48
C SER G 108 32.27 15.52 29.47
N LEU G 109 31.51 15.90 30.48
CA LEU G 109 31.03 14.94 31.47
C LEU G 109 29.72 14.29 31.06
N PHE G 110 29.07 14.85 30.05
CA PHE G 110 27.78 14.34 29.61
C PHE G 110 27.77 13.68 28.25
N GLU G 111 26.98 12.62 28.13
CA GLU G 111 26.85 11.92 26.87
C GLU G 111 25.93 12.76 26.00
N GLU G 112 26.23 12.80 24.70
CA GLU G 112 25.44 13.57 23.75
C GLU G 112 24.04 13.03 23.60
N GLY G 113 23.09 13.94 23.40
CA GLY G 113 21.69 13.59 23.23
C GLY G 113 21.12 12.54 24.15
N SER G 114 21.48 12.58 25.43
CA SER G 114 21.00 11.60 26.39
C SER G 114 20.50 12.25 27.67
N ILE G 115 19.18 12.44 27.76
CA ILE G 115 18.59 13.03 28.94
C ILE G 115 18.77 12.13 30.15
N ALA G 116 18.75 10.82 29.91
CA ALA G 116 18.93 9.84 30.97
C ALA G 116 20.29 10.03 31.64
N ASN G 117 21.31 10.29 30.83
CA ASN G 117 22.65 10.49 31.36
C ASN G 117 22.76 11.86 32.00
N LEU G 118 22.07 12.83 31.43
CA LEU G 118 22.06 14.18 31.96
C LEU G 118 21.55 14.10 33.38
N THR G 119 20.30 13.66 33.52
CA THR G 119 19.65 13.52 34.82
C THR G 119 20.53 12.73 35.80
N ALA G 120 21.06 11.61 35.34
CA ALA G 120 21.91 10.76 36.15
C ALA G 120 23.07 11.54 36.74
N SER G 121 23.88 12.14 35.88
CA SER G 121 25.04 12.90 36.30
C SER G 121 24.74 14.04 37.25
N ILE G 122 23.76 14.85 36.91
CA ILE G 122 23.37 16.00 37.74
C ILE G 122 22.82 15.60 39.10
N ILE G 123 21.74 14.84 39.10
CA ILE G 123 21.13 14.41 40.34
C ILE G 123 22.06 13.54 41.18
N GLY G 124 22.68 12.55 40.56
CA GLY G 124 23.58 11.67 41.30
C GLY G 124 22.84 11.08 42.48
N ASN G 125 23.41 11.25 43.67
CA ASN G 125 22.78 10.75 44.89
C ASN G 125 22.68 11.89 45.89
N VAL G 126 22.66 13.12 45.36
CA VAL G 126 22.60 14.31 46.20
C VAL G 126 21.31 14.41 47.00
N PHE G 127 20.21 13.93 46.43
CA PHE G 127 18.92 13.99 47.12
C PHE G 127 18.78 12.98 48.26
N SER G 128 19.67 12.00 48.32
CA SER G 128 19.62 10.98 49.37
C SER G 128 20.78 11.12 50.35
N PHE G 129 21.58 12.18 50.19
CA PHE G 129 22.72 12.45 51.05
C PHE G 129 22.17 13.06 52.34
N LYS G 130 22.24 12.30 53.43
CA LYS G 130 21.70 12.75 54.72
C LYS G 130 22.07 14.13 55.26
N PRO G 131 23.34 14.55 55.17
CA PRO G 131 23.71 15.88 55.67
C PRO G 131 22.84 17.00 55.12
N ILE G 132 22.02 16.69 54.13
CA ILE G 132 21.10 17.65 53.52
C ILE G 132 19.68 17.21 53.88
N LYS G 133 18.98 18.03 54.65
CA LYS G 133 17.63 17.70 55.06
C LYS G 133 16.71 17.66 53.85
N ALA G 134 16.85 18.66 52.98
CA ALA G 134 16.05 18.76 51.79
C ALA G 134 16.89 19.41 50.69
N ALA G 135 16.58 19.09 49.45
CA ALA G 135 17.31 19.65 48.32
C ALA G 135 16.36 19.65 47.15
N ARG G 136 16.39 20.71 46.35
CA ARG G 136 15.52 20.81 45.20
C ARG G 136 16.28 21.42 44.04
N LEU G 137 16.05 20.91 42.84
CA LEU G 137 16.70 21.44 41.64
C LEU G 137 15.77 22.51 41.10
N GLU G 138 16.20 23.78 41.19
CA GLU G 138 15.40 24.91 40.71
C GLU G 138 15.53 25.26 39.22
N ASP G 139 16.74 25.18 38.68
CA ASP G 139 16.95 25.52 37.27
C ASP G 139 18.31 25.02 36.78
N MET G 140 18.49 25.04 35.46
CA MET G 140 19.73 24.60 34.82
C MET G 140 20.00 25.43 33.58
N ARG G 141 21.26 25.43 33.14
CA ARG G 141 21.67 26.18 31.96
C ARG G 141 22.38 25.18 31.05
N PHE G 142 21.94 25.15 29.79
CA PHE G 142 22.50 24.24 28.81
C PHE G 142 23.23 25.03 27.76
N PRO G 143 24.53 24.79 27.61
CA PRO G 143 25.34 25.49 26.62
C PRO G 143 24.83 25.15 25.23
N VAL G 144 24.90 26.11 24.31
CA VAL G 144 24.45 25.89 22.95
C VAL G 144 25.10 24.62 22.40
N ALA G 145 26.39 24.46 22.68
CA ALA G 145 27.13 23.28 22.23
C ALA G 145 26.44 21.97 22.66
N TYR G 146 25.82 21.99 23.83
CA TYR G 146 25.12 20.81 24.35
C TYR G 146 23.72 20.70 23.77
N VAL G 147 23.00 21.82 23.78
CA VAL G 147 21.64 21.85 23.26
C VAL G 147 21.63 21.26 21.87
N LYS G 148 22.65 21.59 21.08
CA LYS G 148 22.80 21.11 19.70
C LYS G 148 22.93 19.60 19.53
N THR G 149 23.11 18.86 20.63
CA THR G 149 23.24 17.41 20.53
C THR G 149 21.86 16.73 20.57
N PHE G 150 20.81 17.51 20.82
CA PHE G 150 19.44 17.00 20.86
C PHE G 150 18.72 17.51 19.62
N ALA G 151 17.79 16.73 19.10
CA ALA G 151 17.04 17.14 17.91
C ALA G 151 15.93 18.12 18.25
N GLY G 152 15.51 18.10 19.51
CA GLY G 152 14.44 18.98 19.94
C GLY G 152 13.12 18.40 19.51
N PRO G 153 12.01 19.14 19.66
CA PRO G 153 10.67 18.71 19.29
C PRO G 153 10.58 18.08 17.91
N SER G 154 9.72 17.07 17.80
CA SER G 154 9.51 16.36 16.55
C SER G 154 8.60 17.09 15.54
N THR G 155 8.05 18.24 15.96
CA THR G 155 7.19 19.03 15.09
C THR G 155 7.31 20.52 15.44
N GLY G 156 6.87 20.90 16.64
CA GLY G 156 6.96 22.28 17.04
C GLY G 156 5.75 23.09 16.67
N ILE G 157 5.51 24.18 17.40
CA ILE G 157 4.36 25.05 17.19
C ILE G 157 4.14 25.49 15.74
N ILE G 158 5.13 26.17 15.16
CA ILE G 158 5.04 26.66 13.79
C ILE G 158 4.60 25.59 12.80
N VAL G 159 5.35 24.50 12.76
CA VAL G 159 5.05 23.39 11.87
C VAL G 159 3.68 22.80 12.15
N GLU G 160 3.35 22.62 13.42
CA GLU G 160 2.07 22.05 13.80
C GLU G 160 0.92 22.88 13.24
N ARG G 161 0.95 24.18 13.50
CA ARG G 161 -0.09 25.07 13.02
C ARG G 161 -0.25 24.97 11.52
N GLU G 162 0.87 24.83 10.80
CA GLU G 162 0.82 24.72 9.36
C GLU G 162 0.21 23.39 8.91
N ARG G 163 0.26 22.37 9.76
CA ARG G 163 -0.35 21.09 9.42
C ARG G 163 -1.84 21.21 9.72
N LEU G 164 -2.16 22.05 10.70
CA LEU G 164 -3.54 22.26 11.14
C LEU G 164 -4.31 23.37 10.45
N ASP G 165 -3.62 24.34 9.87
CA ASP G 165 -4.27 25.47 9.21
C ASP G 165 -5.07 26.24 10.27
N LYS G 166 -4.48 26.34 11.46
CA LYS G 166 -5.08 27.04 12.59
C LYS G 166 -4.06 28.03 13.09
N PHE G 167 -4.30 29.32 12.84
CA PHE G 167 -3.36 30.36 13.23
C PHE G 167 -3.98 31.50 14.03
N GLY G 168 -3.15 32.12 14.87
CA GLY G 168 -3.59 33.24 15.68
C GLY G 168 -4.68 33.00 16.69
N ARG G 169 -4.64 31.84 17.34
CA ARG G 169 -5.64 31.49 18.34
C ARG G 169 -5.23 30.23 19.08
N PRO G 170 -5.46 30.19 20.40
CA PRO G 170 -5.09 28.99 21.14
C PRO G 170 -5.92 27.82 20.60
N LEU G 171 -5.46 26.60 20.80
CA LEU G 171 -6.20 25.45 20.29
C LEU G 171 -7.18 24.92 21.32
N LEU G 172 -8.23 24.28 20.84
CA LEU G 172 -9.27 23.76 21.69
C LEU G 172 -9.18 22.25 21.87
N GLY G 173 -9.32 21.79 23.11
CA GLY G 173 -9.25 20.38 23.37
C GLY G 173 -10.12 19.97 24.54
N ALA G 174 -10.60 18.73 24.52
CA ALA G 174 -11.43 18.18 25.59
C ALA G 174 -10.96 16.76 25.89
N THR G 175 -11.71 16.03 26.70
CA THR G 175 -11.36 14.67 27.06
C THR G 175 -12.57 13.75 26.97
N THR G 176 -12.37 12.56 26.42
CA THR G 176 -13.44 11.58 26.31
C THR G 176 -13.69 11.05 27.71
N LYS G 177 -14.49 11.80 28.48
CA LYS G 177 -14.81 11.50 29.88
C LYS G 177 -15.43 10.15 30.28
N PRO G 178 -16.27 9.54 29.43
CA PRO G 178 -16.88 8.26 29.81
C PRO G 178 -15.92 7.25 30.45
N LYS G 179 -14.72 7.16 29.87
CA LYS G 179 -13.68 6.25 30.34
C LYS G 179 -14.15 4.79 30.38
N LEU G 180 -13.59 3.99 31.29
CA LEU G 180 -13.94 2.59 31.42
C LEU G 180 -15.41 2.39 31.80
N GLY G 181 -16.19 1.99 30.81
CA GLY G 181 -17.61 1.76 30.99
C GLY G 181 -18.32 1.96 29.67
N LEU G 182 -17.53 2.19 28.62
CA LEU G 182 -18.06 2.42 27.29
C LEU G 182 -17.39 1.51 26.28
N SER G 183 -18.04 1.31 25.15
CA SER G 183 -17.51 0.49 24.06
C SER G 183 -16.95 1.43 23.00
N GLY G 184 -16.12 0.89 22.12
CA GLY G 184 -15.51 1.69 21.07
C GLY G 184 -16.47 2.54 20.28
N ARG G 185 -17.62 1.98 19.92
CA ARG G 185 -18.63 2.69 19.14
C ARG G 185 -19.05 3.96 19.87
N ASN G 186 -19.50 3.79 21.11
CA ASN G 186 -19.95 4.90 21.92
C ASN G 186 -18.85 5.90 22.26
N TYR G 187 -17.66 5.37 22.47
CA TYR G 187 -16.50 6.20 22.79
C TYR G 187 -16.17 7.10 21.60
N GLY G 188 -16.10 6.51 20.42
CA GLY G 188 -15.81 7.26 19.23
C GLY G 188 -16.84 8.34 19.01
N ARG G 189 -18.09 8.05 19.37
CA ARG G 189 -19.15 9.04 19.23
C ARG G 189 -18.81 10.27 20.06
N VAL G 190 -18.48 10.04 21.32
CA VAL G 190 -18.11 11.13 22.23
C VAL G 190 -17.07 12.02 21.55
N VAL G 191 -16.15 11.39 20.82
CA VAL G 191 -15.10 12.12 20.11
C VAL G 191 -15.69 12.90 18.94
N TYR G 192 -16.55 12.26 18.15
CA TYR G 192 -17.17 12.92 17.01
C TYR G 192 -17.93 14.18 17.42
N GLU G 193 -18.75 14.05 18.45
CA GLU G 193 -19.54 15.18 18.95
C GLU G 193 -18.65 16.35 19.34
N GLY G 194 -17.65 16.08 20.17
CA GLY G 194 -16.75 17.11 20.62
C GLY G 194 -16.01 17.83 19.51
N LEU G 195 -15.34 17.08 18.64
CA LEU G 195 -14.60 17.68 17.55
C LEU G 195 -15.50 18.50 16.62
N LYS G 196 -16.63 17.94 16.23
CA LYS G 196 -17.56 18.63 15.34
C LYS G 196 -18.03 19.96 15.96
N GLY G 197 -18.25 19.94 17.26
CA GLY G 197 -18.70 21.14 17.95
C GLY G 197 -17.67 22.26 18.01
N GLY G 198 -16.49 22.05 17.45
CA GLY G 198 -15.48 23.09 17.46
C GLY G 198 -14.16 22.74 18.12
N LEU G 199 -14.12 21.62 18.85
CA LEU G 199 -12.87 21.25 19.49
C LEU G 199 -11.86 20.90 18.41
N ASP G 200 -10.60 21.27 18.62
CA ASP G 200 -9.55 20.97 17.66
C ASP G 200 -8.96 19.60 17.95
N PHE G 201 -9.04 19.18 19.21
CA PHE G 201 -8.50 17.89 19.67
C PHE G 201 -9.35 17.23 20.74
N MET G 202 -9.21 15.92 20.84
CA MET G 202 -9.90 15.11 21.85
C MET G 202 -8.84 14.20 22.48
N LYS G 203 -8.90 14.05 23.79
CA LYS G 203 -7.92 13.25 24.52
C LYS G 203 -8.48 11.96 25.07
N ASP G 204 -7.72 10.87 24.97
CA ASP G 204 -8.15 9.59 25.52
C ASP G 204 -8.21 9.81 27.04
N ASP G 205 -9.20 9.23 27.71
CA ASP G 205 -9.35 9.44 29.14
C ASP G 205 -8.11 9.14 29.97
N GLU G 206 -7.80 10.08 30.87
CA GLU G 206 -6.64 10.06 31.76
C GLU G 206 -5.85 8.78 32.00
N ASN G 207 -6.53 7.65 32.19
CA ASN G 207 -5.80 6.41 32.46
C ASN G 207 -6.14 5.17 31.64
N ILE G 208 -6.84 5.33 30.52
CA ILE G 208 -7.18 4.18 29.69
C ILE G 208 -6.14 3.91 28.60
N ASN G 209 -5.37 2.85 28.78
CA ASN G 209 -4.36 2.46 27.80
C ASN G 209 -4.96 1.36 26.94
N SER G 210 -5.36 0.26 27.58
CA SER G 210 -5.97 -0.88 26.92
C SER G 210 -6.30 -1.92 27.99
N GLN G 211 -7.28 -1.58 28.83
CA GLN G 211 -7.72 -2.44 29.91
C GLN G 211 -8.64 -3.56 29.44
N PRO G 212 -8.86 -4.58 30.29
CA PRO G 212 -9.72 -5.75 30.00
C PRO G 212 -11.21 -5.40 29.84
N PHE G 213 -11.56 -4.78 28.73
CA PHE G 213 -12.93 -4.41 28.45
C PHE G 213 -13.02 -3.83 27.04
N MET G 214 -12.11 -2.91 26.74
CA MET G 214 -12.04 -2.28 25.43
C MET G 214 -10.59 -2.30 24.97
N HIS G 215 -10.36 -3.00 23.86
CA HIS G 215 -9.02 -3.14 23.29
C HIS G 215 -8.60 -1.89 22.52
N TRP G 216 -7.39 -1.42 22.78
CA TRP G 216 -6.86 -0.23 22.13
C TRP G 216 -7.07 -0.15 20.62
N ARG G 217 -6.95 -1.28 19.93
CA ARG G 217 -7.15 -1.32 18.48
C ARG G 217 -8.55 -0.86 18.11
N ASP G 218 -9.54 -1.52 18.68
CA ASP G 218 -10.95 -1.21 18.45
C ASP G 218 -11.20 0.27 18.70
N ARG G 219 -10.68 0.77 19.81
CA ARG G 219 -10.84 2.18 20.17
C ARG G 219 -10.23 3.08 19.10
N PHE G 220 -9.02 2.74 18.65
CA PHE G 220 -8.32 3.51 17.63
C PHE G 220 -9.12 3.55 16.34
N LEU G 221 -9.67 2.40 15.94
CA LEU G 221 -10.48 2.33 14.72
C LEU G 221 -11.64 3.32 14.82
N PHE G 222 -12.46 3.18 15.86
CA PHE G 222 -13.61 4.05 16.04
C PHE G 222 -13.25 5.52 16.20
N VAL G 223 -12.28 5.82 17.05
CA VAL G 223 -11.85 7.19 17.27
C VAL G 223 -11.44 7.81 15.93
N MET G 224 -10.62 7.12 15.16
CA MET G 224 -10.20 7.65 13.86
C MET G 224 -11.36 7.82 12.90
N ASP G 225 -12.38 6.97 13.06
CA ASP G 225 -13.55 7.10 12.19
C ASP G 225 -14.21 8.42 12.58
N ALA G 226 -14.30 8.68 13.87
CA ALA G 226 -14.90 9.90 14.40
C ALA G 226 -14.14 11.14 13.93
N VAL G 227 -12.82 11.12 14.10
CA VAL G 227 -11.97 12.24 13.68
C VAL G 227 -12.21 12.57 12.21
N ASN G 228 -12.22 11.54 11.38
CA ASN G 228 -12.43 11.73 9.95
C ASN G 228 -13.81 12.29 9.69
N LYS G 229 -14.82 11.67 10.30
CA LYS G 229 -16.20 12.10 10.16
C LYS G 229 -16.33 13.58 10.57
N ALA G 230 -15.59 13.97 11.61
CA ALA G 230 -15.62 15.34 12.11
C ALA G 230 -14.99 16.29 11.12
N SER G 231 -13.86 15.90 10.55
CA SER G 231 -13.16 16.72 9.58
C SER G 231 -14.08 17.05 8.40
N ALA G 232 -14.78 16.05 7.89
CA ALA G 232 -15.69 16.23 6.77
C ALA G 232 -16.96 17.02 7.09
N ALA G 233 -17.21 17.29 8.37
CA ALA G 233 -18.40 18.04 8.78
C ALA G 233 -18.09 19.48 9.16
N THR G 234 -16.82 19.76 9.41
CA THR G 234 -16.35 21.08 9.80
C THR G 234 -15.49 21.72 8.71
N GLY G 235 -14.76 20.90 7.98
CA GLY G 235 -13.90 21.39 6.92
C GLY G 235 -12.53 21.84 7.40
N GLU G 236 -12.07 21.26 8.50
CA GLU G 236 -10.78 21.61 9.07
C GLU G 236 -10.08 20.35 9.58
N VAL G 237 -8.78 20.45 9.83
CA VAL G 237 -8.00 19.31 10.32
C VAL G 237 -8.38 18.98 11.76
N LYS G 238 -8.71 17.72 12.01
CA LYS G 238 -9.09 17.28 13.35
C LYS G 238 -8.19 16.19 13.85
N GLY G 239 -8.19 15.95 15.16
CA GLY G 239 -7.34 14.91 15.72
C GLY G 239 -7.72 14.50 17.13
N SER G 240 -7.14 13.39 17.58
CA SER G 240 -7.39 12.86 18.91
C SER G 240 -6.07 12.28 19.42
N TYR G 241 -5.65 12.69 20.61
CA TYR G 241 -4.40 12.21 21.19
C TYR G 241 -4.54 10.73 21.53
N LEU G 242 -4.35 9.88 20.54
CA LEU G 242 -4.45 8.45 20.77
C LEU G 242 -3.36 8.03 21.75
N ASN G 243 -3.73 7.61 22.95
CA ASN G 243 -2.73 7.20 23.93
C ASN G 243 -2.04 5.96 23.46
N VAL G 244 -0.73 6.08 23.33
CA VAL G 244 0.11 5.00 22.87
C VAL G 244 0.92 4.40 24.02
N THR G 245 0.75 4.97 25.21
CA THR G 245 1.47 4.52 26.40
C THR G 245 1.23 3.02 26.65
N ALA G 246 2.32 2.29 26.91
CA ALA G 246 2.24 0.85 27.15
C ALA G 246 3.38 0.38 28.06
N GLY G 247 3.34 -0.89 28.46
CA GLY G 247 4.35 -1.45 29.35
C GLY G 247 5.76 -1.65 28.82
N THR G 248 5.90 -1.86 27.52
CA THR G 248 7.20 -2.07 26.92
C THR G 248 7.29 -1.26 25.64
N MET G 249 8.51 -1.00 25.18
CA MET G 249 8.70 -0.23 23.96
C MET G 249 8.08 -0.90 22.75
N GLU G 250 8.07 -2.23 22.77
CA GLU G 250 7.52 -3.02 21.68
C GLU G 250 6.02 -2.75 21.51
N GLU G 251 5.28 -2.67 22.61
CA GLU G 251 3.83 -2.40 22.55
C GLU G 251 3.62 -0.97 22.11
N MET G 252 4.34 -0.06 22.76
CA MET G 252 4.28 1.36 22.48
C MET G 252 4.48 1.63 20.97
N TYR G 253 5.54 1.08 20.38
CA TYR G 253 5.78 1.25 18.95
C TYR G 253 4.69 0.59 18.14
N ARG G 254 4.18 -0.53 18.65
CA ARG G 254 3.13 -1.29 17.98
C ARG G 254 1.86 -0.44 17.86
N ARG G 255 1.54 0.31 18.92
CA ARG G 255 0.37 1.18 18.95
C ARG G 255 0.64 2.46 18.17
N ALA G 256 1.89 2.91 18.19
CA ALA G 256 2.27 4.12 17.46
C ALA G 256 2.08 3.85 15.97
N GLU G 257 2.55 2.69 15.53
CA GLU G 257 2.45 2.29 14.14
C GLU G 257 1.00 2.13 13.69
N PHE G 258 0.16 1.59 14.56
CA PHE G 258 -1.23 1.42 14.19
C PHE G 258 -1.88 2.80 14.10
N ALA G 259 -1.59 3.66 15.07
CA ALA G 259 -2.12 5.02 15.05
C ALA G 259 -1.73 5.66 13.73
N LYS G 260 -0.44 5.56 13.40
CA LYS G 260 0.05 6.13 12.16
C LYS G 260 -0.70 5.58 10.96
N SER G 261 -0.85 4.25 10.90
CA SER G 261 -1.52 3.62 9.77
C SER G 261 -2.93 4.14 9.57
N LEU G 262 -3.62 4.43 10.67
CA LEU G 262 -4.97 4.95 10.57
C LEU G 262 -4.98 6.40 10.09
N GLY G 263 -3.80 7.04 10.08
CA GLY G 263 -3.68 8.40 9.61
C GLY G 263 -3.82 9.50 10.63
N SER G 264 -3.53 9.19 11.89
CA SER G 264 -3.64 10.18 12.97
C SER G 264 -2.52 11.21 12.93
N VAL G 265 -2.91 12.47 13.05
CA VAL G 265 -1.96 13.57 13.02
C VAL G 265 -1.23 13.71 14.37
N ILE G 266 -1.80 13.14 15.43
CA ILE G 266 -1.21 13.26 16.74
C ILE G 266 -1.23 11.98 17.56
N ILE G 267 -0.32 11.87 18.52
CA ILE G 267 -0.21 10.71 19.38
C ILE G 267 -0.01 11.22 20.80
N MET G 268 -0.19 10.35 21.79
CA MET G 268 -0.03 10.76 23.18
C MET G 268 0.77 9.74 23.98
N VAL G 269 1.65 10.24 24.83
CA VAL G 269 2.48 9.37 25.66
C VAL G 269 2.47 9.93 27.08
N ASP G 270 2.56 9.05 28.06
CA ASP G 270 2.57 9.43 29.47
C ASP G 270 4.01 9.57 29.97
N LEU G 271 4.27 10.65 30.69
CA LEU G 271 5.60 10.93 31.23
C LEU G 271 6.25 9.75 31.92
N ILE G 272 5.46 9.04 32.74
CA ILE G 272 5.93 7.89 33.52
C ILE G 272 6.73 6.83 32.73
N VAL G 273 6.52 6.80 31.42
CA VAL G 273 7.20 5.87 30.55
C VAL G 273 8.73 5.95 30.68
N GLY G 274 9.25 7.15 30.92
CA GLY G 274 10.68 7.30 31.07
C GLY G 274 11.36 8.12 29.99
N TRP G 275 12.41 8.83 30.40
CA TRP G 275 13.17 9.70 29.49
C TRP G 275 13.64 9.00 28.24
N THR G 276 14.13 7.79 28.40
CA THR G 276 14.63 7.05 27.26
C THR G 276 13.54 6.63 26.31
N CYS G 277 12.37 6.26 26.83
CA CYS G 277 11.27 5.86 25.96
C CYS G 277 10.78 7.06 25.17
N ILE G 278 10.68 8.21 25.84
CA ILE G 278 10.21 9.43 25.22
C ILE G 278 11.13 9.85 24.07
N GLN G 279 12.43 9.74 24.29
CA GLN G 279 13.40 10.09 23.25
C GLN G 279 13.20 9.21 22.03
N SER G 280 12.97 7.93 22.27
CA SER G 280 12.76 6.98 21.16
C SER G 280 11.47 7.33 20.42
N MET G 281 10.43 7.67 21.18
CA MET G 281 9.14 8.03 20.59
C MET G 281 9.25 9.32 19.80
N SER G 282 10.02 10.27 20.32
CA SER G 282 10.20 11.55 19.65
C SER G 282 10.88 11.31 18.31
N ASN G 283 11.95 10.51 18.34
CA ASN G 283 12.68 10.20 17.12
C ASN G 283 11.73 9.58 16.13
N TRP G 284 10.90 8.66 16.63
CA TRP G 284 9.93 7.96 15.79
C TRP G 284 8.97 8.95 15.14
N CYS G 285 8.36 9.81 15.95
CA CYS G 285 7.42 10.79 15.43
C CYS G 285 7.99 11.64 14.32
N ARG G 286 9.23 12.11 14.48
CA ARG G 286 9.86 12.95 13.47
C ARG G 286 9.90 12.20 12.13
N GLN G 287 10.36 10.96 12.20
CA GLN G 287 10.50 10.11 11.03
C GLN G 287 9.20 9.52 10.52
N ASN G 288 8.10 9.88 11.19
CA ASN G 288 6.79 9.40 10.78
C ASN G 288 5.78 10.54 10.68
N ASP G 289 6.27 11.77 10.80
CA ASP G 289 5.44 12.97 10.73
C ASP G 289 4.28 12.97 11.71
N MET G 290 4.59 12.74 12.99
CA MET G 290 3.56 12.72 14.04
C MET G 290 3.83 13.79 15.09
N ILE G 291 2.76 14.28 15.71
CA ILE G 291 2.86 15.26 16.77
C ILE G 291 2.86 14.45 18.06
N LEU G 292 3.84 14.69 18.93
CA LEU G 292 3.94 13.94 20.17
C LEU G 292 3.39 14.71 21.37
N HIS G 293 2.22 14.32 21.83
CA HIS G 293 1.59 14.96 22.98
C HIS G 293 2.05 14.27 24.26
N LEU G 294 2.64 15.03 25.17
CA LEU G 294 3.10 14.47 26.44
C LEU G 294 2.15 14.80 27.58
N HIS G 295 1.71 13.76 28.28
CA HIS G 295 0.81 13.90 29.41
C HIS G 295 1.68 13.74 30.65
N ARG G 296 1.87 14.83 31.39
CA ARG G 296 2.72 14.83 32.58
C ARG G 296 2.20 14.12 33.83
N ALA G 297 1.48 13.02 33.65
CA ALA G 297 0.92 12.27 34.78
C ALA G 297 2.00 11.77 35.73
N GLY G 298 1.81 12.04 37.03
CA GLY G 298 2.77 11.61 38.04
C GLY G 298 3.88 12.56 38.46
N HIS G 299 4.05 13.66 37.73
CA HIS G 299 5.10 14.63 38.04
C HIS G 299 5.05 15.16 39.47
N GLY G 300 3.85 15.37 39.97
CA GLY G 300 3.66 15.90 41.31
C GLY G 300 4.46 15.26 42.42
N THR G 301 4.87 14.01 42.24
CA THR G 301 5.64 13.31 43.26
C THR G 301 6.91 14.06 43.65
N TYR G 302 7.45 14.85 42.72
CA TYR G 302 8.66 15.62 42.97
C TYR G 302 8.57 17.10 42.61
N THR G 303 7.60 17.47 41.78
CA THR G 303 7.44 18.87 41.37
C THR G 303 6.48 19.70 42.23
N ARG G 304 6.04 19.14 43.36
CA ARG G 304 5.09 19.83 44.23
C ARG G 304 5.71 20.63 45.38
N GLN G 305 6.50 19.97 46.21
CA GLN G 305 7.11 20.63 47.36
C GLN G 305 8.32 21.48 47.03
N LYS G 306 8.18 22.78 47.27
CA LYS G 306 9.24 23.75 47.04
C LYS G 306 10.29 23.71 48.15
N ASN G 307 11.04 22.62 48.22
CA ASN G 307 12.08 22.42 49.23
C ASN G 307 12.79 21.09 48.97
N HIS G 308 12.15 20.23 48.17
CA HIS G 308 12.72 18.94 47.79
C HIS G 308 12.08 18.48 46.49
N GLY G 309 12.91 17.98 45.58
CA GLY G 309 12.41 17.51 44.30
C GLY G 309 13.10 18.19 43.14
N VAL G 310 12.36 18.35 42.05
CA VAL G 310 12.88 18.98 40.85
C VAL G 310 11.77 19.88 40.32
N SER G 311 12.07 21.16 40.12
CA SER G 311 11.06 22.09 39.64
C SER G 311 10.63 21.71 38.23
N PHE G 312 9.33 21.80 37.98
CA PHE G 312 8.82 21.46 36.68
C PHE G 312 9.50 22.20 35.52
N ARG G 313 9.97 23.41 35.76
CA ARG G 313 10.62 24.17 34.68
C ARG G 313 11.81 23.42 34.13
N VAL G 314 12.49 22.69 35.01
CA VAL G 314 13.64 21.89 34.60
C VAL G 314 13.11 20.73 33.79
N ILE G 315 12.10 20.06 34.33
CA ILE G 315 11.46 18.93 33.66
C ILE G 315 11.04 19.38 32.27
N ALA G 316 10.54 20.61 32.19
CA ALA G 316 10.08 21.18 30.92
C ALA G 316 11.24 21.37 29.96
N LYS G 317 12.39 21.80 30.46
CA LYS G 317 13.56 21.99 29.61
C LYS G 317 13.99 20.65 29.02
N TRP G 318 14.10 19.65 29.89
CA TRP G 318 14.48 18.32 29.49
C TRP G 318 13.53 17.79 28.43
N LEU G 319 12.23 17.90 28.68
CA LEU G 319 11.22 17.45 27.74
C LEU G 319 11.35 18.11 26.38
N ARG G 320 11.77 19.38 26.37
CA ARG G 320 11.93 20.09 25.10
C ARG G 320 13.13 19.48 24.37
N LEU G 321 14.20 19.25 25.10
CA LEU G 321 15.39 18.66 24.53
C LEU G 321 15.03 17.28 24.00
N ALA G 322 14.21 16.55 24.75
CA ALA G 322 13.77 15.21 24.37
C ALA G 322 13.03 15.22 23.05
N GLY G 323 12.21 16.24 22.82
CA GLY G 323 11.50 16.32 21.56
C GLY G 323 9.99 16.21 21.61
N VAL G 324 9.41 16.56 22.75
CA VAL G 324 7.97 16.51 22.91
C VAL G 324 7.33 17.69 22.16
N ASP G 325 6.11 17.50 21.66
CA ASP G 325 5.44 18.56 20.92
C ASP G 325 4.38 19.35 21.70
N HIS G 326 3.68 18.67 22.61
CA HIS G 326 2.67 19.31 23.46
C HIS G 326 3.14 18.96 24.85
N MET G 327 2.98 19.89 25.79
CA MET G 327 3.41 19.62 27.15
C MET G 327 2.47 20.31 28.12
N HIS G 328 1.95 19.55 29.08
CA HIS G 328 1.05 20.13 30.06
C HIS G 328 1.90 21.04 30.94
N THR G 329 1.59 22.33 30.91
CA THR G 329 2.33 23.33 31.66
C THR G 329 1.61 23.86 32.90
N GLY G 330 0.32 24.12 32.79
CA GLY G 330 -0.42 24.61 33.93
C GLY G 330 -1.52 25.58 33.60
N THR G 331 -2.52 25.62 34.49
CA THR G 331 -3.67 26.50 34.35
C THR G 331 -3.35 27.91 34.84
N ALA G 332 -2.51 28.01 35.86
CA ALA G 332 -2.08 29.29 36.43
C ALA G 332 -3.23 30.15 36.95
N VAL G 333 -3.48 30.07 38.26
CA VAL G 333 -4.53 30.81 38.95
C VAL G 333 -5.96 30.39 38.57
N GLY G 334 -6.20 30.14 37.28
CA GLY G 334 -7.52 29.73 36.84
C GLY G 334 -8.04 28.54 37.63
N LYS G 335 -7.11 27.71 38.10
CA LYS G 335 -7.46 26.54 38.90
C LYS G 335 -6.30 26.20 39.82
N LEU G 336 -6.57 25.31 40.77
CA LEU G 336 -5.58 24.87 41.74
C LEU G 336 -4.47 24.07 41.03
N GLU G 337 -3.33 24.74 40.83
CA GLU G 337 -2.18 24.14 40.15
C GLU G 337 -0.89 24.83 40.62
N GLY G 338 -0.75 26.11 40.27
CA GLY G 338 0.43 26.87 40.65
C GLY G 338 0.34 28.36 40.43
N ASP G 339 1.41 29.06 40.82
CA ASP G 339 1.53 30.52 40.72
C ASP G 339 1.65 31.00 39.26
N PRO G 340 0.84 32.00 38.86
CA PRO G 340 0.82 32.57 37.50
C PRO G 340 2.18 32.82 36.88
N LEU G 341 3.01 33.62 37.54
CA LEU G 341 4.35 33.92 37.03
C LEU G 341 5.19 32.66 36.85
N THR G 342 5.22 31.81 37.87
CA THR G 342 5.98 30.58 37.82
C THR G 342 5.50 29.74 36.65
N VAL G 343 4.20 29.75 36.42
CA VAL G 343 3.61 28.99 35.32
C VAL G 343 4.11 29.59 34.00
N GLN G 344 4.23 30.91 33.98
CA GLN G 344 4.71 31.61 32.79
C GLN G 344 6.17 31.23 32.57
N GLY G 345 6.87 30.92 33.65
CA GLY G 345 8.27 30.51 33.52
C GLY G 345 8.27 29.24 32.72
N TYR G 346 7.38 28.33 33.10
CA TYR G 346 7.24 27.04 32.43
C TYR G 346 6.88 27.28 30.98
N TYR G 347 5.87 28.11 30.74
CA TYR G 347 5.43 28.43 29.37
C TYR G 347 6.58 29.01 28.55
N ASN G 348 7.44 29.80 29.19
CA ASN G 348 8.58 30.40 28.52
C ASN G 348 9.56 29.33 28.07
N VAL G 349 9.85 28.39 28.97
CA VAL G 349 10.76 27.28 28.68
C VAL G 349 10.31 26.56 27.41
N CYS G 350 9.00 26.48 27.21
CA CYS G 350 8.43 25.82 26.04
C CYS G 350 8.40 26.64 24.76
N ARG G 351 8.09 27.93 24.87
CA ARG G 351 7.96 28.80 23.69
C ARG G 351 9.06 29.81 23.39
N ASP G 352 10.05 29.92 24.26
CA ASP G 352 11.14 30.87 24.03
C ASP G 352 12.18 30.42 23.01
N ALA G 353 12.66 31.36 22.22
CA ALA G 353 13.72 31.09 21.25
C ALA G 353 15.02 31.25 22.05
N TYR G 354 14.96 32.14 23.05
CA TYR G 354 16.06 32.44 23.95
C TYR G 354 15.42 32.87 25.25
N THR G 355 15.46 31.99 26.25
CA THR G 355 14.88 32.28 27.55
C THR G 355 15.77 33.21 28.37
N GLN G 356 15.24 34.38 28.73
CA GLN G 356 15.98 35.35 29.52
C GLN G 356 15.71 35.18 31.00
N THR G 357 16.76 35.35 31.80
CA THR G 357 16.69 35.22 33.25
C THR G 357 15.58 36.10 33.79
N ASP G 358 14.77 35.52 34.66
CA ASP G 358 13.64 36.24 35.27
C ASP G 358 13.36 35.62 36.63
N LEU G 359 13.96 36.18 37.67
CA LEU G 359 13.78 35.69 39.03
C LEU G 359 12.33 35.65 39.53
N THR G 360 11.48 36.52 38.99
CA THR G 360 10.09 36.52 39.41
C THR G 360 9.35 35.29 38.88
N ARG G 361 9.71 34.88 37.67
CA ARG G 361 9.08 33.71 37.06
C ARG G 361 9.93 32.46 37.34
N GLY G 362 10.80 32.57 38.32
CA GLY G 362 11.65 31.45 38.71
C GLY G 362 12.76 31.11 37.75
N LEU G 363 12.96 31.93 36.71
CA LEU G 363 14.01 31.67 35.74
C LEU G 363 15.35 32.22 36.23
N PHE G 364 16.23 31.32 36.67
CA PHE G 364 17.54 31.71 37.18
C PHE G 364 18.66 31.83 36.16
N PHE G 365 18.51 31.20 35.00
CA PHE G 365 19.55 31.25 33.98
C PHE G 365 19.03 31.66 32.62
N ASP G 366 19.92 32.19 31.79
CA ASP G 366 19.56 32.59 30.44
C ASP G 366 19.79 31.31 29.65
N GLN G 367 18.78 30.88 28.92
CA GLN G 367 18.89 29.66 28.13
C GLN G 367 18.70 29.91 26.65
N ASP G 368 19.76 29.69 25.87
CA ASP G 368 19.69 29.84 24.43
C ASP G 368 19.25 28.48 23.90
N TRP G 369 18.13 28.45 23.21
CA TRP G 369 17.62 27.19 22.69
C TRP G 369 18.15 26.79 21.32
N ALA G 370 19.23 27.44 20.89
CA ALA G 370 19.90 27.17 19.61
C ALA G 370 19.01 26.73 18.44
N SER G 371 17.89 27.43 18.26
CA SER G 371 16.96 27.13 17.17
C SER G 371 16.11 25.85 17.29
N LEU G 372 16.03 25.27 18.49
CA LEU G 372 15.21 24.08 18.70
C LEU G 372 13.76 24.51 18.60
N ARG G 373 12.96 23.70 17.91
CA ARG G 373 11.55 24.02 17.73
C ARG G 373 10.84 24.20 19.07
N LYS G 374 9.86 25.10 19.07
CA LYS G 374 9.09 25.41 20.28
C LYS G 374 8.02 24.39 20.60
N VAL G 375 7.82 24.16 21.89
CA VAL G 375 6.83 23.22 22.39
C VAL G 375 5.50 23.91 22.70
N MET G 376 4.39 23.24 22.39
CA MET G 376 3.05 23.76 22.63
C MET G 376 2.60 23.46 24.06
N PRO G 377 2.41 24.50 24.87
CA PRO G 377 1.97 24.26 26.25
C PRO G 377 0.52 23.81 26.21
N VAL G 378 0.11 23.09 27.24
CA VAL G 378 -1.26 22.61 27.35
C VAL G 378 -1.80 22.99 28.72
N ALA G 379 -2.80 23.85 28.74
CA ALA G 379 -3.42 24.32 29.97
C ALA G 379 -4.54 23.36 30.31
N SER G 380 -4.38 22.67 31.43
CA SER G 380 -5.36 21.68 31.86
C SER G 380 -5.71 21.92 33.33
N GLY G 381 -6.93 21.56 33.69
CA GLY G 381 -7.39 21.72 35.06
C GLY G 381 -8.84 22.14 35.06
N GLY G 382 -9.34 22.58 36.21
CA GLY G 382 -10.72 23.01 36.32
C GLY G 382 -10.96 24.35 35.65
N ILE G 383 -11.04 24.34 34.33
CA ILE G 383 -11.28 25.56 33.57
C ILE G 383 -12.56 25.48 32.74
N HIS G 384 -13.03 26.66 32.31
CA HIS G 384 -14.25 26.77 31.53
C HIS G 384 -14.28 28.12 30.81
N ALA G 385 -15.20 28.24 29.86
CA ALA G 385 -15.34 29.46 29.06
C ALA G 385 -15.24 30.76 29.86
N GLY G 386 -15.79 30.75 31.06
CA GLY G 386 -15.76 31.93 31.91
C GLY G 386 -14.39 32.56 32.12
N GLN G 387 -13.36 31.74 32.21
CA GLN G 387 -12.00 32.22 32.42
C GLN G 387 -11.28 32.62 31.16
N MET G 388 -11.90 32.39 30.00
CA MET G 388 -11.30 32.69 28.70
C MET G 388 -10.40 33.92 28.69
N HIS G 389 -10.99 35.07 28.98
CA HIS G 389 -10.27 36.35 29.01
C HIS G 389 -8.99 36.32 29.85
N GLN G 390 -9.02 35.61 30.97
CA GLN G 390 -7.86 35.50 31.85
C GLN G 390 -6.78 34.71 31.13
N LEU G 391 -7.16 33.54 30.64
CA LEU G 391 -6.26 32.65 29.94
C LEU G 391 -5.60 33.35 28.76
N ILE G 392 -6.41 33.87 27.84
CA ILE G 392 -5.90 34.58 26.67
C ILE G 392 -4.86 35.62 27.07
N HIS G 393 -5.12 36.31 28.18
CA HIS G 393 -4.22 37.34 28.67
C HIS G 393 -2.92 36.77 29.25
N LEU G 394 -3.05 35.68 30.00
CA LEU G 394 -1.90 35.05 30.64
C LEU G 394 -1.01 34.23 29.71
N PHE G 395 -1.62 33.58 28.72
CA PHE G 395 -0.89 32.71 27.81
C PHE G 395 -0.80 33.17 26.38
N GLY G 396 -1.87 33.75 25.86
CA GLY G 396 -1.83 34.21 24.49
C GLY G 396 -2.35 33.16 23.53
N ASP G 397 -1.86 33.19 22.30
CA ASP G 397 -2.27 32.27 21.25
C ASP G 397 -1.67 30.86 21.27
N ASP G 398 -0.40 30.75 21.61
CA ASP G 398 0.23 29.44 21.59
C ASP G 398 0.05 28.64 22.85
N VAL G 399 -1.12 28.00 22.95
CA VAL G 399 -1.46 27.17 24.09
C VAL G 399 -2.68 26.33 23.74
N VAL G 400 -2.74 25.11 24.25
CA VAL G 400 -3.90 24.27 23.98
C VAL G 400 -4.77 24.32 25.22
N LEU G 401 -5.95 24.89 25.08
CA LEU G 401 -6.88 25.00 26.19
C LEU G 401 -7.66 23.69 26.33
N GLN G 402 -7.24 22.89 27.30
CA GLN G 402 -7.85 21.59 27.57
C GLN G 402 -9.01 21.69 28.57
N PHE G 403 -10.23 21.74 28.06
CA PHE G 403 -11.42 21.82 28.91
C PHE G 403 -11.96 20.42 29.17
N GLY G 404 -12.14 20.07 30.43
CA GLY G 404 -12.66 18.76 30.76
C GLY G 404 -14.15 18.76 31.04
N GLY G 405 -14.50 18.70 32.32
CA GLY G 405 -15.89 18.69 32.74
C GLY G 405 -16.72 19.80 32.13
N GLY G 406 -16.12 20.98 31.98
CA GLY G 406 -16.83 22.11 31.41
C GLY G 406 -17.43 21.86 30.04
N THR G 407 -16.76 21.02 29.25
CA THR G 407 -17.24 20.70 27.90
C THR G 407 -18.16 19.50 27.89
N ILE G 408 -17.66 18.38 28.40
CA ILE G 408 -18.41 17.12 28.44
C ILE G 408 -19.69 17.23 29.27
N GLY G 409 -19.60 17.86 30.43
CA GLY G 409 -20.75 18.01 31.29
C GLY G 409 -21.71 19.13 30.92
N HIS G 410 -21.59 19.66 29.70
CA HIS G 410 -22.47 20.73 29.26
C HIS G 410 -23.90 20.21 29.17
N PRO G 411 -24.87 20.98 29.72
CA PRO G 411 -26.29 20.67 29.75
C PRO G 411 -26.88 20.15 28.42
N GLN G 412 -26.46 20.75 27.32
CA GLN G 412 -26.94 20.36 26.00
C GLN G 412 -25.98 19.42 25.26
N GLY G 413 -25.25 18.60 26.01
CA GLY G 413 -24.33 17.67 25.38
C GLY G 413 -22.94 18.21 25.12
N ILE G 414 -22.03 17.32 24.71
CA ILE G 414 -20.65 17.67 24.44
C ILE G 414 -20.47 18.65 23.28
N GLN G 415 -21.16 18.39 22.17
CA GLN G 415 -21.05 19.26 21.01
C GLN G 415 -21.35 20.70 21.39
N ALA G 416 -22.35 20.88 22.24
CA ALA G 416 -22.73 22.21 22.70
C ALA G 416 -21.59 22.81 23.52
N GLY G 417 -21.05 22.03 24.46
CA GLY G 417 -19.96 22.51 25.28
C GLY G 417 -18.81 22.98 24.42
N ALA G 418 -18.54 22.21 23.36
CA ALA G 418 -17.48 22.51 22.42
C ALA G 418 -17.72 23.88 21.78
N THR G 419 -18.90 24.04 21.20
CA THR G 419 -19.27 25.27 20.54
C THR G 419 -19.17 26.45 21.50
N ALA G 420 -19.53 26.22 22.76
CA ALA G 420 -19.45 27.26 23.77
C ALA G 420 -18.02 27.74 23.87
N ASN G 421 -17.13 26.82 24.27
CA ASN G 421 -15.72 27.16 24.43
C ASN G 421 -15.13 27.75 23.16
N ARG G 422 -15.48 27.17 22.01
CA ARG G 422 -14.98 27.66 20.74
C ARG G 422 -15.36 29.12 20.56
N VAL G 423 -16.66 29.41 20.62
CA VAL G 423 -17.13 30.79 20.45
C VAL G 423 -16.47 31.70 21.48
N ALA G 424 -16.47 31.28 22.73
CA ALA G 424 -15.85 32.05 23.81
C ALA G 424 -14.43 32.43 23.42
N LEU G 425 -13.73 31.50 22.78
CA LEU G 425 -12.37 31.71 22.34
C LEU G 425 -12.33 32.68 21.15
N GLU G 426 -13.06 32.33 20.09
CA GLU G 426 -13.12 33.15 18.86
C GLU G 426 -13.36 34.62 19.18
N ALA G 427 -14.44 34.88 19.91
CA ALA G 427 -14.82 36.23 20.30
C ALA G 427 -13.73 36.92 21.10
N MET G 428 -13.26 36.26 22.15
CA MET G 428 -12.22 36.81 23.01
C MET G 428 -10.99 37.23 22.21
N VAL G 429 -10.67 36.48 21.17
CA VAL G 429 -9.52 36.79 20.34
C VAL G 429 -9.82 38.05 19.52
N LEU G 430 -10.95 38.04 18.81
CA LEU G 430 -11.37 39.16 18.00
C LEU G 430 -11.30 40.43 18.86
N ALA G 431 -11.99 40.39 19.99
CA ALA G 431 -12.02 41.51 20.92
C ALA G 431 -10.60 41.94 21.30
N ARG G 432 -9.79 40.97 21.73
CA ARG G 432 -8.43 41.24 22.14
C ARG G 432 -7.65 41.91 21.01
N ASN G 433 -7.90 41.47 19.79
CA ASN G 433 -7.21 42.02 18.63
C ASN G 433 -7.63 43.48 18.42
N GLU G 434 -8.89 43.78 18.69
CA GLU G 434 -9.40 45.14 18.54
C GLU G 434 -8.76 46.06 19.57
N GLY G 435 -8.15 45.47 20.59
CA GLY G 435 -7.49 46.23 21.64
C GLY G 435 -8.18 46.23 22.99
N ARG G 436 -9.45 45.82 23.00
CA ARG G 436 -10.26 45.79 24.22
C ARG G 436 -9.56 45.08 25.38
N ASP G 437 -9.69 45.67 26.57
CA ASP G 437 -9.07 45.11 27.76
C ASP G 437 -9.66 43.75 28.10
N ILE G 438 -9.00 42.72 27.58
CA ILE G 438 -9.38 41.32 27.78
C ILE G 438 -9.84 41.06 29.21
N LEU G 439 -9.02 41.47 30.17
CA LEU G 439 -9.30 41.29 31.59
C LEU G 439 -10.62 41.88 32.04
N ASN G 440 -10.65 43.21 32.18
CA ASN G 440 -11.82 43.95 32.64
C ASN G 440 -13.07 43.75 31.80
N GLU G 441 -12.93 43.90 30.49
CA GLU G 441 -14.08 43.75 29.60
C GLU G 441 -14.46 42.30 29.33
N GLY G 442 -13.57 41.37 29.71
CA GLY G 442 -13.83 39.96 29.49
C GLY G 442 -15.26 39.52 29.72
N PRO G 443 -15.77 39.62 30.96
CA PRO G 443 -17.14 39.23 31.29
C PRO G 443 -18.18 39.77 30.31
N GLU G 444 -18.04 41.05 29.96
CA GLU G 444 -18.97 41.69 29.03
C GLU G 444 -18.88 41.04 27.66
N ILE G 445 -17.66 40.92 27.14
CA ILE G 445 -17.41 40.33 25.83
C ILE G 445 -18.05 38.94 25.75
N LEU G 446 -17.89 38.17 26.82
CA LEU G 446 -18.45 36.83 26.91
C LEU G 446 -19.97 36.91 26.93
N ARG G 447 -20.52 37.90 27.65
CA ARG G 447 -21.96 38.08 27.72
C ARG G 447 -22.51 38.42 26.33
N ASP G 448 -21.78 39.29 25.62
CA ASP G 448 -22.17 39.72 24.28
C ASP G 448 -22.24 38.51 23.34
N ALA G 449 -21.26 37.61 23.47
CA ALA G 449 -21.21 36.42 22.65
C ALA G 449 -22.31 35.45 23.06
N ALA G 450 -22.44 35.23 24.37
CA ALA G 450 -23.45 34.33 24.93
C ALA G 450 -24.85 34.74 24.49
N ARG G 451 -25.04 36.04 24.30
CA ARG G 451 -26.31 36.61 23.89
C ARG G 451 -26.88 35.93 22.64
N TRP G 452 -26.03 35.72 21.64
CA TRP G 452 -26.46 35.08 20.39
C TRP G 452 -26.06 33.60 20.35
N CYS G 453 -25.19 33.20 21.27
CA CYS G 453 -24.72 31.83 21.34
C CYS G 453 -25.37 31.07 22.49
N GLY G 454 -26.53 30.47 22.21
CA GLY G 454 -27.26 29.70 23.21
C GLY G 454 -26.39 28.84 24.10
N PRO G 455 -25.60 27.92 23.53
CA PRO G 455 -24.71 27.04 24.29
C PRO G 455 -23.76 27.78 25.23
N LEU G 456 -23.23 28.91 24.78
CA LEU G 456 -22.33 29.69 25.62
C LEU G 456 -23.11 30.22 26.80
N ARG G 457 -24.30 30.73 26.52
CA ARG G 457 -25.19 31.26 27.55
C ARG G 457 -25.32 30.22 28.66
N ALA G 458 -25.73 29.02 28.27
CA ALA G 458 -25.91 27.91 29.20
C ALA G 458 -24.60 27.53 29.91
N ALA G 459 -23.49 27.69 29.20
CA ALA G 459 -22.19 27.36 29.76
C ALA G 459 -21.86 28.32 30.90
N LEU G 460 -22.14 29.60 30.69
CA LEU G 460 -21.88 30.63 31.68
C LEU G 460 -22.82 30.52 32.87
N ASP G 461 -24.08 30.19 32.59
CA ASP G 461 -25.08 30.06 33.65
C ASP G 461 -24.67 28.96 34.62
N THR G 462 -24.08 27.89 34.08
CA THR G 462 -23.63 26.77 34.90
C THR G 462 -22.29 27.00 35.55
N TRP G 463 -21.28 27.31 34.75
CA TRP G 463 -19.93 27.56 35.27
C TRP G 463 -19.56 29.03 35.06
N GLY G 464 -20.15 29.89 35.87
CA GLY G 464 -19.88 31.31 35.77
C GLY G 464 -18.56 31.78 36.38
N ASP G 465 -18.61 32.89 37.09
CA ASP G 465 -17.43 33.47 37.72
C ASP G 465 -16.92 32.64 38.89
N ILE G 466 -15.61 32.71 39.11
CA ILE G 466 -14.93 31.99 40.18
C ILE G 466 -13.50 32.56 40.29
N MET H 1 -23.42 22.51 8.71
CA MET H 1 -22.86 22.79 7.36
C MET H 1 -22.32 24.21 7.28
N ARG H 2 -21.02 24.34 7.48
CA ARG H 2 -20.33 25.62 7.45
C ARG H 2 -18.85 25.30 7.64
N ILE H 3 -18.03 25.73 6.69
CA ILE H 3 -16.59 25.50 6.76
C ILE H 3 -16.01 26.34 7.90
N THR H 4 -15.50 25.68 8.94
CA THR H 4 -14.90 26.37 10.08
C THR H 4 -13.39 26.43 9.89
N GLN H 5 -12.98 26.65 8.64
CA GLN H 5 -11.58 26.69 8.29
C GLN H 5 -10.97 28.10 8.45
N GLY H 6 -11.08 28.67 9.65
CA GLY H 6 -10.51 29.99 9.87
C GLY H 6 -10.81 30.59 11.23
N THR H 7 -9.96 31.52 11.68
CA THR H 7 -10.17 32.19 12.95
C THR H 7 -11.46 32.98 12.80
N PHE H 8 -12.21 33.13 13.88
CA PHE H 8 -13.47 33.88 13.88
C PHE H 8 -14.62 33.25 13.06
N SER H 9 -14.38 32.11 12.41
CA SER H 9 -15.43 31.48 11.62
C SER H 9 -16.58 30.88 12.45
N PHE H 10 -16.46 30.95 13.78
CA PHE H 10 -17.49 30.44 14.67
C PHE H 10 -18.36 31.60 15.12
N LEU H 11 -18.04 32.78 14.62
CA LEU H 11 -18.78 34.01 14.93
C LEU H 11 -19.49 34.43 13.64
N PRO H 12 -20.43 35.38 13.74
CA PRO H 12 -21.13 35.83 12.54
C PRO H 12 -20.13 36.50 11.60
N GLU H 13 -20.48 36.57 10.32
CA GLU H 13 -19.60 37.17 9.33
C GLU H 13 -19.12 38.56 9.75
N LEU H 14 -17.81 38.78 9.65
CA LEU H 14 -17.24 40.05 10.01
C LEU H 14 -17.74 41.16 9.11
N THR H 15 -17.85 42.35 9.67
CA THR H 15 -18.30 43.52 8.94
C THR H 15 -17.03 44.24 8.50
N ASP H 16 -17.12 45.03 7.44
CA ASP H 16 -15.94 45.76 6.94
C ASP H 16 -15.27 46.54 8.06
N GLU H 17 -16.07 46.93 9.05
CA GLU H 17 -15.57 47.68 10.21
C GLU H 17 -14.70 46.77 11.05
N GLN H 18 -15.17 45.54 11.27
CA GLN H 18 -14.42 44.57 12.06
C GLN H 18 -13.17 44.15 11.31
N ILE H 19 -13.33 43.90 10.01
CA ILE H 19 -12.22 43.48 9.17
C ILE H 19 -11.10 44.51 9.21
N THR H 20 -11.46 45.78 9.06
CA THR H 20 -10.47 46.84 9.10
C THR H 20 -9.70 46.83 10.41
N LYS H 21 -10.40 46.56 11.51
CA LYS H 21 -9.78 46.50 12.82
C LYS H 21 -8.71 45.42 12.83
N GLN H 22 -9.06 44.25 12.31
CA GLN H 22 -8.13 43.14 12.24
C GLN H 22 -6.95 43.50 11.34
N LEU H 23 -7.25 44.03 10.16
CA LEU H 23 -6.22 44.42 9.21
C LEU H 23 -5.23 45.35 9.92
N GLU H 24 -5.76 46.27 10.71
CA GLU H 24 -4.93 47.20 11.45
C GLU H 24 -4.03 46.42 12.38
N TYR H 25 -4.61 45.48 13.12
CA TYR H 25 -3.86 44.64 14.06
C TYR H 25 -2.64 44.07 13.36
N CYS H 26 -2.86 43.46 12.20
CA CYS H 26 -1.77 42.87 11.43
C CYS H 26 -0.73 43.93 11.06
N LEU H 27 -1.20 44.98 10.41
CA LEU H 27 -0.32 46.07 9.98
C LEU H 27 0.45 46.67 11.14
N ASN H 28 -0.19 46.73 12.31
CA ASN H 28 0.43 47.28 13.51
C ASN H 28 1.58 46.39 13.95
N GLN H 29 1.41 45.09 13.71
CA GLN H 29 2.43 44.11 14.05
C GLN H 29 3.47 44.04 12.93
N GLY H 30 3.20 44.72 11.82
CA GLY H 30 4.11 44.74 10.69
C GLY H 30 4.04 43.47 9.87
N TRP H 31 2.84 42.93 9.71
CA TRP H 31 2.64 41.70 8.96
C TRP H 31 2.17 41.96 7.54
N ALA H 32 2.71 41.19 6.60
CA ALA H 32 2.31 41.32 5.20
C ALA H 32 0.94 40.68 5.12
N VAL H 33 -0.01 41.35 4.48
CA VAL H 33 -1.37 40.82 4.36
C VAL H 33 -1.65 40.39 2.93
N GLY H 34 -2.24 39.20 2.79
CA GLY H 34 -2.56 38.69 1.47
C GLY H 34 -3.99 38.20 1.38
N LEU H 35 -4.53 38.19 0.17
CA LEU H 35 -5.89 37.76 -0.07
C LEU H 35 -5.83 36.52 -0.94
N GLU H 36 -6.66 35.54 -0.61
CA GLU H 36 -6.68 34.29 -1.36
C GLU H 36 -8.12 33.84 -1.58
N TYR H 37 -8.31 32.97 -2.58
CA TYR H 37 -9.65 32.47 -2.90
C TYR H 37 -9.60 31.11 -3.59
N THR H 38 -10.65 30.30 -3.38
CA THR H 38 -10.77 28.97 -3.99
C THR H 38 -12.22 28.50 -3.89
N ASP H 39 -12.56 27.53 -4.73
CA ASP H 39 -13.91 26.94 -4.75
C ASP H 39 -13.86 25.58 -4.07
N ASP H 40 -12.64 25.10 -3.84
CA ASP H 40 -12.37 23.81 -3.21
C ASP H 40 -11.83 24.01 -1.79
N PRO H 41 -12.73 24.13 -0.80
CA PRO H 41 -12.30 24.33 0.58
C PRO H 41 -11.93 23.02 1.29
N HIS H 42 -11.14 22.17 0.63
CA HIS H 42 -10.76 20.91 1.23
C HIS H 42 -9.91 21.16 2.47
N PRO H 43 -10.21 20.45 3.59
CA PRO H 43 -9.43 20.63 4.81
C PRO H 43 -7.98 20.41 4.39
N ARG H 44 -7.17 21.44 4.51
CA ARG H 44 -5.78 21.38 4.13
C ARG H 44 -5.54 21.41 2.62
N ASN H 45 -6.20 22.38 1.95
CA ASN H 45 -5.98 22.60 0.53
C ASN H 45 -5.13 23.86 0.56
N THR H 46 -3.92 23.73 1.07
CA THR H 46 -3.02 24.86 1.14
C THR H 46 -2.83 25.32 -0.30
N TYR H 47 -2.41 26.56 -0.47
CA TYR H 47 -2.18 27.13 -1.79
C TYR H 47 -3.47 27.46 -2.49
N TRP H 48 -4.21 28.37 -1.89
CA TRP H 48 -5.45 28.87 -2.46
C TRP H 48 -4.92 29.81 -3.55
N GLU H 49 -5.82 30.33 -4.38
CA GLU H 49 -5.37 31.22 -5.43
C GLU H 49 -5.16 32.64 -4.88
N MET H 50 -4.00 33.21 -5.19
CA MET H 50 -3.65 34.55 -4.74
C MET H 50 -4.41 35.62 -5.52
N PHE H 51 -5.04 36.53 -4.79
CA PHE H 51 -5.74 37.64 -5.42
C PHE H 51 -4.81 38.82 -5.26
N GLY H 52 -3.85 38.93 -6.16
CA GLY H 52 -2.89 40.03 -6.10
C GLY H 52 -1.82 39.73 -5.08
N LEU H 53 -0.68 40.40 -5.22
CA LEU H 53 0.45 40.21 -4.31
C LEU H 53 0.13 40.76 -2.92
N PRO H 54 0.80 40.24 -1.88
CA PRO H 54 0.59 40.70 -0.50
C PRO H 54 0.87 42.18 -0.33
N MET H 55 -0.05 42.88 0.32
CA MET H 55 0.09 44.31 0.57
C MET H 55 1.14 44.43 1.68
N PHE H 56 2.41 44.40 1.31
CA PHE H 56 3.49 44.49 2.27
C PHE H 56 3.50 45.79 3.10
N ASP H 57 4.14 46.83 2.56
CA ASP H 57 4.21 48.11 3.26
C ASP H 57 3.09 49.07 2.84
N LEU H 58 1.85 48.62 2.98
CA LEU H 58 0.71 49.46 2.64
C LEU H 58 0.18 49.99 3.96
N ARG H 59 0.64 51.17 4.34
CA ARG H 59 0.24 51.81 5.59
C ARG H 59 -1.20 52.31 5.59
N ASP H 60 -2.14 51.45 5.21
CA ASP H 60 -3.54 51.82 5.15
C ASP H 60 -4.43 50.59 5.05
N ALA H 61 -4.99 50.17 6.19
CA ALA H 61 -5.87 49.03 6.26
C ALA H 61 -7.01 49.18 5.25
N ALA H 62 -7.44 50.42 5.04
CA ALA H 62 -8.52 50.71 4.12
C ALA H 62 -8.19 50.26 2.69
N GLY H 63 -6.93 50.44 2.30
CA GLY H 63 -6.50 50.03 0.97
C GLY H 63 -6.71 48.55 0.75
N ILE H 64 -6.33 47.75 1.76
CA ILE H 64 -6.49 46.31 1.69
C ILE H 64 -7.97 45.96 1.65
N LEU H 65 -8.75 46.56 2.54
CA LEU H 65 -10.18 46.33 2.63
C LEU H 65 -10.83 46.54 1.25
N MET H 66 -10.28 47.49 0.50
CA MET H 66 -10.78 47.80 -0.84
C MET H 66 -10.64 46.57 -1.72
N GLU H 67 -9.42 46.04 -1.79
CA GLU H 67 -9.12 44.87 -2.60
C GLU H 67 -10.01 43.70 -2.20
N ILE H 68 -10.32 43.60 -0.92
CA ILE H 68 -11.18 42.54 -0.40
C ILE H 68 -12.53 42.59 -1.12
N ASN H 69 -13.22 43.72 -0.98
CA ASN H 69 -14.52 43.91 -1.61
C ASN H 69 -14.42 43.72 -3.11
N ASN H 70 -13.32 44.20 -3.69
CA ASN H 70 -13.09 44.06 -5.12
C ASN H 70 -13.11 42.57 -5.44
N ALA H 71 -12.41 41.78 -4.63
CA ALA H 71 -12.33 40.34 -4.83
C ALA H 71 -13.71 39.69 -4.73
N ARG H 72 -14.47 40.06 -3.70
CA ARG H 72 -15.82 39.52 -3.49
C ARG H 72 -16.67 39.71 -4.73
N ASN H 73 -16.47 40.84 -5.41
CA ASN H 73 -17.21 41.15 -6.62
C ASN H 73 -16.79 40.26 -7.78
N THR H 74 -15.48 40.11 -7.96
CA THR H 74 -14.94 39.29 -9.04
C THR H 74 -15.26 37.81 -8.81
N PHE H 75 -15.15 37.39 -7.55
CA PHE H 75 -15.39 36.01 -7.18
C PHE H 75 -16.41 35.91 -6.05
N PRO H 76 -17.71 36.04 -6.38
CA PRO H 76 -18.77 35.95 -5.38
C PRO H 76 -18.94 34.51 -4.88
N ASN H 77 -19.05 33.58 -5.81
CA ASN H 77 -19.21 32.17 -5.50
C ASN H 77 -17.87 31.51 -5.23
N HIS H 78 -17.12 32.07 -4.29
CA HIS H 78 -15.81 31.55 -3.94
C HIS H 78 -15.57 31.84 -2.47
N TYR H 79 -14.61 31.16 -1.88
CA TYR H 79 -14.26 31.40 -0.50
C TYR H 79 -13.07 32.36 -0.61
N ILE H 80 -13.06 33.41 0.21
CA ILE H 80 -11.97 34.38 0.18
C ILE H 80 -11.45 34.55 1.61
N ARG H 81 -10.14 34.75 1.77
CA ARG H 81 -9.57 34.91 3.10
C ARG H 81 -8.38 35.86 3.14
N VAL H 82 -8.15 36.42 4.31
CA VAL H 82 -7.03 37.33 4.54
C VAL H 82 -6.02 36.51 5.33
N THR H 83 -4.76 36.57 4.92
CA THR H 83 -3.70 35.86 5.60
C THR H 83 -2.63 36.87 5.99
N ALA H 84 -2.07 36.72 7.18
CA ALA H 84 -1.03 37.63 7.67
C ALA H 84 0.29 36.87 7.83
N PHE H 85 1.34 37.36 7.21
CA PHE H 85 2.66 36.74 7.27
C PHE H 85 3.62 37.54 8.13
N ASP H 86 4.39 36.86 8.98
CA ASP H 86 5.36 37.52 9.84
C ASP H 86 6.73 37.46 9.15
N SER H 87 7.19 38.59 8.64
CA SER H 87 8.49 38.70 7.96
C SER H 87 9.66 38.65 8.93
N THR H 88 9.89 37.48 9.52
CA THR H 88 10.98 37.25 10.47
C THR H 88 11.38 35.78 10.43
N HIS H 89 10.40 34.93 10.13
CA HIS H 89 10.58 33.49 10.03
C HIS H 89 9.66 33.00 8.90
N THR H 90 8.85 33.92 8.40
CA THR H 90 7.87 33.66 7.34
C THR H 90 6.91 32.55 7.73
N VAL H 91 5.91 32.94 8.50
CA VAL H 91 4.88 32.01 8.96
C VAL H 91 3.58 32.79 8.99
N GLU H 92 2.47 32.08 9.01
CA GLU H 92 1.15 32.71 9.05
C GLU H 92 0.83 32.95 10.51
N SER H 93 0.23 34.10 10.78
CA SER H 93 -0.12 34.48 12.14
C SER H 93 -1.63 34.58 12.33
N VAL H 94 -2.35 34.97 11.30
CA VAL H 94 -3.81 35.08 11.39
C VAL H 94 -4.39 34.75 10.01
N VAL H 95 -5.58 34.17 10.00
CA VAL H 95 -6.29 33.81 8.77
C VAL H 95 -7.78 33.71 9.11
N MET H 96 -8.60 34.55 8.49
CA MET H 96 -10.04 34.53 8.74
C MET H 96 -10.75 34.61 7.40
N SER H 97 -11.91 33.98 7.31
CA SER H 97 -12.67 33.96 6.07
C SER H 97 -13.63 35.14 5.97
N PHE H 98 -13.88 35.61 4.75
CA PHE H 98 -14.79 36.72 4.51
C PHE H 98 -15.99 36.26 3.72
N ILE H 99 -15.83 36.15 2.41
CA ILE H 99 -16.92 35.69 1.57
C ILE H 99 -16.86 34.17 1.49
N VAL H 100 -18.02 33.55 1.63
CA VAL H 100 -18.16 32.11 1.60
C VAL H 100 -19.09 31.79 0.43
N ASN H 101 -18.81 30.69 -0.26
CA ASN H 101 -19.61 30.25 -1.39
C ASN H 101 -21.10 30.23 -1.01
N ARG H 102 -21.97 30.33 -2.01
CA ARG H 102 -23.43 30.31 -1.79
C ARG H 102 -23.74 29.18 -0.81
N PRO H 103 -24.34 29.52 0.35
CA PRO H 103 -24.70 28.58 1.40
C PRO H 103 -23.95 27.27 1.37
N ALA H 104 -22.61 27.39 1.31
CA ALA H 104 -21.66 26.29 1.27
C ALA H 104 -22.26 24.99 0.77
N ASP H 105 -22.62 24.95 -0.51
CA ASP H 105 -23.22 23.79 -1.17
C ASP H 105 -23.39 22.56 -0.28
N GLU H 106 -22.28 21.95 0.13
CA GLU H 106 -22.32 20.80 1.03
C GLU H 106 -21.01 20.67 1.80
N PRO H 107 -20.91 21.34 2.97
CA PRO H 107 -19.74 21.34 3.85
C PRO H 107 -19.56 19.93 4.39
N GLY H 108 -20.59 19.11 4.24
CA GLY H 108 -20.51 17.73 4.64
C GLY H 108 -19.90 17.08 3.41
N PHE H 109 -18.62 17.38 3.20
CA PHE H 109 -17.88 16.84 2.06
C PHE H 109 -18.18 15.35 1.99
N ARG H 110 -18.10 14.77 0.80
CA ARG H 110 -18.33 13.33 0.70
C ARG H 110 -17.09 12.63 1.27
N LEU H 111 -17.33 11.82 2.29
CA LEU H 111 -16.26 11.07 2.93
C LEU H 111 -16.15 9.73 2.22
N VAL H 112 -15.04 9.51 1.53
CA VAL H 112 -14.83 8.26 0.83
C VAL H 112 -14.17 7.26 1.76
N ARG H 113 -14.66 6.02 1.73
CA ARG H 113 -14.14 4.98 2.58
C ARG H 113 -13.65 3.79 1.79
N GLN H 114 -12.35 3.78 1.49
CA GLN H 114 -11.76 2.66 0.77
C GLN H 114 -11.49 1.57 1.79
N GLU H 115 -11.99 0.37 1.53
CA GLU H 115 -11.81 -0.73 2.47
C GLU H 115 -10.49 -1.44 2.31
N GLU H 116 -9.61 -1.14 3.26
CA GLU H 116 -8.26 -1.68 3.31
C GLU H 116 -8.31 -3.02 4.01
N PRO H 117 -7.19 -3.74 4.04
CA PRO H 117 -7.18 -5.04 4.72
C PRO H 117 -7.49 -4.85 6.20
N GLY H 118 -8.21 -5.81 6.77
CA GLY H 118 -8.59 -5.75 8.17
C GLY H 118 -9.87 -4.96 8.26
N ARG H 119 -10.02 -4.17 9.31
CA ARG H 119 -11.21 -3.35 9.49
C ARG H 119 -10.79 -1.89 9.30
N THR H 120 -9.60 -1.72 8.73
CA THR H 120 -9.03 -0.40 8.47
C THR H 120 -9.66 0.21 7.24
N LEU H 121 -9.85 1.53 7.27
CA LEU H 121 -10.43 2.25 6.16
C LEU H 121 -9.46 3.33 5.73
N ARG H 122 -9.42 3.59 4.43
CA ARG H 122 -8.57 4.61 3.84
C ARG H 122 -9.54 5.70 3.38
N TYR H 123 -9.62 6.78 4.12
CA TYR H 123 -10.55 7.86 3.81
C TYR H 123 -10.07 8.87 2.78
N SER H 124 -11.02 9.55 2.17
CA SER H 124 -10.76 10.59 1.18
C SER H 124 -11.89 11.61 1.32
N ILE H 125 -11.58 12.76 1.89
CA ILE H 125 -12.57 13.82 2.06
C ILE H 125 -12.54 14.61 0.76
N GLU H 126 -13.71 14.82 0.16
CA GLU H 126 -13.77 15.55 -1.10
C GLU H 126 -14.99 16.44 -1.17
N SER H 127 -14.78 17.71 -1.56
CA SER H 127 -15.88 18.66 -1.70
C SER H 127 -16.76 18.16 -2.83
N TYR H 128 -18.01 18.57 -2.86
CA TYR H 128 -18.90 18.13 -3.93
C TYR H 128 -18.69 18.92 -5.23
N ALA H 129 -17.62 19.72 -5.27
CA ALA H 129 -17.28 20.53 -6.43
C ALA H 129 -15.77 20.74 -6.47
#